data_3MKK
#
_entry.id   3MKK
#
_cell.length_a   68.449
_cell.length_b   125.507
_cell.length_c   87.867
_cell.angle_alpha   90.00
_cell.angle_beta   107.85
_cell.angle_gamma   90.00
#
_symmetry.space_group_name_H-M   'P 1 21 1'
#
loop_
_entity.id
_entity.type
_entity.pdbx_description
1 polymer 'alpha-glucosidase GH31 family'
2 branched alpha-D-glucopyranose-(1-6)-beta-D-glucopyranose
3 non-polymer alpha-D-glucopyranose
4 non-polymer beta-D-glucopyranose
5 water water
#
_entity_poly.entity_id   1
_entity_poly.type   'polypeptide(L)'
_entity_poly.pdbx_seq_one_letter_code
;SNAMIRKYRYGAPFDTEALTEKIETAEEAFPYGEISQKEGFAFTYIMDEDDIVYGLGESNRGINKRGYCYISNCTDDPIH
TEDKRSLYGAHNFIIVSGKTTFGLFFDYPSKLTFDIGYTRMDTLKVSCENADLDIYVIEGENAYDIVKQFRRVIGRSYIP
PKFAFGFGQSRWGYTTKEDFRAVAKGYRENHIPIDMIYMDIDYMQDFKDFTVNEKNFPDFPEFVKEMKDQELRLIPIIDA
GVKVEKGYEVYEEGVKNNYFCKREDGSDFVAAVWPGDTHFPDMLNPEARKWFGDKYRFLIDQGIEGFWNAMNEPAIFYSS
EGLAEAKEFAGEFAKDTEGKIHPWAMQAKMKDIVNSPEDYKRFYHNVNGKKIRHDKVHNLFGYNMTRAAGEAFERIDPEK
RFLMFSRSSYIGMHRYGGIWMGDNKSWWSHILLNLKMLPSLNMCGFMYTGADLGGFGDDTTRDLLLRFLALGVFTPLMRD
HAAEGTREQECYQFENIEDFRSVINARYRLVPYLYSEYMKAALNDDMYFKPLGFVYPDDKMAIRVEDQLMLGNEIMIAPV
YEQNARGRYVYLPEEMKFIKFMPDGSISEEVLEKGVHYVDVALNEVPLFIRSGKCIPVAEAAECVKDIDTENMQLIGYEG
SSYTLYEDDGIHKDYDKKENYRVLTK
;
_entity_poly.pdbx_strand_id   A,B
#
# COMPACT_ATOMS: atom_id res chain seq x y z
N ALA A 3 15.55 -19.02 -35.86
CA ALA A 3 14.51 -18.64 -36.87
C ALA A 3 13.29 -17.93 -36.24
N MET A 4 12.87 -18.41 -35.06
CA MET A 4 11.75 -17.81 -34.33
C MET A 4 12.19 -16.65 -33.42
N ILE A 5 13.48 -16.28 -33.52
CA ILE A 5 14.02 -15.05 -32.91
C ILE A 5 14.69 -14.18 -34.00
N ARG A 6 14.31 -12.91 -34.06
CA ARG A 6 14.96 -11.94 -34.95
C ARG A 6 15.47 -10.75 -34.14
N LYS A 7 16.54 -10.11 -34.62
CA LYS A 7 17.12 -8.95 -33.95
C LYS A 7 17.08 -7.70 -34.81
N TYR A 8 16.42 -6.65 -34.32
CA TYR A 8 16.35 -5.37 -35.04
C TYR A 8 17.25 -4.35 -34.36
N ARG A 9 18.16 -3.78 -35.12
CA ARG A 9 19.17 -2.91 -34.57
C ARG A 9 18.85 -1.48 -34.99
N TYR A 10 18.87 -0.55 -34.02
CA TYR A 10 18.74 0.87 -34.28
C TYR A 10 20.01 1.58 -33.81
N GLY A 11 20.51 2.51 -34.62
CA GLY A 11 21.72 3.27 -34.28
C GLY A 11 22.90 2.36 -33.90
N ALA A 12 23.59 2.73 -32.84
CA ALA A 12 24.83 2.07 -32.44
C ALA A 12 24.70 1.65 -30.98
N PRO A 13 24.06 0.51 -30.74
CA PRO A 13 23.77 0.14 -29.36
C PRO A 13 25.03 -0.12 -28.53
N PHE A 14 24.97 0.21 -27.25
CA PHE A 14 25.98 -0.22 -26.32
C PHE A 14 25.80 -1.72 -26.08
N ASP A 15 26.91 -2.43 -26.03
CA ASP A 15 26.95 -3.86 -25.90
C ASP A 15 26.73 -4.29 -24.45
N THR A 16 25.53 -4.72 -24.10
CA THR A 16 25.23 -5.04 -22.68
C THR A 16 25.65 -6.44 -22.26
N GLU A 17 25.90 -7.31 -23.24
CA GLU A 17 26.15 -8.75 -23.01
C GLU A 17 25.03 -9.53 -22.32
N ALA A 18 23.81 -9.00 -22.39
CA ALA A 18 22.62 -9.72 -21.88
C ALA A 18 22.49 -11.10 -22.49
N LEU A 19 22.61 -11.18 -23.83
CA LEU A 19 22.51 -12.50 -24.50
C LEU A 19 23.87 -13.17 -24.60
N THR A 20 23.88 -14.49 -24.50
CA THR A 20 25.07 -15.28 -24.86
C THR A 20 24.96 -15.87 -26.28
N GLU A 21 23.76 -15.93 -26.83
CA GLU A 21 23.57 -16.42 -28.20
C GLU A 21 23.59 -15.28 -29.24
N LYS A 22 24.37 -15.45 -30.30
CA LYS A 22 24.42 -14.48 -31.41
C LYS A 22 23.17 -14.63 -32.25
N ILE A 23 22.59 -13.50 -32.64
CA ILE A 23 21.42 -13.48 -33.50
C ILE A 23 21.75 -12.48 -34.59
N GLU A 24 21.52 -12.87 -35.84
CA GLU A 24 21.80 -11.98 -36.96
C GLU A 24 20.82 -10.81 -36.98
N THR A 25 21.30 -9.67 -37.45
CA THR A 25 20.46 -8.48 -37.64
C THR A 25 19.47 -8.69 -38.78
N ALA A 26 18.18 -8.54 -38.48
CA ALA A 26 17.11 -8.65 -39.50
C ALA A 26 17.07 -7.38 -40.37
N GLU A 27 16.81 -7.54 -41.66
CA GLU A 27 16.73 -6.37 -42.58
C GLU A 27 15.32 -6.06 -43.12
N GLU A 28 14.33 -6.90 -42.80
CA GLU A 28 12.95 -6.68 -43.24
C GLU A 28 12.20 -5.69 -42.32
N ALA A 29 10.94 -5.39 -42.67
CA ALA A 29 10.10 -4.52 -41.87
C ALA A 29 9.98 -5.02 -40.43
N PHE A 30 9.96 -4.11 -39.46
CA PHE A 30 9.64 -4.52 -38.07
C PHE A 30 8.24 -5.18 -38.04
N PRO A 31 8.10 -6.36 -37.40
CA PRO A 31 6.90 -7.18 -37.67
C PRO A 31 5.62 -6.85 -36.88
N TYR A 32 5.74 -6.11 -35.77
CA TYR A 32 4.58 -5.76 -34.94
C TYR A 32 4.53 -4.28 -34.65
N GLY A 33 3.34 -3.69 -34.72
CA GLY A 33 3.15 -2.31 -34.32
C GLY A 33 3.90 -1.34 -35.20
N GLU A 34 4.26 -0.20 -34.61
CA GLU A 34 4.98 0.87 -35.31
C GLU A 34 6.23 1.30 -34.56
N ILE A 35 7.26 1.71 -35.32
CA ILE A 35 8.51 2.18 -34.75
C ILE A 35 8.65 3.64 -35.20
N SER A 36 8.91 4.54 -34.25
CA SER A 36 9.21 5.93 -34.60
C SER A 36 10.57 6.38 -34.08
N GLN A 37 11.27 7.18 -34.89
CA GLN A 37 12.57 7.69 -34.46
C GLN A 37 12.53 9.21 -34.42
N LYS A 38 11.32 9.74 -34.37
CA LYS A 38 11.05 11.17 -34.44
C LYS A 38 11.52 11.98 -33.23
N GLU A 39 11.46 11.39 -32.04
CA GLU A 39 11.91 12.09 -30.84
C GLU A 39 12.59 11.12 -29.90
N GLY A 40 13.78 10.67 -30.29
CA GLY A 40 14.36 9.50 -29.66
C GLY A 40 13.76 8.24 -30.28
N PHE A 41 13.29 7.32 -29.46
CA PHE A 41 12.77 6.08 -30.00
C PHE A 41 11.43 5.75 -29.35
N ALA A 42 10.49 5.26 -30.14
CA ALA A 42 9.22 4.76 -29.60
C ALA A 42 8.69 3.57 -30.41
N PHE A 43 8.34 2.51 -29.71
CA PHE A 43 7.56 1.41 -30.24
C PHE A 43 6.13 1.56 -29.72
N THR A 44 5.15 1.43 -30.61
CA THR A 44 3.74 1.65 -30.30
C THR A 44 2.96 0.50 -30.91
N TYR A 45 2.11 -0.11 -30.09
CA TYR A 45 1.32 -1.28 -30.47
C TYR A 45 -0.09 -1.16 -29.91
N ILE A 46 -1.09 -1.43 -30.73
CA ILE A 46 -2.47 -1.41 -30.26
C ILE A 46 -2.88 -2.83 -29.86
N MET A 47 -3.16 -3.02 -28.58
CA MET A 47 -3.49 -4.33 -28.04
C MET A 47 -4.97 -4.64 -28.28
N ASP A 48 -5.27 -5.92 -28.46
CA ASP A 48 -6.64 -6.44 -28.43
C ASP A 48 -7.09 -6.38 -26.98
N GLU A 49 -8.40 -6.25 -26.77
CA GLU A 49 -8.92 -6.01 -25.43
C GLU A 49 -8.64 -7.18 -24.48
N ASP A 50 -8.55 -8.39 -25.03
CA ASP A 50 -8.22 -9.57 -24.21
C ASP A 50 -6.71 -9.84 -24.01
N ASP A 51 -5.83 -9.08 -24.66
CA ASP A 51 -4.38 -9.33 -24.49
C ASP A 51 -3.96 -9.20 -23.03
N ILE A 52 -3.09 -10.11 -22.59
CA ILE A 52 -2.35 -10.04 -21.35
C ILE A 52 -0.91 -9.63 -21.75
N VAL A 53 -0.28 -8.77 -20.95
CA VAL A 53 1.15 -8.47 -21.12
C VAL A 53 1.92 -9.07 -19.94
N TYR A 54 2.73 -10.07 -20.22
CA TYR A 54 3.65 -10.58 -19.22
C TYR A 54 5.02 -9.97 -19.28
N GLY A 55 5.73 -10.07 -18.15
CA GLY A 55 7.18 -9.87 -18.11
C GLY A 55 7.61 -8.78 -17.15
N LEU A 56 8.71 -8.11 -17.49
CA LEU A 56 9.30 -6.99 -16.72
C LEU A 56 9.91 -7.39 -15.39
N GLY A 57 10.07 -8.69 -15.18
CA GLY A 57 10.83 -9.22 -14.04
C GLY A 57 10.43 -8.54 -12.73
N GLU A 58 11.41 -7.98 -12.05
CA GLU A 58 11.14 -7.23 -10.85
C GLU A 58 10.72 -5.81 -11.23
N SER A 59 9.41 -5.62 -11.24
CA SER A 59 8.75 -4.34 -11.42
C SER A 59 7.48 -4.40 -10.59
N ASN A 60 6.79 -3.28 -10.51
CA ASN A 60 5.70 -3.06 -9.59
C ASN A 60 4.43 -3.70 -10.11
N ARG A 61 3.50 -3.92 -9.18
CA ARG A 61 2.11 -4.33 -9.45
C ARG A 61 2.05 -5.79 -9.82
N GLY A 62 1.30 -6.13 -10.88
CA GLY A 62 0.83 -7.54 -11.05
C GLY A 62 1.52 -8.35 -12.13
N ILE A 63 1.07 -9.59 -12.31
CA ILE A 63 1.61 -10.49 -13.33
C ILE A 63 1.23 -10.01 -14.73
N ASN A 64 -0.03 -9.64 -14.87
CA ASN A 64 -0.47 -8.95 -16.10
C ASN A 64 -0.13 -7.49 -15.90
N LYS A 65 0.78 -6.97 -16.73
CA LYS A 65 1.31 -5.61 -16.54
C LYS A 65 0.42 -4.50 -17.11
N ARG A 66 -0.63 -4.87 -17.82
CA ARG A 66 -1.57 -3.88 -18.35
C ARG A 66 -2.15 -3.00 -17.25
N GLY A 67 -2.33 -1.73 -17.59
CA GLY A 67 -2.97 -0.76 -16.71
C GLY A 67 -2.02 0.18 -15.98
N TYR A 68 -0.71 0.12 -16.25
CA TYR A 68 0.22 1.04 -15.58
C TYR A 68 1.47 1.37 -16.40
N CYS A 69 2.39 2.12 -15.78
CA CYS A 69 3.60 2.63 -16.45
C CYS A 69 4.79 2.07 -15.65
N TYR A 70 5.78 1.54 -16.36
CA TYR A 70 6.96 0.94 -15.74
C TYR A 70 8.16 1.54 -16.43
N ILE A 71 9.07 2.07 -15.62
CA ILE A 71 10.24 2.71 -16.17
C ILE A 71 11.46 1.93 -15.66
N SER A 72 12.23 1.37 -16.59
CA SER A 72 13.41 0.59 -16.21
C SER A 72 14.51 1.59 -15.94
N ASN A 73 14.84 1.75 -14.66
CA ASN A 73 15.76 2.79 -14.18
C ASN A 73 16.08 2.43 -12.73
N CYS A 74 17.16 1.65 -12.57
CA CYS A 74 17.48 1.03 -11.28
C CYS A 74 17.53 2.13 -10.25
N THR A 75 16.66 2.04 -9.26
CA THR A 75 16.43 3.12 -8.30
C THR A 75 16.33 2.59 -6.90
N ASP A 76 17.06 3.24 -5.99
CA ASP A 76 17.02 2.86 -4.57
C ASP A 76 15.78 3.55 -3.99
N ASP A 77 14.67 2.83 -3.90
CA ASP A 77 13.45 3.39 -3.31
C ASP A 77 12.86 2.36 -2.33
N PRO A 78 12.85 2.67 -1.01
CA PRO A 78 12.39 1.62 -0.05
C PRO A 78 10.88 1.63 0.24
N ILE A 79 10.10 2.37 -0.56
CA ILE A 79 8.64 2.44 -0.32
C ILE A 79 7.92 1.92 -1.56
N HIS A 80 7.62 0.62 -1.58
CA HIS A 80 7.10 -0.01 -2.80
C HIS A 80 5.58 0.06 -2.80
N THR A 81 5.07 1.27 -3.03
CA THR A 81 3.63 1.53 -3.11
C THR A 81 3.23 1.54 -4.59
N GLU A 82 1.93 1.50 -4.87
CA GLU A 82 1.40 1.16 -6.22
C GLU A 82 1.75 2.18 -7.25
N ASP A 83 1.99 3.40 -6.81
CA ASP A 83 2.35 4.49 -7.73
C ASP A 83 3.76 4.37 -8.31
N LYS A 84 4.65 3.65 -7.63
CA LYS A 84 6.07 3.71 -8.02
C LYS A 84 6.24 3.12 -9.43
N ARG A 85 7.04 3.81 -10.25
CA ARG A 85 7.29 3.38 -11.62
C ARG A 85 8.64 2.70 -11.86
N SER A 86 9.57 2.88 -10.92
CA SER A 86 10.90 2.29 -11.02
C SER A 86 11.31 1.74 -9.68
N LEU A 87 11.60 0.45 -9.66
CA LEU A 87 12.29 -0.17 -8.52
C LEU A 87 13.75 -0.47 -8.89
N TYR A 88 14.31 -1.52 -8.31
CA TYR A 88 15.72 -1.88 -8.47
C TYR A 88 16.05 -2.56 -9.79
N GLY A 89 15.07 -3.22 -10.39
CA GLY A 89 15.32 -4.10 -11.54
C GLY A 89 15.06 -3.41 -12.87
N ALA A 90 15.91 -3.69 -13.87
CA ALA A 90 15.67 -3.21 -15.24
C ALA A 90 15.65 -4.46 -16.12
N HIS A 91 14.46 -5.05 -16.30
CA HIS A 91 14.31 -6.33 -16.99
C HIS A 91 13.42 -6.17 -18.21
N ASN A 92 14.03 -5.83 -19.35
CA ASN A 92 13.31 -5.24 -20.47
C ASN A 92 12.61 -6.23 -21.39
N PHE A 93 12.01 -7.26 -20.81
CA PHE A 93 11.42 -8.31 -21.59
C PHE A 93 9.92 -8.38 -21.28
N ILE A 94 9.10 -8.31 -22.32
CA ILE A 94 7.63 -8.44 -22.19
C ILE A 94 7.07 -9.42 -23.23
N ILE A 95 5.93 -10.03 -22.92
CA ILE A 95 5.28 -10.89 -23.88
C ILE A 95 3.84 -10.37 -24.04
N VAL A 96 3.46 -10.02 -25.26
CA VAL A 96 2.05 -9.76 -25.56
C VAL A 96 1.38 -11.13 -25.81
N SER A 97 0.33 -11.45 -25.06
CA SER A 97 -0.30 -12.76 -25.13
C SER A 97 -1.82 -12.66 -25.37
N GLY A 98 -2.27 -13.15 -26.53
CA GLY A 98 -3.67 -13.05 -26.90
C GLY A 98 -3.87 -13.70 -28.25
N LYS A 99 -4.78 -13.13 -29.04
CA LYS A 99 -5.02 -13.61 -30.40
C LYS A 99 -3.72 -13.49 -31.23
N THR A 100 -2.97 -12.40 -31.01
CA THR A 100 -1.62 -12.28 -31.56
C THR A 100 -0.63 -12.23 -30.37
N THR A 101 0.37 -13.11 -30.42
CA THR A 101 1.29 -13.33 -29.33
C THR A 101 2.72 -13.26 -29.83
N PHE A 102 3.56 -12.51 -29.11
CA PHE A 102 4.96 -12.32 -29.47
C PHE A 102 5.71 -11.74 -28.28
N GLY A 103 7.01 -12.00 -28.22
CA GLY A 103 7.87 -11.42 -27.19
C GLY A 103 8.82 -10.37 -27.72
N LEU A 104 9.17 -9.43 -26.84
CA LEU A 104 10.09 -8.41 -27.16
C LEU A 104 11.09 -8.25 -26.04
N PHE A 105 12.38 -8.32 -26.37
CA PHE A 105 13.38 -7.88 -25.43
C PHE A 105 14.01 -6.58 -25.93
N PHE A 106 13.97 -5.55 -25.09
CA PHE A 106 14.53 -4.25 -25.52
C PHE A 106 15.93 -4.11 -24.91
N ASP A 107 16.98 -4.37 -25.69
CA ASP A 107 18.35 -4.41 -25.14
C ASP A 107 18.93 -3.00 -25.24
N TYR A 108 18.83 -2.29 -24.12
CA TYR A 108 19.09 -0.85 -24.02
C TYR A 108 19.42 -0.62 -22.56
N PRO A 109 20.52 0.08 -22.27
CA PRO A 109 21.09 0.14 -20.91
C PRO A 109 20.64 1.35 -20.04
N SER A 110 19.82 2.23 -20.60
CA SER A 110 19.39 3.44 -19.92
C SER A 110 17.87 3.46 -19.67
N LYS A 111 17.34 4.63 -19.28
CA LYS A 111 15.93 4.77 -18.89
C LYS A 111 14.96 4.35 -20.00
N LEU A 112 14.17 3.32 -19.75
CA LEU A 112 13.27 2.82 -20.78
C LEU A 112 11.87 2.84 -20.22
N THR A 113 10.97 3.59 -20.87
CA THR A 113 9.56 3.69 -20.42
C THR A 113 8.56 2.73 -21.13
N PHE A 114 7.98 1.84 -20.34
CA PHE A 114 6.86 0.97 -20.76
C PHE A 114 5.51 1.58 -20.27
N ASP A 115 4.84 2.28 -21.17
CA ASP A 115 3.49 2.80 -20.97
C ASP A 115 2.56 1.70 -21.47
N ILE A 116 2.10 0.87 -20.54
CA ILE A 116 1.35 -0.31 -20.88
C ILE A 116 -0.13 -0.09 -20.53
N GLY A 117 -0.79 0.72 -21.35
CA GLY A 117 -2.19 1.05 -21.12
C GLY A 117 -2.39 2.12 -20.07
N TYR A 118 -1.30 2.74 -19.62
CA TYR A 118 -1.44 3.90 -18.76
C TYR A 118 -2.10 5.10 -19.47
N THR A 119 -1.54 5.54 -20.58
CA THR A 119 -2.11 6.67 -21.33
C THR A 119 -3.47 6.35 -21.96
N ARG A 120 -3.55 5.27 -22.76
CA ARG A 120 -4.79 4.78 -23.37
C ARG A 120 -4.84 3.29 -23.07
N MET A 121 -5.99 2.80 -22.63
CA MET A 121 -6.06 1.39 -22.23
C MET A 121 -5.60 0.43 -23.32
N ASP A 122 -5.84 0.78 -24.57
CA ASP A 122 -5.56 -0.15 -25.67
C ASP A 122 -4.12 -0.01 -26.23
N THR A 123 -3.33 0.91 -25.66
CA THR A 123 -2.04 1.27 -26.26
C THR A 123 -0.86 0.88 -25.41
N LEU A 124 0.04 0.10 -26.01
CA LEU A 124 1.34 -0.22 -25.46
C LEU A 124 2.38 0.66 -26.16
N LYS A 125 3.10 1.45 -25.37
CA LYS A 125 4.13 2.31 -25.92
C LYS A 125 5.43 2.17 -25.10
N VAL A 126 6.53 1.87 -25.80
CA VAL A 126 7.82 1.66 -25.14
C VAL A 126 8.75 2.69 -25.74
N SER A 127 9.37 3.52 -24.92
CA SER A 127 10.16 4.63 -25.43
C SER A 127 11.40 4.94 -24.60
N CYS A 128 12.36 5.60 -25.26
CA CYS A 128 13.62 6.00 -24.66
C CYS A 128 14.19 7.19 -25.45
N GLU A 129 15.20 7.82 -24.88
CA GLU A 129 15.69 9.10 -25.38
C GLU A 129 16.57 8.96 -26.61
N ASN A 130 17.17 7.78 -26.79
CA ASN A 130 18.14 7.56 -27.88
C ASN A 130 17.81 6.30 -28.65
N ALA A 131 17.72 6.40 -29.97
CA ALA A 131 17.43 5.22 -30.79
C ALA A 131 18.72 4.43 -31.04
N ASP A 132 19.29 3.91 -29.95
CA ASP A 132 20.53 3.15 -29.97
C ASP A 132 20.26 1.90 -29.14
N LEU A 133 19.74 0.87 -29.81
CA LEU A 133 19.27 -0.32 -29.11
C LEU A 133 19.02 -1.47 -30.09
N ASP A 134 18.99 -2.69 -29.56
CA ASP A 134 18.53 -3.87 -30.31
C ASP A 134 17.19 -4.32 -29.74
N ILE A 135 16.24 -4.66 -30.62
CA ILE A 135 14.96 -5.22 -30.18
C ILE A 135 14.90 -6.65 -30.69
N TYR A 136 14.75 -7.61 -29.78
CA TYR A 136 14.55 -9.00 -30.17
C TYR A 136 13.05 -9.35 -30.18
N VAL A 137 12.59 -9.91 -31.30
CA VAL A 137 11.23 -10.32 -31.49
C VAL A 137 11.23 -11.84 -31.45
N ILE A 138 10.50 -12.37 -30.49
CA ILE A 138 10.43 -13.82 -30.32
C ILE A 138 9.02 -14.31 -30.65
N GLU A 139 8.94 -15.23 -31.59
CA GLU A 139 7.69 -15.84 -32.00
C GLU A 139 7.53 -17.18 -31.34
N GLY A 140 6.29 -17.56 -31.12
CA GLY A 140 6.00 -18.90 -30.64
C GLY A 140 4.49 -19.07 -30.66
N GLU A 141 4.07 -20.29 -30.36
CA GLU A 141 2.65 -20.63 -30.28
C GLU A 141 1.97 -19.97 -29.10
N ASN A 142 2.71 -19.85 -27.99
CA ASN A 142 2.17 -19.26 -26.76
C ASN A 142 3.24 -18.59 -25.92
N ALA A 143 2.85 -17.99 -24.80
CA ALA A 143 3.77 -17.19 -24.00
C ALA A 143 4.84 -18.06 -23.36
N TYR A 144 4.45 -19.25 -22.88
CA TYR A 144 5.43 -20.16 -22.27
C TYR A 144 6.54 -20.55 -23.26
N ASP A 145 6.18 -20.81 -24.53
CA ASP A 145 7.14 -21.18 -25.57
C ASP A 145 8.10 -20.01 -25.87
N ILE A 146 7.57 -18.80 -25.90
CA ILE A 146 8.38 -17.59 -26.12
C ILE A 146 9.39 -17.39 -24.98
N VAL A 147 8.94 -17.61 -23.74
CA VAL A 147 9.83 -17.48 -22.58
C VAL A 147 10.99 -18.50 -22.57
N LYS A 148 10.72 -19.74 -22.95
CA LYS A 148 11.77 -20.76 -23.04
C LYS A 148 12.81 -20.44 -24.10
N GLN A 149 12.35 -19.90 -25.23
CA GLN A 149 13.29 -19.44 -26.25
C GLN A 149 14.15 -18.28 -25.70
N PHE A 150 13.55 -17.36 -24.96
CA PHE A 150 14.33 -16.27 -24.34
C PHE A 150 15.35 -16.79 -23.31
N ARG A 151 14.90 -17.70 -22.45
CA ARG A 151 15.77 -18.34 -21.50
C ARG A 151 17.01 -18.99 -22.12
N ARG A 152 16.83 -19.67 -23.25
CA ARG A 152 17.94 -20.23 -24.01
C ARG A 152 18.94 -19.16 -24.41
N VAL A 153 18.49 -18.08 -25.04
CA VAL A 153 19.44 -17.15 -25.62
C VAL A 153 20.16 -16.23 -24.61
N ILE A 154 19.64 -16.12 -23.39
CA ILE A 154 20.29 -15.27 -22.35
C ILE A 154 21.28 -16.10 -21.52
N GLY A 155 21.29 -17.40 -21.71
CA GLY A 155 22.26 -18.24 -21.02
C GLY A 155 21.75 -18.79 -19.70
N ARG A 156 22.34 -19.90 -19.26
CA ARG A 156 21.90 -20.62 -18.07
C ARG A 156 21.90 -19.71 -16.83
N SER A 157 20.81 -19.78 -16.06
CA SER A 157 20.67 -19.06 -14.80
C SER A 157 21.68 -19.53 -13.74
N TYR A 158 22.13 -18.59 -12.92
CA TYR A 158 22.85 -18.83 -11.69
C TYR A 158 22.25 -20.00 -10.90
N ILE A 159 23.11 -20.87 -10.38
CA ILE A 159 22.70 -22.03 -9.56
C ILE A 159 23.40 -21.97 -8.21
N PRO A 160 22.61 -21.90 -7.13
CA PRO A 160 23.18 -21.78 -5.79
C PRO A 160 23.63 -23.13 -5.21
N PRO A 161 24.47 -23.10 -4.15
CA PRO A 161 24.74 -24.32 -3.42
C PRO A 161 23.48 -24.73 -2.68
N LYS A 162 23.39 -26.02 -2.37
CA LYS A 162 22.17 -26.58 -1.82
C LYS A 162 21.86 -26.04 -0.44
N PHE A 163 22.88 -25.69 0.34
CA PHE A 163 22.64 -25.10 1.68
C PHE A 163 21.78 -23.82 1.60
N ALA A 164 21.80 -23.17 0.44
CA ALA A 164 21.05 -21.91 0.23
C ALA A 164 19.56 -22.17 0.05
N PHE A 165 19.18 -23.45 0.06
CA PHE A 165 17.76 -23.86 0.10
C PHE A 165 17.27 -24.14 1.53
N GLY A 166 18.11 -23.87 2.52
CA GLY A 166 17.62 -23.75 3.86
C GLY A 166 16.98 -22.41 4.17
N PHE A 167 16.73 -22.22 5.46
CA PHE A 167 16.22 -20.97 5.98
C PHE A 167 17.37 -20.05 6.45
N GLY A 168 17.21 -18.76 6.22
CA GLY A 168 18.20 -17.77 6.63
C GLY A 168 17.64 -16.64 7.46
N GLN A 169 18.49 -16.08 8.31
CA GLN A 169 18.08 -15.04 9.26
C GLN A 169 19.04 -13.87 9.23
N SER A 170 18.50 -12.66 9.16
CA SER A 170 19.34 -11.48 9.15
C SER A 170 18.63 -10.31 9.79
N ARG A 171 19.41 -9.34 10.22
CA ARG A 171 18.90 -8.05 10.69
C ARG A 171 20.01 -7.00 10.52
N TRP A 172 19.64 -5.82 10.05
CA TRP A 172 20.52 -4.70 10.10
C TRP A 172 20.64 -4.32 11.59
N GLY A 173 21.76 -4.68 12.20
CA GLY A 173 21.98 -4.44 13.62
C GLY A 173 22.88 -5.49 14.26
N TYR A 174 22.88 -6.72 13.75
CA TYR A 174 23.76 -7.76 14.34
C TYR A 174 25.19 -7.29 14.16
N THR A 175 25.92 -7.15 15.27
CA THR A 175 27.23 -6.51 15.26
C THR A 175 28.31 -7.39 15.90
N THR A 176 28.05 -7.82 17.13
CA THR A 176 29.06 -8.50 17.92
C THR A 176 28.93 -10.01 17.80
N LYS A 177 29.94 -10.73 18.28
CA LYS A 177 29.87 -12.17 18.33
C LYS A 177 28.66 -12.63 19.15
N GLU A 178 28.37 -11.96 20.27
CA GLU A 178 27.26 -12.37 21.11
C GLU A 178 25.92 -12.20 20.39
N ASP A 179 25.84 -11.17 19.53
CA ASP A 179 24.64 -10.97 18.70
C ASP A 179 24.38 -12.20 17.86
N PHE A 180 25.42 -12.69 17.19
CA PHE A 180 25.29 -13.85 16.31
C PHE A 180 25.01 -15.11 17.09
N ARG A 181 25.70 -15.27 18.22
CA ARG A 181 25.50 -16.39 19.12
C ARG A 181 24.08 -16.50 19.63
N ALA A 182 23.46 -15.35 19.91
CA ALA A 182 22.06 -15.32 20.35
C ALA A 182 21.07 -15.68 19.23
N VAL A 183 21.36 -15.30 17.98
CA VAL A 183 20.55 -15.79 16.85
C VAL A 183 20.71 -17.30 16.72
N ALA A 184 21.95 -17.78 16.76
CA ALA A 184 22.25 -19.19 16.66
C ALA A 184 21.49 -19.94 17.77
N LYS A 185 21.64 -19.46 18.99
CA LYS A 185 20.99 -20.05 20.17
C LYS A 185 19.45 -20.04 20.08
N GLY A 186 18.88 -18.90 19.67
CA GLY A 186 17.44 -18.71 19.54
C GLY A 186 16.75 -19.69 18.61
N TYR A 187 17.36 -19.92 17.44
CA TYR A 187 16.88 -20.99 16.55
C TYR A 187 17.18 -22.42 17.04
N ARG A 188 18.45 -22.69 17.31
CA ARG A 188 18.88 -24.07 17.60
C ARG A 188 18.27 -24.66 18.86
N GLU A 189 18.12 -23.82 19.90
CA GLU A 189 17.57 -24.34 21.17
C GLU A 189 16.06 -24.60 21.14
N ASN A 190 15.37 -23.93 20.20
CA ASN A 190 13.95 -24.16 19.95
C ASN A 190 13.69 -25.13 18.78
N HIS A 191 14.78 -25.73 18.29
CA HIS A 191 14.77 -26.70 17.21
C HIS A 191 14.13 -26.19 15.92
N ILE A 192 14.32 -24.91 15.63
CA ILE A 192 13.81 -24.32 14.40
C ILE A 192 14.90 -24.47 13.35
N PRO A 193 14.57 -25.11 12.22
CA PRO A 193 15.61 -25.32 11.19
C PRO A 193 16.16 -23.98 10.71
N ILE A 194 17.46 -23.96 10.40
CA ILE A 194 18.17 -22.76 9.89
C ILE A 194 19.50 -23.27 9.37
N ASP A 195 20.01 -22.58 8.34
CA ASP A 195 21.30 -22.89 7.72
C ASP A 195 22.20 -21.67 7.56
N MET A 196 21.60 -20.49 7.58
CA MET A 196 22.32 -19.27 7.29
C MET A 196 21.99 -18.13 8.24
N ILE A 197 23.02 -17.38 8.65
CA ILE A 197 22.82 -16.11 9.30
C ILE A 197 23.57 -15.08 8.47
N TYR A 198 22.86 -14.02 8.10
CA TYR A 198 23.40 -12.95 7.29
C TYR A 198 24.11 -11.92 8.19
N MET A 199 25.21 -11.38 7.68
CA MET A 199 26.00 -10.36 8.40
C MET A 199 25.82 -9.08 7.61
N ASP A 200 25.15 -8.11 8.20
CA ASP A 200 24.92 -6.83 7.53
C ASP A 200 26.12 -5.93 7.87
N ILE A 201 26.05 -4.69 7.40
CA ILE A 201 27.19 -3.75 7.28
C ILE A 201 28.01 -3.50 8.56
N ASP A 202 27.46 -3.84 9.72
CA ASP A 202 28.18 -3.54 10.96
C ASP A 202 29.35 -4.50 11.26
N TYR A 203 29.48 -5.56 10.47
CA TYR A 203 30.57 -6.52 10.67
C TYR A 203 31.89 -5.97 10.09
N MET A 204 31.80 -5.00 9.19
CA MET A 204 33.00 -4.39 8.63
C MET A 204 33.69 -3.45 9.62
N GLN A 205 34.95 -3.12 9.33
CA GLN A 205 35.61 -2.07 10.09
C GLN A 205 35.21 -0.76 9.41
N ASP A 206 34.41 0.05 10.12
CA ASP A 206 33.95 1.36 9.62
C ASP A 206 33.37 1.30 8.20
N PHE A 207 32.58 0.26 7.92
CA PHE A 207 31.86 0.11 6.63
C PHE A 207 32.80 -0.02 5.43
N LYS A 208 34.05 -0.44 5.68
CA LYS A 208 35.02 -0.65 4.61
C LYS A 208 34.85 -2.04 4.01
N ASP A 209 34.52 -2.07 2.73
CA ASP A 209 34.46 -3.30 1.97
C ASP A 209 35.72 -4.15 2.18
N PHE A 210 35.54 -5.46 2.39
CA PHE A 210 36.65 -6.40 2.45
C PHE A 210 37.54 -6.22 3.71
N THR A 211 36.92 -5.75 4.78
CA THR A 211 37.54 -5.74 6.08
C THR A 211 36.56 -6.39 7.02
N VAL A 212 37.02 -6.64 8.23
CA VAL A 212 36.18 -7.15 9.31
C VAL A 212 36.56 -6.32 10.55
N ASN A 213 35.57 -5.96 11.37
CA ASN A 213 35.82 -5.28 12.65
C ASN A 213 36.69 -6.16 13.56
N GLU A 214 37.96 -5.81 13.67
CA GLU A 214 38.92 -6.68 14.35
C GLU A 214 38.82 -6.64 15.87
N LYS A 215 38.16 -5.61 16.39
CA LYS A 215 37.84 -5.58 17.81
C LYS A 215 36.77 -6.63 18.15
N ASN A 216 35.69 -6.66 17.38
CA ASN A 216 34.59 -7.60 17.64
C ASN A 216 34.89 -9.02 17.16
N PHE A 217 35.69 -9.12 16.10
CA PHE A 217 36.14 -10.42 15.57
C PHE A 217 37.68 -10.52 15.47
N PRO A 218 38.37 -10.74 16.62
CA PRO A 218 39.84 -10.88 16.69
C PRO A 218 40.37 -12.06 15.86
N ASP A 219 39.59 -13.14 15.83
CA ASP A 219 39.96 -14.38 15.15
C ASP A 219 38.74 -14.79 14.34
N PHE A 220 38.45 -14.04 13.28
CA PHE A 220 37.24 -14.27 12.50
C PHE A 220 37.12 -15.71 11.95
N PRO A 221 38.22 -16.29 11.40
CA PRO A 221 38.10 -17.64 10.86
C PRO A 221 37.60 -18.65 11.88
N GLU A 222 38.00 -18.51 13.14
CA GLU A 222 37.53 -19.40 14.18
C GLU A 222 36.04 -19.16 14.52
N PHE A 223 35.61 -17.90 14.47
CA PHE A 223 34.18 -17.63 14.65
C PHE A 223 33.33 -18.16 13.49
N VAL A 224 33.80 -17.98 12.26
CA VAL A 224 33.18 -18.64 11.10
C VAL A 224 33.06 -20.17 11.36
N LYS A 225 34.14 -20.80 11.84
CA LYS A 225 34.13 -22.23 12.08
C LYS A 225 33.17 -22.59 13.22
N GLU A 226 33.18 -21.77 14.28
CA GLU A 226 32.24 -21.92 15.41
C GLU A 226 30.79 -22.01 14.91
N MET A 227 30.45 -21.15 13.96
CA MET A 227 29.12 -21.16 13.37
C MET A 227 28.92 -22.36 12.41
N LYS A 228 29.92 -22.61 11.57
CA LYS A 228 29.85 -23.69 10.57
C LYS A 228 29.70 -25.08 11.18
N ASP A 229 30.31 -25.32 12.34
CA ASP A 229 30.18 -26.61 13.03
C ASP A 229 28.77 -26.84 13.54
N GLN A 230 27.97 -25.77 13.56
CA GLN A 230 26.58 -25.87 13.96
C GLN A 230 25.68 -25.88 12.74
N GLU A 231 26.30 -26.04 11.56
CA GLU A 231 25.66 -25.91 10.26
C GLU A 231 25.02 -24.53 10.05
N LEU A 232 25.78 -23.50 10.43
CA LEU A 232 25.36 -22.14 10.23
C LEU A 232 26.44 -21.36 9.50
N ARG A 233 26.12 -20.95 8.28
CA ARG A 233 27.05 -20.29 7.40
C ARG A 233 26.79 -18.79 7.36
N LEU A 234 27.82 -17.99 7.66
CA LEU A 234 27.67 -16.57 7.75
C LEU A 234 27.71 -16.00 6.34
N ILE A 235 26.74 -15.16 6.00
CA ILE A 235 26.65 -14.57 4.65
C ILE A 235 26.83 -13.05 4.73
N PRO A 236 28.05 -12.58 4.48
CA PRO A 236 28.33 -11.15 4.64
C PRO A 236 27.96 -10.30 3.43
N ILE A 237 27.61 -9.05 3.71
CA ILE A 237 27.23 -8.09 2.66
C ILE A 237 28.49 -7.35 2.15
N ILE A 238 28.47 -6.97 0.88
CA ILE A 238 29.49 -6.10 0.30
C ILE A 238 28.69 -5.02 -0.43
N ASP A 239 29.07 -3.75 -0.26
CA ASP A 239 28.42 -2.63 -0.98
C ASP A 239 29.27 -2.09 -2.12
N ALA A 240 28.63 -1.34 -3.00
CA ALA A 240 29.28 -0.74 -4.17
C ALA A 240 30.34 0.29 -3.81
N GLY A 241 30.10 1.08 -2.77
CA GLY A 241 30.97 2.18 -2.40
C GLY A 241 32.19 1.79 -1.58
N VAL A 242 33.38 2.13 -2.06
CA VAL A 242 34.63 1.85 -1.33
C VAL A 242 35.03 3.10 -0.56
N LYS A 243 35.10 2.97 0.77
CA LYS A 243 35.39 4.13 1.64
C LYS A 243 36.66 4.89 1.25
N VAL A 244 36.55 6.22 1.14
CA VAL A 244 37.72 7.07 0.96
C VAL A 244 38.50 7.13 2.29
N GLU A 245 39.68 6.51 2.35
CA GLU A 245 40.51 6.50 3.56
C GLU A 245 41.97 6.21 3.25
N LYS A 246 42.84 7.16 3.55
CA LYS A 246 44.28 6.94 3.37
C LYS A 246 44.76 5.74 4.18
N GLY A 247 45.49 4.84 3.55
CA GLY A 247 46.03 3.65 4.23
C GLY A 247 45.19 2.43 4.00
N TYR A 248 43.93 2.63 3.63
CA TYR A 248 43.01 1.51 3.32
C TYR A 248 43.36 0.97 1.92
N GLU A 249 43.80 -0.28 1.90
CA GLU A 249 44.42 -0.90 0.72
C GLU A 249 43.51 -0.84 -0.50
N VAL A 250 42.25 -1.22 -0.32
CA VAL A 250 41.27 -1.23 -1.40
C VAL A 250 41.18 0.16 -2.04
N TYR A 251 41.06 1.19 -1.20
CA TYR A 251 41.01 2.56 -1.70
C TYR A 251 42.31 2.94 -2.40
N GLU A 252 43.45 2.70 -1.73
CA GLU A 252 44.76 3.05 -2.29
C GLU A 252 44.99 2.37 -3.64
N GLU A 253 44.67 1.08 -3.74
CA GLU A 253 44.78 0.35 -5.00
C GLU A 253 43.90 0.93 -6.12
N GLY A 254 42.66 1.31 -5.78
CA GLY A 254 41.73 1.84 -6.77
C GLY A 254 42.14 3.20 -7.30
N VAL A 255 42.70 4.02 -6.41
CA VAL A 255 43.22 5.33 -6.81
C VAL A 255 44.45 5.16 -7.70
N LYS A 256 45.43 4.41 -7.20
CA LYS A 256 46.69 4.19 -7.91
C LYS A 256 46.45 3.69 -9.35
N ASN A 257 45.58 2.70 -9.49
CA ASN A 257 45.38 2.00 -10.78
C ASN A 257 44.21 2.49 -11.62
N ASN A 258 43.62 3.63 -11.23
CA ASN A 258 42.51 4.21 -11.96
C ASN A 258 41.34 3.23 -12.16
N TYR A 259 41.00 2.55 -11.08
CA TYR A 259 39.90 1.61 -11.08
C TYR A 259 38.53 2.20 -10.65
N PHE A 260 38.51 3.45 -10.21
CA PHE A 260 37.27 4.09 -9.81
C PHE A 260 36.65 4.88 -10.93
N CYS A 261 35.34 5.10 -10.82
CA CYS A 261 34.63 6.00 -11.72
C CYS A 261 35.07 7.43 -11.51
N LYS A 262 35.36 8.13 -12.61
CA LYS A 262 35.92 9.47 -12.56
C LYS A 262 34.93 10.53 -13.03
N ARG A 263 35.07 11.73 -12.47
CA ARG A 263 34.40 12.90 -12.96
C ARG A 263 34.95 13.23 -14.34
N GLU A 264 34.36 14.24 -14.97
CA GLU A 264 34.76 14.63 -16.32
C GLU A 264 36.21 15.11 -16.37
N ASP A 265 36.69 15.69 -15.27
CA ASP A 265 38.09 16.18 -15.19
C ASP A 265 39.13 15.12 -14.83
N GLY A 266 38.71 13.87 -14.71
CA GLY A 266 39.61 12.78 -14.33
C GLY A 266 39.73 12.47 -12.84
N SER A 267 39.18 13.33 -11.99
CA SER A 267 39.24 13.06 -10.55
C SER A 267 38.27 11.94 -10.18
N ASP A 268 38.61 11.22 -9.13
CA ASP A 268 37.76 10.15 -8.68
C ASP A 268 36.48 10.71 -8.04
N PHE A 269 35.35 10.34 -8.64
CA PHE A 269 34.03 10.78 -8.18
C PHE A 269 33.73 10.37 -6.74
N VAL A 270 33.25 11.33 -5.95
CA VAL A 270 32.88 11.06 -4.56
C VAL A 270 31.38 10.98 -4.38
N ALA A 271 30.94 9.84 -3.83
CA ALA A 271 29.55 9.60 -3.44
C ALA A 271 29.55 9.17 -1.98
N ALA A 272 28.68 9.77 -1.16
CA ALA A 272 28.54 9.39 0.23
C ALA A 272 27.58 8.24 0.36
N VAL A 273 27.98 7.19 1.09
CA VAL A 273 27.07 6.12 1.44
C VAL A 273 27.35 5.81 2.92
N TRP A 274 27.18 4.55 3.36
CA TRP A 274 27.46 4.20 4.75
C TRP A 274 28.78 4.74 5.37
N PRO A 275 29.92 4.62 4.65
CA PRO A 275 31.19 5.10 5.18
C PRO A 275 31.43 6.59 5.11
N GLY A 276 30.41 7.39 4.74
CA GLY A 276 30.69 8.78 4.39
C GLY A 276 31.22 8.74 2.97
N ASP A 277 32.25 9.53 2.67
CA ASP A 277 32.79 9.58 1.29
C ASP A 277 33.27 8.22 0.79
N THR A 278 32.82 7.85 -0.42
CA THR A 278 33.30 6.67 -1.14
C THR A 278 33.61 6.93 -2.61
N HIS A 279 34.27 5.98 -3.23
CA HIS A 279 34.40 5.95 -4.68
C HIS A 279 33.74 4.68 -5.18
N PHE A 280 33.21 4.69 -6.40
CA PHE A 280 32.66 3.46 -6.98
C PHE A 280 33.66 2.80 -7.93
N PRO A 281 33.92 1.50 -7.74
CA PRO A 281 34.71 0.77 -8.73
C PRO A 281 34.03 0.87 -10.10
N ASP A 282 34.84 0.99 -11.13
CA ASP A 282 34.32 1.16 -12.49
C ASP A 282 33.90 -0.23 -12.97
N MET A 283 32.63 -0.58 -12.70
CA MET A 283 32.12 -1.93 -12.99
C MET A 283 32.09 -2.26 -14.48
N LEU A 284 32.11 -1.27 -15.36
CA LEU A 284 32.12 -1.57 -16.79
C LEU A 284 33.54 -1.71 -17.34
N ASN A 285 34.54 -1.52 -16.49
CA ASN A 285 35.93 -1.69 -16.91
C ASN A 285 36.41 -3.07 -16.52
N PRO A 286 36.81 -3.90 -17.51
CA PRO A 286 37.13 -5.30 -17.22
C PRO A 286 38.27 -5.45 -16.21
N GLU A 287 39.30 -4.61 -16.30
CA GLU A 287 40.42 -4.69 -15.35
C GLU A 287 39.94 -4.34 -13.91
N ALA A 288 39.12 -3.30 -13.79
CA ALA A 288 38.54 -2.90 -12.49
C ALA A 288 37.64 -4.00 -11.90
N ARG A 289 36.83 -4.63 -12.75
CA ARG A 289 35.98 -5.77 -12.33
C ARG A 289 36.74 -6.94 -11.75
N LYS A 290 37.84 -7.30 -12.42
CA LYS A 290 38.67 -8.43 -11.98
C LYS A 290 39.31 -8.13 -10.63
N TRP A 291 39.77 -6.89 -10.48
CA TRP A 291 40.38 -6.44 -9.25
C TRP A 291 39.39 -6.47 -8.11
N PHE A 292 38.20 -5.90 -8.32
CA PHE A 292 37.20 -5.81 -7.26
C PHE A 292 36.75 -7.21 -6.92
N GLY A 293 36.45 -8.02 -7.93
CA GLY A 293 36.02 -9.41 -7.69
C GLY A 293 37.05 -10.24 -6.96
N ASP A 294 38.32 -9.98 -7.22
CA ASP A 294 39.41 -10.72 -6.57
C ASP A 294 39.44 -10.53 -5.06
N LYS A 295 38.86 -9.44 -4.59
CA LYS A 295 38.91 -9.09 -3.17
C LYS A 295 38.02 -9.99 -2.32
N TYR A 296 37.06 -10.67 -2.94
CA TYR A 296 36.25 -11.66 -2.21
C TYR A 296 37.11 -12.80 -1.64
N ARG A 297 38.34 -12.93 -2.16
CA ARG A 297 39.31 -13.92 -1.62
C ARG A 297 39.52 -13.73 -0.11
N PHE A 298 39.64 -12.47 0.30
CA PHE A 298 39.71 -12.07 1.72
C PHE A 298 38.70 -12.82 2.59
N LEU A 299 37.46 -12.92 2.12
CA LEU A 299 36.43 -13.62 2.90
C LEU A 299 36.36 -15.12 2.69
N ILE A 300 36.52 -15.55 1.43
CA ILE A 300 36.46 -16.99 1.12
C ILE A 300 37.56 -17.73 1.89
N ASP A 301 38.75 -17.13 1.92
CA ASP A 301 39.90 -17.72 2.63
C ASP A 301 39.65 -17.90 4.13
N GLN A 302 38.66 -17.20 4.68
CA GLN A 302 38.33 -17.34 6.11
C GLN A 302 37.13 -18.26 6.36
N GLY A 303 36.61 -18.84 5.27
CA GLY A 303 35.59 -19.91 5.38
C GLY A 303 34.21 -19.50 4.93
N ILE A 304 34.11 -18.32 4.32
CA ILE A 304 32.83 -17.78 3.92
C ILE A 304 32.46 -18.37 2.57
N GLU A 305 31.21 -18.81 2.45
CA GLU A 305 30.77 -19.53 1.23
C GLU A 305 29.65 -18.83 0.47
N GLY A 306 29.34 -17.61 0.84
CA GLY A 306 28.27 -16.87 0.19
C GLY A 306 28.24 -15.43 0.61
N PHE A 307 27.61 -14.60 -0.23
CA PHE A 307 27.68 -13.15 -0.14
C PHE A 307 26.38 -12.55 -0.64
N TRP A 308 26.11 -11.32 -0.21
CA TRP A 308 25.06 -10.53 -0.84
C TRP A 308 25.59 -9.11 -1.12
N ASN A 309 25.02 -8.47 -2.13
CA ASN A 309 25.47 -7.15 -2.56
C ASN A 309 24.31 -6.17 -2.47
N ALA A 310 24.54 -4.98 -1.92
CA ALA A 310 23.48 -3.97 -1.85
C ALA A 310 24.02 -2.63 -2.33
N MET A 311 23.12 -1.65 -2.41
CA MET A 311 23.49 -0.26 -2.80
C MET A 311 24.14 -0.23 -4.19
N ASN A 312 23.86 -1.25 -5.00
CA ASN A 312 24.52 -1.41 -6.29
C ASN A 312 23.79 -0.75 -7.49
N GLU A 313 22.90 0.20 -7.21
CA GLU A 313 22.19 0.95 -8.27
C GLU A 313 23.09 1.84 -9.18
N PRO A 314 24.10 2.52 -8.64
CA PRO A 314 24.56 2.54 -7.24
C PRO A 314 23.78 3.57 -6.41
N ALA A 315 23.49 3.26 -5.15
CA ALA A 315 22.83 4.27 -4.28
C ALA A 315 23.79 5.40 -3.91
N ILE A 316 23.30 6.63 -3.89
CA ILE A 316 24.09 7.81 -3.50
C ILE A 316 23.27 8.62 -2.48
N PHE A 317 23.78 8.78 -1.26
CA PHE A 317 23.10 9.58 -0.22
C PHE A 317 23.24 11.05 -0.57
N TYR A 318 24.42 11.39 -1.09
CA TYR A 318 24.72 12.70 -1.65
C TYR A 318 26.11 12.66 -2.29
N SER A 319 26.40 13.60 -3.18
CA SER A 319 27.73 13.76 -3.71
C SER A 319 28.33 15.01 -3.08
N SER A 320 29.61 15.28 -3.34
CA SER A 320 30.30 16.47 -2.84
C SER A 320 29.66 17.72 -3.42
N GLU A 321 29.39 17.68 -4.72
CA GLU A 321 28.68 18.75 -5.44
C GLU A 321 27.29 18.99 -4.85
N GLY A 322 26.54 17.92 -4.59
CA GLY A 322 25.18 18.04 -4.11
C GLY A 322 25.10 18.55 -2.66
N LEU A 323 26.01 18.07 -1.82
CA LEU A 323 26.17 18.57 -0.46
C LEU A 323 26.44 20.07 -0.45
N ALA A 324 27.34 20.52 -1.29
CA ALA A 324 27.66 21.94 -1.30
C ALA A 324 26.45 22.79 -1.73
N GLU A 325 25.73 22.33 -2.75
CA GLU A 325 24.49 22.99 -3.17
C GLU A 325 23.45 23.08 -2.03
N ALA A 326 23.30 21.99 -1.28
CA ALA A 326 22.33 21.92 -0.21
C ALA A 326 22.75 22.82 0.96
N LYS A 327 24.05 22.89 1.25
CA LYS A 327 24.51 23.83 2.28
C LYS A 327 24.29 25.27 1.86
N GLU A 328 24.48 25.55 0.57
CA GLU A 328 24.30 26.92 0.11
C GLU A 328 22.82 27.32 0.21
N PHE A 329 21.93 26.40 -0.15
CA PHE A 329 20.50 26.61 0.00
C PHE A 329 20.09 26.79 1.47
N ALA A 330 20.56 25.88 2.33
CA ALA A 330 20.34 25.98 3.77
C ALA A 330 20.76 27.33 4.38
N GLY A 331 21.84 27.92 3.86
CA GLY A 331 22.34 29.20 4.35
C GLY A 331 21.37 30.28 4.00
N GLU A 332 20.86 30.22 2.76
CA GLU A 332 19.84 31.15 2.27
C GLU A 332 18.53 31.06 3.05
N PHE A 333 18.06 29.83 3.26
CA PHE A 333 16.90 29.58 4.10
C PHE A 333 17.09 30.20 5.47
N ALA A 334 18.28 29.99 6.05
CA ALA A 334 18.55 30.38 7.42
C ALA A 334 18.52 31.86 7.61
N LYS A 335 18.93 32.63 6.60
CA LYS A 335 18.97 34.08 6.75
C LYS A 335 17.75 34.79 6.15
N ASP A 336 16.78 34.01 5.66
CA ASP A 336 15.58 34.57 5.07
C ASP A 336 14.63 35.08 6.15
N THR A 337 14.34 36.38 6.12
CA THR A 337 13.40 36.97 7.08
C THR A 337 12.04 37.28 6.44
N GLU A 338 12.03 37.41 5.12
CA GLU A 338 10.84 37.81 4.36
C GLU A 338 10.02 36.67 3.78
N GLY A 339 10.16 35.46 4.35
CA GLY A 339 9.39 34.29 3.94
C GLY A 339 9.43 33.93 2.45
N LYS A 340 10.51 34.33 1.77
CA LYS A 340 10.70 33.99 0.35
C LYS A 340 11.05 32.54 0.09
N ILE A 341 11.77 31.94 1.03
CA ILE A 341 12.17 30.55 0.96
C ILE A 341 11.38 29.70 1.95
N HIS A 342 10.45 28.92 1.40
CA HIS A 342 9.56 28.14 2.23
C HIS A 342 10.24 26.89 2.75
N PRO A 343 9.84 26.45 3.95
CA PRO A 343 10.39 25.21 4.49
C PRO A 343 10.26 24.02 3.53
N TRP A 344 9.16 23.92 2.80
CA TRP A 344 9.00 22.79 1.87
C TRP A 344 10.02 22.80 0.72
N ALA A 345 10.49 23.97 0.32
CA ALA A 345 11.58 24.07 -0.66
C ALA A 345 12.91 23.54 -0.06
N MET A 346 13.23 23.96 1.15
CA MET A 346 14.35 23.40 1.90
C MET A 346 14.25 21.87 2.00
N GLN A 347 13.07 21.37 2.34
CA GLN A 347 12.81 19.96 2.48
C GLN A 347 13.01 19.23 1.13
N ALA A 348 12.55 19.85 0.05
CA ALA A 348 12.70 19.29 -1.31
C ALA A 348 14.15 19.24 -1.79
N LYS A 349 14.93 20.29 -1.52
CA LYS A 349 16.38 20.24 -1.80
C LYS A 349 17.08 19.07 -1.09
N MET A 350 16.75 18.83 0.19
CA MET A 350 17.38 17.75 0.92
C MET A 350 17.01 16.39 0.34
N LYS A 351 15.78 16.30 -0.17
CA LYS A 351 15.33 15.07 -0.82
C LYS A 351 16.04 14.88 -2.13
N ASP A 352 16.24 16.01 -2.84
CA ASP A 352 16.71 15.99 -4.21
C ASP A 352 18.15 15.50 -4.33
N ILE A 353 18.90 15.55 -3.23
CA ILE A 353 20.32 15.24 -3.30
C ILE A 353 20.60 13.75 -3.17
N VAL A 354 19.57 12.97 -2.82
CA VAL A 354 19.63 11.52 -2.67
C VAL A 354 19.30 10.87 -4.05
N ASN A 355 20.19 9.99 -4.52
CA ASN A 355 20.04 9.27 -5.77
C ASN A 355 19.69 10.23 -6.91
N SER A 356 20.42 11.33 -6.97
CA SER A 356 20.11 12.42 -7.88
C SER A 356 20.44 12.11 -9.35
N PRO A 357 19.47 12.30 -10.26
CA PRO A 357 19.72 12.23 -11.71
C PRO A 357 20.94 13.03 -12.14
N GLU A 358 21.12 14.21 -11.52
CA GLU A 358 22.29 15.05 -11.74
C GLU A 358 23.61 14.37 -11.39
N ASP A 359 23.64 13.63 -10.29
CA ASP A 359 24.86 12.94 -9.90
C ASP A 359 25.20 11.83 -10.89
N TYR A 360 24.19 11.17 -11.43
CA TYR A 360 24.41 10.07 -12.38
C TYR A 360 24.95 10.61 -13.70
N LYS A 361 24.91 11.92 -13.85
CA LYS A 361 25.55 12.52 -15.02
C LYS A 361 26.96 13.06 -14.70
N ARG A 362 27.42 12.84 -13.46
CA ARG A 362 28.70 13.45 -13.01
C ARG A 362 29.90 12.49 -13.02
N PHE A 363 29.66 11.20 -13.23
CA PHE A 363 30.75 10.25 -13.35
C PHE A 363 30.65 9.37 -14.61
N TYR A 364 31.79 8.77 -14.95
CA TYR A 364 32.02 8.11 -16.23
C TYR A 364 32.55 6.69 -15.98
N HIS A 365 32.29 5.80 -16.93
CA HIS A 365 32.94 4.49 -17.01
C HIS A 365 33.99 4.50 -18.11
N ASN A 366 35.12 3.82 -17.86
CA ASN A 366 36.18 3.67 -18.83
C ASN A 366 35.96 2.33 -19.51
N VAL A 367 35.40 2.35 -20.72
CA VAL A 367 35.04 1.05 -21.33
C VAL A 367 36.01 0.73 -22.46
N ASN A 368 36.93 -0.19 -22.16
CA ASN A 368 38.04 -0.53 -23.07
C ASN A 368 38.68 0.72 -23.69
N GLY A 369 38.81 1.75 -22.86
CA GLY A 369 39.43 3.02 -23.26
C GLY A 369 38.46 4.13 -23.67
N LYS A 370 37.18 3.77 -23.83
CA LYS A 370 36.18 4.76 -24.21
C LYS A 370 35.41 5.27 -22.98
N LYS A 371 35.37 6.59 -22.83
CA LYS A 371 34.69 7.20 -21.71
C LYS A 371 33.20 7.33 -21.97
N ILE A 372 32.38 6.79 -21.06
CA ILE A 372 30.94 6.81 -21.25
C ILE A 372 30.31 7.41 -20.01
N ARG A 373 29.50 8.46 -20.17
CA ARG A 373 28.81 9.06 -19.00
C ARG A 373 27.87 8.05 -18.33
N HIS A 374 27.88 7.96 -17.01
CA HIS A 374 27.18 6.86 -16.30
C HIS A 374 25.68 6.72 -16.61
N ASP A 375 24.98 7.83 -16.69
CA ASP A 375 23.55 7.82 -17.00
C ASP A 375 23.24 7.05 -18.27
N LYS A 376 24.12 7.12 -19.28
CA LYS A 376 23.95 6.39 -20.55
C LYS A 376 23.91 4.85 -20.41
N VAL A 377 24.53 4.35 -19.33
CA VAL A 377 24.61 2.89 -19.04
C VAL A 377 24.21 2.56 -17.61
N HIS A 378 23.40 3.43 -17.01
CA HIS A 378 23.04 3.32 -15.57
C HIS A 378 22.57 1.91 -15.13
N ASN A 379 21.70 1.31 -15.93
CA ASN A 379 21.10 0.02 -15.60
C ASN A 379 22.02 -1.20 -15.63
N LEU A 380 23.27 -0.99 -16.06
CA LEU A 380 24.29 -2.05 -16.11
C LEU A 380 25.21 -2.13 -14.87
N PHE A 381 25.08 -1.20 -13.93
CA PHE A 381 26.07 -1.10 -12.84
C PHE A 381 25.97 -2.27 -11.88
N GLY A 382 24.78 -2.50 -11.36
CA GLY A 382 24.57 -3.59 -10.38
C GLY A 382 24.81 -4.94 -11.02
N TYR A 383 24.39 -5.04 -12.29
CA TYR A 383 24.67 -6.21 -13.10
C TYR A 383 26.17 -6.46 -13.13
N ASN A 384 26.97 -5.46 -13.53
CA ASN A 384 28.41 -5.67 -13.59
C ASN A 384 29.11 -5.90 -12.22
N MET A 385 28.54 -5.39 -11.13
CA MET A 385 29.13 -5.62 -9.82
C MET A 385 28.96 -7.09 -9.47
N THR A 386 27.79 -7.65 -9.76
CA THR A 386 27.55 -9.08 -9.45
C THR A 386 28.37 -9.94 -10.40
N ARG A 387 28.46 -9.50 -11.66
CA ARG A 387 29.35 -10.13 -12.64
C ARG A 387 30.77 -10.25 -12.09
N ALA A 388 31.23 -9.21 -11.40
CA ALA A 388 32.61 -9.17 -10.91
C ALA A 388 32.83 -10.23 -9.85
N ALA A 389 31.84 -10.40 -8.98
CA ALA A 389 31.92 -11.45 -7.96
C ALA A 389 31.91 -12.84 -8.61
N GLY A 390 30.99 -13.04 -9.54
CA GLY A 390 30.77 -14.32 -10.22
C GLY A 390 31.99 -14.77 -11.02
N GLU A 391 32.54 -13.88 -11.83
CA GLU A 391 33.80 -14.15 -12.56
C GLU A 391 35.00 -14.44 -11.64
N ALA A 392 35.13 -13.71 -10.54
CA ALA A 392 36.18 -14.02 -9.58
C ALA A 392 35.99 -15.39 -8.94
N PHE A 393 34.75 -15.78 -8.61
CA PHE A 393 34.51 -17.13 -8.05
C PHE A 393 34.99 -18.24 -9.01
N GLU A 394 34.69 -18.08 -10.30
CA GLU A 394 35.13 -19.04 -11.34
C GLU A 394 36.66 -19.13 -11.42
N ARG A 395 37.34 -18.00 -11.25
CA ARG A 395 38.81 -17.96 -11.13
C ARG A 395 39.33 -18.60 -9.85
N ILE A 396 38.67 -18.34 -8.73
CA ILE A 396 39.14 -18.83 -7.43
C ILE A 396 38.91 -20.34 -7.27
N ASP A 397 37.71 -20.81 -7.59
CA ASP A 397 37.37 -22.22 -7.43
C ASP A 397 36.26 -22.55 -8.43
N PRO A 398 36.63 -22.87 -9.69
CA PRO A 398 35.64 -23.03 -10.75
C PRO A 398 34.60 -24.13 -10.50
N GLU A 399 34.94 -25.11 -9.70
CA GLU A 399 34.02 -26.24 -9.45
C GLU A 399 33.07 -26.01 -8.25
N LYS A 400 33.21 -24.89 -7.55
CA LYS A 400 32.40 -24.67 -6.35
C LYS A 400 31.31 -23.61 -6.56
N ARG A 401 30.09 -23.95 -6.14
CA ARG A 401 29.00 -22.98 -6.10
C ARG A 401 29.02 -22.13 -4.82
N PHE A 402 28.95 -20.81 -5.03
CA PHE A 402 28.83 -19.89 -3.93
C PHE A 402 27.46 -19.28 -3.91
N LEU A 403 26.95 -19.01 -2.72
CA LEU A 403 25.71 -18.24 -2.62
C LEU A 403 26.00 -16.78 -3.02
N MET A 404 25.20 -16.24 -3.94
CA MET A 404 25.45 -14.89 -4.39
C MET A 404 24.14 -14.33 -4.89
N PHE A 405 23.75 -13.17 -4.35
CA PHE A 405 22.59 -12.41 -4.85
C PHE A 405 22.76 -10.91 -4.59
N SER A 406 22.08 -10.12 -5.40
CA SER A 406 22.25 -8.67 -5.36
C SER A 406 20.88 -7.94 -5.33
N ARG A 407 20.92 -6.61 -5.30
CA ARG A 407 19.68 -5.80 -5.23
C ARG A 407 19.26 -5.31 -6.62
N SER A 408 20.12 -4.50 -7.23
CA SER A 408 19.83 -4.01 -8.57
C SER A 408 20.35 -5.01 -9.61
N SER A 409 19.70 -5.08 -10.77
CA SER A 409 20.10 -6.01 -11.80
C SER A 409 19.49 -5.63 -13.15
N TYR A 410 19.99 -6.28 -14.19
CA TYR A 410 19.60 -6.11 -15.60
C TYR A 410 19.77 -7.49 -16.19
N ILE A 411 19.05 -7.82 -17.26
CA ILE A 411 19.09 -9.19 -17.78
C ILE A 411 20.52 -9.48 -18.27
N GLY A 412 21.04 -10.66 -17.91
CA GLY A 412 22.47 -10.93 -18.07
C GLY A 412 23.06 -11.23 -16.70
N MET A 413 22.66 -10.45 -15.71
CA MET A 413 23.13 -10.66 -14.36
C MET A 413 22.69 -12.01 -13.80
N HIS A 414 21.62 -12.56 -14.39
CA HIS A 414 20.93 -13.75 -13.87
C HIS A 414 21.86 -14.96 -13.94
N ARG A 415 22.90 -14.86 -14.76
CA ARG A 415 23.91 -15.90 -14.90
C ARG A 415 24.87 -15.96 -13.70
N TYR A 416 25.03 -14.85 -12.97
CA TYR A 416 26.09 -14.71 -11.97
C TYR A 416 25.60 -14.69 -10.54
N GLY A 417 24.32 -14.40 -10.36
CA GLY A 417 23.73 -14.37 -9.03
C GLY A 417 22.21 -14.21 -9.07
N GLY A 418 21.58 -14.47 -7.92
CA GLY A 418 20.16 -14.19 -7.69
C GLY A 418 19.88 -12.72 -7.33
N ILE A 419 18.64 -12.41 -7.00
CA ILE A 419 18.33 -11.11 -6.40
C ILE A 419 17.38 -11.39 -5.24
N TRP A 420 17.35 -10.48 -4.28
CA TRP A 420 16.24 -10.43 -3.37
C TRP A 420 15.45 -9.19 -3.76
N MET A 421 14.19 -9.15 -3.34
CA MET A 421 13.26 -8.12 -3.80
C MET A 421 13.40 -6.78 -3.08
N GLY A 422 14.50 -6.59 -2.36
CA GLY A 422 14.90 -5.26 -1.88
C GLY A 422 14.19 -4.85 -0.60
N ASP A 423 13.99 -3.55 -0.41
CA ASP A 423 13.48 -3.08 0.88
C ASP A 423 11.97 -3.02 0.86
N ASN A 424 11.35 -4.14 1.20
CA ASN A 424 9.91 -4.20 1.26
C ASN A 424 9.45 -3.74 2.67
N LYS A 425 8.17 -3.99 2.99
CA LYS A 425 7.60 -3.50 4.23
C LYS A 425 6.79 -4.56 4.91
N SER A 426 6.62 -4.38 6.21
CA SER A 426 5.77 -5.28 6.99
C SER A 426 4.28 -4.93 6.70
N TRP A 427 3.90 -5.09 5.44
CA TRP A 427 2.53 -4.94 4.97
C TRP A 427 2.03 -6.24 4.39
N TRP A 428 0.76 -6.53 4.65
CA TRP A 428 0.10 -7.70 4.11
C TRP A 428 0.17 -7.68 2.59
N SER A 429 0.04 -6.49 1.98
CA SER A 429 0.08 -6.41 0.56
C SER A 429 1.45 -6.80 -0.02
N HIS A 430 2.48 -6.80 0.81
CA HIS A 430 3.81 -7.16 0.29
C HIS A 430 3.95 -8.68 0.26
N ILE A 431 3.04 -9.42 0.88
CA ILE A 431 3.08 -10.89 0.66
C ILE A 431 2.69 -11.10 -0.83
N LEU A 432 1.61 -10.46 -1.23
CA LEU A 432 1.13 -10.60 -2.60
C LEU A 432 2.16 -10.04 -3.62
N LEU A 433 2.83 -8.93 -3.27
CA LEU A 433 3.87 -8.37 -4.16
C LEU A 433 5.03 -9.36 -4.32
N ASN A 434 5.42 -10.02 -3.22
CA ASN A 434 6.45 -11.07 -3.26
C ASN A 434 6.02 -12.19 -4.20
N LEU A 435 4.77 -12.64 -4.06
CA LEU A 435 4.18 -13.69 -4.90
CA LEU A 435 4.21 -13.70 -4.91
C LEU A 435 4.23 -13.31 -6.38
N LYS A 436 3.64 -12.17 -6.71
CA LYS A 436 3.50 -11.76 -8.12
C LYS A 436 4.79 -11.57 -8.89
N MET A 437 5.84 -11.09 -8.21
CA MET A 437 7.12 -10.80 -8.86
C MET A 437 7.83 -12.08 -9.32
N LEU A 438 7.60 -13.18 -8.62
CA LEU A 438 8.27 -14.46 -8.88
C LEU A 438 8.21 -15.00 -10.34
N PRO A 439 7.00 -15.26 -10.87
CA PRO A 439 7.00 -15.78 -12.25
C PRO A 439 7.69 -14.82 -13.23
N SER A 440 7.49 -13.52 -13.03
CA SER A 440 8.06 -12.52 -13.91
C SER A 440 9.59 -12.57 -13.85
N LEU A 441 10.12 -12.75 -12.64
CA LEU A 441 11.56 -12.93 -12.47
C LEU A 441 12.09 -14.20 -13.17
N ASN A 442 11.36 -15.29 -13.07
CA ASN A 442 11.69 -16.53 -13.78
C ASN A 442 11.74 -16.33 -15.29
N MET A 443 10.79 -15.57 -15.83
CA MET A 443 10.78 -15.30 -17.28
C MET A 443 12.07 -14.67 -17.73
N CYS A 444 12.70 -13.95 -16.83
CA CYS A 444 13.87 -13.10 -17.16
C CYS A 444 15.17 -13.74 -16.75
N GLY A 445 15.11 -14.99 -16.25
CA GLY A 445 16.34 -15.72 -15.92
C GLY A 445 16.67 -15.76 -14.43
N PHE A 446 16.00 -14.91 -13.65
CA PHE A 446 16.26 -14.83 -12.23
C PHE A 446 15.38 -15.85 -11.47
N MET A 447 15.97 -16.99 -11.18
CA MET A 447 15.29 -18.08 -10.49
C MET A 447 15.58 -18.06 -8.99
N TYR A 448 16.84 -17.76 -8.64
CA TYR A 448 17.15 -17.70 -7.21
C TYR A 448 16.71 -16.35 -6.66
N THR A 449 15.48 -16.32 -6.14
N THR A 449 15.51 -16.32 -6.10
CA THR A 449 14.86 -15.08 -5.67
CA THR A 449 14.96 -15.06 -5.61
C THR A 449 14.02 -15.27 -4.43
C THR A 449 13.97 -15.25 -4.47
N GLY A 450 13.67 -14.15 -3.82
CA GLY A 450 12.81 -14.12 -2.63
C GLY A 450 12.75 -12.69 -2.10
N ALA A 451 11.93 -12.52 -1.07
CA ALA A 451 11.75 -11.24 -0.43
C ALA A 451 12.08 -11.32 1.07
N ASP A 452 12.21 -10.16 1.71
CA ASP A 452 12.49 -10.12 3.14
C ASP A 452 11.29 -10.59 3.93
N LEU A 453 11.37 -11.82 4.43
CA LEU A 453 10.21 -12.39 5.05
C LEU A 453 9.84 -11.67 6.35
N GLY A 454 8.59 -11.20 6.43
CA GLY A 454 8.12 -10.47 7.59
C GLY A 454 8.09 -8.99 7.28
N GLY A 455 8.80 -8.60 6.23
CA GLY A 455 8.88 -7.18 5.85
C GLY A 455 10.10 -6.53 6.45
N PHE A 456 10.91 -5.95 5.57
CA PHE A 456 12.16 -5.31 5.96
C PHE A 456 11.89 -4.08 6.81
N GLY A 457 11.13 -3.13 6.28
CA GLY A 457 10.87 -1.90 7.02
C GLY A 457 9.54 -1.92 7.76
N ASP A 458 9.34 -0.97 8.67
CA ASP A 458 8.15 -0.90 9.56
C ASP A 458 8.06 -2.12 10.51
N ASP A 459 6.99 -2.20 11.30
CA ASP A 459 6.83 -3.21 12.32
C ASP A 459 5.89 -4.34 11.95
N THR A 460 6.39 -5.56 12.07
CA THR A 460 5.62 -6.72 11.71
C THR A 460 4.79 -7.12 12.93
N THR A 461 3.99 -8.19 12.76
CA THR A 461 3.23 -8.82 13.82
C THR A 461 3.43 -10.32 13.63
N ARG A 462 3.15 -11.07 14.69
CA ARG A 462 3.35 -12.49 14.68
C ARG A 462 2.68 -13.16 13.46
N ASP A 463 1.40 -12.83 13.26
CA ASP A 463 0.62 -13.45 12.18
C ASP A 463 1.15 -13.08 10.81
N LEU A 464 1.59 -11.84 10.64
CA LEU A 464 2.13 -11.43 9.35
C LEU A 464 3.40 -12.20 9.04
N LEU A 465 4.26 -12.39 10.05
CA LEU A 465 5.50 -13.12 9.86
C LEU A 465 5.19 -14.57 9.48
N LEU A 466 4.34 -15.23 10.25
CA LEU A 466 3.94 -16.59 9.91
C LEU A 466 3.42 -16.71 8.47
N ARG A 467 2.62 -15.74 8.00
CA ARG A 467 2.10 -15.81 6.63
C ARG A 467 3.18 -15.60 5.59
N PHE A 468 4.08 -14.62 5.81
CA PHE A 468 5.22 -14.40 4.92
C PHE A 468 6.05 -15.67 4.82
N LEU A 469 6.35 -16.27 5.97
CA LEU A 469 7.15 -17.47 6.00
C LEU A 469 6.54 -18.61 5.18
N ALA A 470 5.22 -18.80 5.29
CA ALA A 470 4.52 -19.90 4.58
C ALA A 470 4.59 -19.73 3.08
N LEU A 471 4.78 -18.51 2.62
CA LEU A 471 5.12 -18.26 1.22
C LEU A 471 6.62 -18.46 1.00
N GLY A 472 7.44 -17.98 1.94
CA GLY A 472 8.88 -18.27 1.94
C GLY A 472 9.24 -19.75 1.78
N VAL A 473 8.41 -20.65 2.30
CA VAL A 473 8.63 -22.10 2.19
C VAL A 473 9.00 -22.49 0.75
N PHE A 474 8.44 -21.75 -0.21
CA PHE A 474 8.45 -22.15 -1.61
C PHE A 474 9.41 -21.32 -2.47
N THR A 475 9.90 -20.21 -1.94
CA THR A 475 10.80 -19.37 -2.74
C THR A 475 12.26 -19.78 -2.48
N PRO A 476 13.06 -19.93 -3.54
CA PRO A 476 14.45 -20.40 -3.39
C PRO A 476 15.22 -19.64 -2.32
N LEU A 477 15.22 -18.30 -2.38
CA LEU A 477 15.66 -17.48 -1.24
C LEU A 477 14.54 -17.40 -0.18
N MET A 478 14.75 -18.07 0.95
CA MET A 478 13.89 -17.96 2.11
C MET A 478 14.67 -17.31 3.26
N ARG A 479 14.45 -16.01 3.42
CA ARG A 479 15.23 -15.19 4.35
C ARG A 479 14.32 -14.18 5.09
N ASP A 480 14.30 -14.29 6.42
CA ASP A 480 13.73 -13.30 7.34
C ASP A 480 14.78 -12.20 7.60
N HIS A 481 14.53 -10.99 7.11
CA HIS A 481 15.47 -9.85 7.27
C HIS A 481 14.72 -8.59 7.69
N ALA A 482 15.38 -7.71 8.45
CA ALA A 482 14.73 -6.53 9.01
C ALA A 482 15.67 -5.32 9.02
N ALA A 483 15.08 -4.13 8.90
CA ALA A 483 15.82 -2.86 9.01
C ALA A 483 16.12 -2.51 10.48
N GLU A 484 17.11 -1.65 10.68
CA GLU A 484 17.42 -1.12 12.01
C GLU A 484 16.22 -0.33 12.57
N GLY A 485 16.03 -0.39 13.89
CA GLY A 485 14.95 0.36 14.53
C GLY A 485 13.57 -0.29 14.45
N THR A 486 13.45 -1.40 13.71
CA THR A 486 12.16 -2.05 13.56
C THR A 486 11.97 -3.03 14.70
N ARG A 487 10.71 -3.39 14.94
CA ARG A 487 10.40 -4.46 15.85
C ARG A 487 11.18 -5.74 15.46
N GLU A 488 11.79 -6.36 16.45
CA GLU A 488 12.57 -7.58 16.25
C GLU A 488 11.71 -8.70 15.69
N GLN A 489 12.17 -9.33 14.62
CA GLN A 489 11.32 -10.30 13.94
C GLN A 489 11.96 -11.66 13.68
N GLU A 490 12.95 -12.04 14.48
CA GLU A 490 13.40 -13.43 14.53
C GLU A 490 12.22 -14.25 15.00
N CYS A 491 12.16 -15.51 14.59
CA CYS A 491 11.04 -16.38 14.91
C CYS A 491 10.89 -16.57 16.42
N TYR A 492 11.99 -16.45 17.17
CA TYR A 492 11.95 -16.64 18.63
C TYR A 492 11.51 -15.39 19.41
N GLN A 493 11.26 -14.29 18.70
CA GLN A 493 10.73 -13.09 19.35
C GLN A 493 9.24 -13.16 19.74
N PHE A 494 8.56 -14.25 19.40
CA PHE A 494 7.11 -14.30 19.46
C PHE A 494 6.62 -15.44 20.37
N GLU A 495 5.39 -15.34 20.85
CA GLU A 495 4.82 -16.42 21.66
C GLU A 495 4.53 -17.64 20.80
N ASN A 496 4.36 -18.77 21.46
CA ASN A 496 3.97 -20.00 20.78
C ASN A 496 4.88 -20.34 19.63
N ILE A 497 6.16 -20.46 19.94
CA ILE A 497 7.16 -20.62 18.89
C ILE A 497 7.10 -21.98 18.15
N GLU A 498 6.41 -22.96 18.72
CA GLU A 498 6.09 -24.18 17.96
C GLU A 498 5.51 -23.93 16.57
N ASP A 499 4.71 -22.87 16.40
CA ASP A 499 4.11 -22.61 15.10
C ASP A 499 5.18 -22.24 14.07
N PHE A 500 6.20 -21.53 14.55
CA PHE A 500 7.31 -21.12 13.71
C PHE A 500 8.19 -22.32 13.33
N ARG A 501 8.34 -23.25 14.27
CA ARG A 501 8.99 -24.51 13.97
C ARG A 501 8.22 -25.26 12.87
N SER A 502 6.90 -25.43 13.05
CA SER A 502 6.14 -26.14 12.12
CA SER A 502 6.05 -26.15 12.10
C SER A 502 6.17 -25.60 10.69
N VAL A 503 6.13 -24.27 10.57
CA VAL A 503 6.15 -23.63 9.27
C VAL A 503 7.49 -23.82 8.54
N ILE A 504 8.60 -23.49 9.20
CA ILE A 504 9.95 -23.74 8.69
C ILE A 504 10.20 -25.26 8.47
N ASN A 505 9.71 -26.11 9.38
CA ASN A 505 9.78 -27.57 9.18
C ASN A 505 9.26 -28.00 7.79
N ALA A 506 8.17 -27.38 7.35
CA ALA A 506 7.60 -27.67 6.04
C ALA A 506 8.59 -27.35 4.92
N ARG A 507 9.28 -26.22 5.03
CA ARG A 507 10.38 -25.86 4.12
C ARG A 507 11.41 -26.99 3.96
N TYR A 508 11.96 -27.43 5.09
CA TYR A 508 12.99 -28.46 5.13
C TYR A 508 12.51 -29.82 4.63
N ARG A 509 11.26 -30.15 4.92
CA ARG A 509 10.62 -31.35 4.38
C ARG A 509 10.47 -31.28 2.85
N LEU A 510 10.34 -30.07 2.30
CA LEU A 510 10.16 -29.98 0.86
C LEU A 510 11.46 -29.71 0.10
N VAL A 511 12.57 -29.51 0.83
CA VAL A 511 13.82 -29.09 0.20
C VAL A 511 14.29 -30.03 -0.92
N PRO A 512 14.27 -31.35 -0.69
CA PRO A 512 14.63 -32.25 -1.77
C PRO A 512 13.80 -32.02 -3.02
N TYR A 513 12.49 -31.76 -2.86
CA TYR A 513 11.63 -31.58 -4.02
C TYR A 513 11.96 -30.23 -4.66
N LEU A 514 12.06 -29.21 -3.82
CA LEU A 514 12.23 -27.83 -4.33
C LEU A 514 13.57 -27.68 -5.01
N TYR A 515 14.62 -28.20 -4.37
CA TYR A 515 15.95 -28.31 -4.93
C TYR A 515 15.95 -29.07 -6.24
N SER A 516 15.32 -30.25 -6.24
CA SER A 516 15.17 -31.03 -7.47
C SER A 516 14.59 -30.17 -8.60
N GLU A 517 13.47 -29.49 -8.32
CA GLU A 517 12.76 -28.73 -9.36
C GLU A 517 13.58 -27.55 -9.82
N TYR A 518 14.29 -26.92 -8.88
CA TYR A 518 15.17 -25.79 -9.25
C TYR A 518 16.26 -26.25 -10.23
N MET A 519 16.91 -27.36 -9.89
CA MET A 519 17.99 -27.89 -10.71
C MET A 519 17.51 -28.34 -12.09
N LYS A 520 16.42 -29.09 -12.16
CA LYS A 520 15.86 -29.48 -13.45
C LYS A 520 15.53 -28.25 -14.26
N ALA A 521 14.94 -27.24 -13.62
CA ALA A 521 14.56 -26.03 -14.37
C ALA A 521 15.79 -25.25 -14.86
N ALA A 522 16.76 -25.08 -13.96
CA ALA A 522 17.95 -24.30 -14.26
C ALA A 522 18.76 -24.95 -15.40
N LEU A 523 18.87 -26.28 -15.36
CA LEU A 523 19.71 -27.00 -16.31
C LEU A 523 19.09 -27.10 -17.69
N ASN A 524 17.78 -26.86 -17.76
CA ASN A 524 17.03 -26.93 -19.01
C ASN A 524 16.45 -25.58 -19.48
N ASP A 525 16.98 -24.48 -18.95
CA ASP A 525 16.47 -23.15 -19.28
C ASP A 525 14.93 -23.01 -19.13
N ASP A 526 14.40 -23.58 -18.06
CA ASP A 526 12.96 -23.61 -17.77
C ASP A 526 12.62 -22.81 -16.50
N MET A 527 11.31 -22.67 -16.22
CA MET A 527 10.82 -21.88 -15.11
C MET A 527 10.55 -22.73 -13.90
N TYR A 528 10.90 -22.20 -12.73
CA TYR A 528 10.58 -22.86 -11.45
C TYR A 528 9.15 -22.49 -11.03
N PHE A 529 8.85 -21.20 -11.14
CA PHE A 529 7.52 -20.66 -10.92
C PHE A 529 6.91 -20.26 -12.23
N LYS A 530 5.63 -20.61 -12.42
CA LYS A 530 4.90 -20.25 -13.66
C LYS A 530 3.52 -19.64 -13.35
N PRO A 531 3.08 -18.62 -14.11
CA PRO A 531 1.68 -18.23 -14.00
C PRO A 531 0.80 -19.38 -14.46
N LEU A 532 -0.41 -19.45 -13.90
CA LEU A 532 -1.35 -20.52 -14.27
C LEU A 532 -1.60 -20.57 -15.77
N GLY A 533 -1.63 -19.41 -16.43
CA GLY A 533 -1.82 -19.35 -17.88
C GLY A 533 -0.77 -20.07 -18.72
N PHE A 534 0.42 -20.26 -18.17
CA PHE A 534 1.49 -21.00 -18.84
C PHE A 534 1.24 -22.51 -18.83
N VAL A 535 0.55 -22.99 -17.79
CA VAL A 535 0.24 -24.41 -17.65
C VAL A 535 -1.15 -24.76 -18.21
N TYR A 536 -2.06 -23.80 -18.20
CA TYR A 536 -3.44 -24.01 -18.63
C TYR A 536 -3.86 -22.93 -19.60
N PRO A 537 -3.21 -22.88 -20.77
CA PRO A 537 -3.41 -21.77 -21.67
C PRO A 537 -4.82 -21.66 -22.26
N ASP A 538 -5.57 -22.75 -22.30
CA ASP A 538 -6.92 -22.73 -22.91
C ASP A 538 -8.05 -22.41 -21.92
N ASP A 539 -7.70 -22.24 -20.64
CA ASP A 539 -8.66 -21.99 -19.59
C ASP A 539 -8.68 -20.47 -19.37
N LYS A 540 -9.77 -19.82 -19.80
CA LYS A 540 -9.93 -18.37 -19.67
C LYS A 540 -9.99 -17.88 -18.22
N MET A 541 -10.43 -18.75 -17.32
CA MET A 541 -10.38 -18.44 -15.91
C MET A 541 -8.93 -18.50 -15.39
N ALA A 542 -8.24 -19.61 -15.63
CA ALA A 542 -6.85 -19.80 -15.20
C ALA A 542 -5.88 -18.71 -15.67
N ILE A 543 -6.05 -18.22 -16.90
CA ILE A 543 -5.07 -17.23 -17.40
C ILE A 543 -5.11 -15.91 -16.63
N ARG A 544 -6.18 -15.67 -15.88
CA ARG A 544 -6.33 -14.39 -15.16
C ARG A 544 -6.08 -14.50 -13.65
N VAL A 545 -5.81 -15.71 -13.18
CA VAL A 545 -5.37 -15.88 -11.79
C VAL A 545 -3.98 -15.27 -11.53
N GLU A 546 -3.89 -14.40 -10.53
CA GLU A 546 -2.60 -13.81 -10.17
C GLU A 546 -2.16 -14.11 -8.75
N ASP A 547 -2.96 -14.82 -7.96
CA ASP A 547 -2.57 -14.98 -6.56
C ASP A 547 -2.33 -16.46 -6.24
N GLN A 548 -2.03 -17.22 -7.30
CA GLN A 548 -1.64 -18.62 -7.28
C GLN A 548 -0.54 -18.77 -8.33
N LEU A 549 0.36 -19.72 -8.12
CA LEU A 549 1.43 -20.01 -9.08
C LEU A 549 1.66 -21.50 -9.17
N MET A 550 2.04 -21.94 -10.38
CA MET A 550 2.51 -23.31 -10.58
C MET A 550 3.98 -23.36 -10.22
N LEU A 551 4.39 -24.47 -9.62
CA LEU A 551 5.79 -24.68 -9.31
C LEU A 551 6.19 -25.99 -9.98
N GLY A 552 7.23 -25.95 -10.82
CA GLY A 552 7.67 -27.17 -11.50
C GLY A 552 6.56 -27.69 -12.39
N ASN A 553 6.40 -29.01 -12.40
CA ASN A 553 5.30 -29.64 -13.11
C ASN A 553 4.38 -30.44 -12.18
N GLU A 554 4.50 -30.23 -10.87
CA GLU A 554 3.85 -31.13 -9.92
C GLU A 554 2.79 -30.44 -9.05
N ILE A 555 3.05 -29.19 -8.67
CA ILE A 555 2.22 -28.50 -7.67
C ILE A 555 1.79 -27.09 -8.03
N MET A 556 0.81 -26.62 -7.28
CA MET A 556 0.38 -25.24 -7.31
C MET A 556 0.46 -24.69 -5.89
N ILE A 557 0.86 -23.42 -5.77
CA ILE A 557 0.82 -22.77 -4.46
C ILE A 557 -0.23 -21.67 -4.45
N ALA A 558 -0.76 -21.36 -3.28
CA ALA A 558 -1.80 -20.33 -3.12
C ALA A 558 -1.77 -19.85 -1.65
N PRO A 559 -0.84 -18.93 -1.32
CA PRO A 559 -0.68 -18.44 0.05
C PRO A 559 -1.85 -17.52 0.49
N VAL A 560 -2.09 -17.50 1.80
CA VAL A 560 -2.99 -16.55 2.41
C VAL A 560 -2.24 -15.23 2.63
N TYR A 561 -2.84 -14.14 2.17
CA TYR A 561 -2.21 -12.83 2.26
C TYR A 561 -3.15 -11.76 2.85
N GLU A 562 -4.20 -12.20 3.53
CA GLU A 562 -5.14 -11.27 4.15
CA GLU A 562 -5.17 -11.29 4.14
C GLU A 562 -5.08 -11.43 5.65
N GLN A 563 -4.89 -10.31 6.34
CA GLN A 563 -4.85 -10.35 7.81
C GLN A 563 -6.15 -10.90 8.40
N ASN A 564 -6.02 -11.74 9.42
CA ASN A 564 -7.16 -12.33 10.06
C ASN A 564 -7.86 -13.43 9.29
N ALA A 565 -7.46 -13.67 8.03
CA ALA A 565 -8.14 -14.71 7.24
C ALA A 565 -7.83 -16.12 7.75
N ARG A 566 -8.84 -16.97 7.75
CA ARG A 566 -8.63 -18.35 8.14
C ARG A 566 -8.63 -19.28 6.92
N GLY A 567 -8.59 -18.67 5.74
CA GLY A 567 -8.59 -19.42 4.50
C GLY A 567 -8.61 -18.47 3.33
N ARG A 568 -8.79 -19.01 2.13
CA ARG A 568 -8.89 -18.18 0.94
C ARG A 568 -9.62 -18.93 -0.17
N TYR A 569 -10.10 -18.15 -1.13
CA TYR A 569 -10.58 -18.67 -2.38
C TYR A 569 -9.42 -19.08 -3.27
N VAL A 570 -9.64 -20.17 -4.01
CA VAL A 570 -8.74 -20.71 -5.00
C VAL A 570 -9.51 -21.16 -6.23
N TYR A 571 -8.86 -21.10 -7.39
CA TYR A 571 -9.39 -21.76 -8.59
C TYR A 571 -8.46 -22.90 -8.99
N LEU A 572 -9.01 -24.12 -9.06
CA LEU A 572 -8.25 -25.29 -9.53
C LEU A 572 -8.61 -25.53 -11.00
N PRO A 573 -7.64 -25.38 -11.91
CA PRO A 573 -7.86 -25.65 -13.34
C PRO A 573 -7.96 -27.15 -13.66
N GLU A 574 -7.72 -27.99 -12.66
CA GLU A 574 -7.85 -29.44 -12.85
C GLU A 574 -8.02 -30.04 -11.47
N GLU A 575 -8.35 -31.33 -11.43
CA GLU A 575 -8.43 -31.97 -10.15
C GLU A 575 -7.04 -31.92 -9.50
N MET A 576 -7.02 -31.61 -8.20
CA MET A 576 -5.79 -31.64 -7.43
C MET A 576 -6.05 -32.18 -6.05
N LYS A 577 -5.00 -32.68 -5.41
CA LYS A 577 -5.00 -32.93 -3.97
C LYS A 577 -4.54 -31.71 -3.17
N PHE A 578 -5.48 -31.16 -2.42
CA PHE A 578 -5.20 -30.07 -1.49
C PHE A 578 -4.45 -30.65 -0.29
N ILE A 579 -3.20 -30.23 -0.12
CA ILE A 579 -2.30 -30.77 0.90
C ILE A 579 -2.01 -29.67 1.94
N LYS A 580 -1.92 -30.04 3.23
CA LYS A 580 -1.47 -29.08 4.24
C LYS A 580 -0.46 -29.73 5.19
N PHE A 581 0.66 -29.07 5.42
CA PHE A 581 1.58 -29.55 6.46
C PHE A 581 1.01 -29.04 7.78
N MET A 582 0.65 -29.98 8.65
CA MET A 582 -0.04 -29.69 9.90
C MET A 582 0.93 -29.44 11.06
N PRO A 583 0.51 -28.60 12.03
CA PRO A 583 1.41 -28.24 13.14
C PRO A 583 1.99 -29.42 13.89
N ASP A 584 1.28 -30.54 13.92
CA ASP A 584 1.72 -31.72 14.66
C ASP A 584 2.64 -32.61 13.83
N GLY A 585 2.98 -32.16 12.62
CA GLY A 585 3.86 -32.95 11.74
C GLY A 585 3.18 -33.88 10.74
N SER A 586 1.85 -34.01 10.84
CA SER A 586 1.11 -34.80 9.88
C SER A 586 0.90 -34.00 8.58
N ILE A 587 0.47 -34.70 7.54
CA ILE A 587 0.11 -34.09 6.28
C ILE A 587 -1.34 -34.43 5.91
N SER A 588 -2.21 -33.42 5.91
CA SER A 588 -3.60 -33.64 5.51
C SER A 588 -3.76 -33.69 4.01
N GLU A 589 -4.78 -34.37 3.53
CA GLU A 589 -4.93 -34.59 2.11
C GLU A 589 -6.41 -34.53 1.75
N GLU A 590 -6.76 -33.73 0.76
CA GLU A 590 -8.14 -33.74 0.29
C GLU A 590 -8.18 -33.60 -1.23
N VAL A 591 -8.82 -34.55 -1.92
CA VAL A 591 -9.06 -34.38 -3.36
C VAL A 591 -10.13 -33.30 -3.56
N LEU A 592 -9.84 -32.31 -4.41
CA LEU A 592 -10.78 -31.28 -4.77
C LEU A 592 -10.89 -31.22 -6.29
N GLU A 593 -12.10 -31.10 -6.80
CA GLU A 593 -12.26 -31.14 -8.24
C GLU A 593 -11.92 -29.80 -8.87
N LYS A 594 -11.78 -29.81 -10.19
CA LYS A 594 -11.68 -28.57 -10.96
C LYS A 594 -12.79 -27.60 -10.55
N GLY A 595 -12.44 -26.32 -10.39
CA GLY A 595 -13.43 -25.34 -10.00
C GLY A 595 -12.96 -24.38 -8.92
N VAL A 596 -13.92 -23.56 -8.49
CA VAL A 596 -13.75 -22.56 -7.47
C VAL A 596 -13.92 -23.24 -6.11
N HIS A 597 -13.04 -22.95 -5.16
CA HIS A 597 -13.17 -23.49 -3.80
C HIS A 597 -12.75 -22.46 -2.79
N TYR A 598 -13.30 -22.56 -1.59
CA TYR A 598 -12.74 -21.84 -0.45
C TYR A 598 -12.03 -22.89 0.39
N VAL A 599 -10.78 -22.63 0.73
CA VAL A 599 -9.99 -23.59 1.50
C VAL A 599 -9.58 -22.98 2.82
N ASP A 600 -9.64 -23.78 3.86
CA ASP A 600 -9.24 -23.36 5.20
C ASP A 600 -7.74 -23.58 5.38
N VAL A 601 -7.03 -22.48 5.64
CA VAL A 601 -5.61 -22.53 5.98
C VAL A 601 -5.37 -21.72 7.25
N ALA A 602 -5.11 -22.44 8.34
CA ALA A 602 -4.77 -21.78 9.59
C ALA A 602 -3.36 -21.18 9.49
N LEU A 603 -3.10 -20.23 10.39
CA LEU A 603 -1.79 -19.56 10.52
C LEU A 603 -0.60 -20.48 10.56
N ASN A 604 -0.75 -21.61 11.26
CA ASN A 604 0.34 -22.53 11.47
C ASN A 604 0.33 -23.73 10.53
N GLU A 605 -0.38 -23.61 9.40
CA GLU A 605 -0.47 -24.66 8.38
C GLU A 605 0.10 -24.18 7.05
N VAL A 606 0.80 -25.05 6.32
CA VAL A 606 1.41 -24.61 5.05
C VAL A 606 0.70 -25.39 3.94
N PRO A 607 0.00 -24.69 3.04
CA PRO A 607 -0.80 -25.41 2.08
C PRO A 607 -0.12 -25.54 0.71
N LEU A 608 -0.49 -26.60 -0.02
CA LEU A 608 -0.15 -26.66 -1.45
C LEU A 608 -1.10 -27.63 -2.18
N PHE A 609 -1.02 -27.65 -3.50
CA PHE A 609 -1.86 -28.54 -4.29
C PHE A 609 -1.04 -29.37 -5.22
N ILE A 610 -1.29 -30.68 -5.22
CA ILE A 610 -0.60 -31.59 -6.11
C ILE A 610 -1.52 -31.92 -7.28
N ARG A 611 -1.05 -31.62 -8.49
CA ARG A 611 -1.82 -31.86 -9.72
C ARG A 611 -2.22 -33.33 -9.93
N SER A 612 -3.36 -33.53 -10.60
CA SER A 612 -3.81 -34.83 -11.05
C SER A 612 -2.68 -35.63 -11.72
N GLY A 613 -2.55 -36.90 -11.34
CA GLY A 613 -1.55 -37.79 -11.92
C GLY A 613 -0.10 -37.38 -11.68
N LYS A 614 0.16 -36.61 -10.63
CA LYS A 614 1.53 -36.25 -10.23
C LYS A 614 1.76 -36.65 -8.76
N CYS A 615 3.04 -36.62 -8.36
CA CYS A 615 3.42 -36.83 -6.95
C CYS A 615 4.71 -36.11 -6.59
N ILE A 616 4.96 -35.97 -5.30
CA ILE A 616 6.18 -35.31 -4.81
C ILE A 616 6.78 -36.08 -3.65
N PRO A 617 8.13 -36.08 -3.55
CA PRO A 617 8.74 -36.73 -2.37
C PRO A 617 8.84 -35.74 -1.19
N VAL A 618 8.57 -36.25 0.00
CA VAL A 618 8.57 -35.44 1.20
C VAL A 618 9.46 -36.12 2.21
N ALA A 619 10.50 -35.39 2.61
CA ALA A 619 11.45 -35.86 3.63
C ALA A 619 10.86 -35.67 5.03
N GLU A 620 11.40 -36.37 6.04
CA GLU A 620 11.15 -36.07 7.45
C GLU A 620 11.81 -34.73 7.82
N ALA A 621 11.27 -34.03 8.82
CA ALA A 621 11.76 -32.71 9.20
C ALA A 621 13.19 -32.79 9.73
N ALA A 622 14.06 -31.90 9.27
CA ALA A 622 15.42 -31.84 9.85
C ALA A 622 15.85 -30.40 9.99
N GLU A 623 16.82 -30.16 10.87
CA GLU A 623 17.18 -28.77 11.27
C GLU A 623 18.26 -28.10 10.44
N CYS A 624 18.84 -28.85 9.51
CA CYS A 624 19.70 -28.26 8.47
C CYS A 624 19.70 -29.11 7.21
N VAL A 625 20.08 -28.49 6.09
CA VAL A 625 20.12 -29.18 4.81
C VAL A 625 20.94 -30.50 4.87
N LYS A 626 22.08 -30.45 5.55
CA LYS A 626 23.00 -31.59 5.62
C LYS A 626 22.34 -32.82 6.28
N ASP A 627 21.44 -32.58 7.23
CA ASP A 627 20.81 -33.66 8.02
C ASP A 627 19.54 -34.23 7.38
N ILE A 628 19.10 -33.68 6.25
CA ILE A 628 17.87 -34.20 5.63
C ILE A 628 18.06 -35.65 5.13
N ASP A 629 17.20 -36.56 5.60
CA ASP A 629 17.27 -37.96 5.14
C ASP A 629 16.46 -38.10 3.85
N THR A 630 17.15 -38.23 2.73
CA THR A 630 16.49 -38.35 1.44
C THR A 630 16.46 -39.79 0.94
N GLU A 631 16.91 -40.72 1.78
CA GLU A 631 17.05 -42.11 1.38
C GLU A 631 15.70 -42.80 1.09
N ASN A 632 14.75 -42.66 2.01
CA ASN A 632 13.40 -43.19 1.79
C ASN A 632 12.29 -42.21 2.08
N MET A 633 12.25 -41.14 1.30
CA MET A 633 11.22 -40.13 1.46
C MET A 633 9.86 -40.67 1.11
N GLN A 634 8.86 -40.18 1.83
CA GLN A 634 7.47 -40.45 1.55
C GLN A 634 7.04 -39.74 0.25
N LEU A 635 6.21 -40.42 -0.54
CA LEU A 635 5.61 -39.81 -1.73
C LEU A 635 4.13 -39.54 -1.47
N ILE A 636 3.73 -38.33 -1.81
CA ILE A 636 2.41 -37.75 -1.59
C ILE A 636 1.87 -37.35 -2.97
N GLY A 637 0.61 -37.67 -3.25
CA GLY A 637 -0.01 -37.33 -4.53
C GLY A 637 -0.77 -38.53 -5.07
N TYR A 638 -0.71 -38.71 -6.38
CA TYR A 638 -1.55 -39.69 -7.06
C TYR A 638 -0.85 -41.03 -7.29
N GLU A 639 -1.51 -42.11 -6.84
CA GLU A 639 -1.08 -43.48 -7.08
CA GLU A 639 -1.01 -43.46 -7.08
C GLU A 639 -0.79 -43.69 -8.57
N GLY A 640 0.29 -44.40 -8.89
CA GLY A 640 0.65 -44.71 -10.27
C GLY A 640 1.42 -43.63 -11.01
N SER A 641 1.55 -42.45 -10.41
CA SER A 641 2.38 -41.41 -10.98
C SER A 641 3.86 -41.62 -10.62
N SER A 642 4.72 -40.92 -11.32
CA SER A 642 6.13 -40.98 -10.96
C SER A 642 6.71 -39.60 -10.89
N TYR A 643 7.84 -39.50 -10.23
CA TYR A 643 8.56 -38.24 -10.16
C TYR A 643 10.03 -38.51 -10.42
N THR A 644 10.68 -37.65 -11.21
CA THR A 644 12.09 -37.74 -11.44
C THR A 644 12.82 -36.81 -10.46
N LEU A 645 13.57 -37.42 -9.55
CA LEU A 645 14.32 -36.69 -8.53
C LEU A 645 15.75 -36.37 -8.99
N TYR A 646 16.09 -35.09 -9.11
CA TYR A 646 17.48 -34.69 -9.29
C TYR A 646 18.13 -34.52 -7.93
N GLU A 647 19.26 -35.20 -7.72
CA GLU A 647 20.11 -34.85 -6.58
C GLU A 647 21.59 -35.06 -6.83
N ASP A 648 22.38 -34.11 -6.34
CA ASP A 648 23.83 -34.18 -6.42
C ASP A 648 24.41 -33.83 -5.04
N ASP A 649 25.71 -33.57 -4.98
CA ASP A 649 26.33 -33.27 -3.70
C ASP A 649 25.95 -31.90 -3.13
N GLY A 650 25.39 -31.04 -3.98
CA GLY A 650 24.95 -29.69 -3.57
C GLY A 650 26.02 -28.62 -3.49
N ILE A 651 27.27 -28.99 -3.83
CA ILE A 651 28.44 -28.20 -3.53
C ILE A 651 29.19 -27.83 -4.82
N HIS A 652 29.35 -28.84 -5.68
CA HIS A 652 30.15 -28.73 -6.89
C HIS A 652 29.29 -28.50 -8.16
N LYS A 653 29.86 -28.65 -9.35
CA LYS A 653 29.09 -28.39 -10.55
C LYS A 653 29.02 -29.59 -11.48
N ASP A 654 28.90 -30.77 -10.88
CA ASP A 654 28.87 -32.05 -11.58
C ASP A 654 27.43 -32.36 -12.04
N TYR A 655 26.90 -31.49 -12.92
CA TYR A 655 25.47 -31.51 -13.25
C TYR A 655 25.02 -32.58 -14.24
N ASP A 656 25.90 -33.00 -15.15
CA ASP A 656 25.48 -33.89 -16.22
C ASP A 656 25.68 -35.39 -15.93
N LYS A 657 25.57 -35.81 -14.67
CA LYS A 657 25.70 -37.23 -14.34
C LYS A 657 24.34 -37.94 -14.42
N LYS A 658 24.30 -39.17 -14.91
CA LYS A 658 23.03 -39.92 -14.93
C LYS A 658 22.63 -40.38 -13.52
N GLU A 659 23.62 -40.51 -12.65
CA GLU A 659 23.40 -40.82 -11.24
C GLU A 659 22.65 -39.72 -10.49
N ASN A 660 22.59 -38.54 -11.08
CA ASN A 660 21.92 -37.39 -10.46
C ASN A 660 20.38 -37.55 -10.49
N TYR A 661 19.89 -38.36 -11.42
CA TYR A 661 18.47 -38.53 -11.65
C TYR A 661 18.03 -39.89 -11.15
N ARG A 662 16.96 -39.89 -10.38
CA ARG A 662 16.38 -41.12 -9.83
CA ARG A 662 16.38 -41.13 -9.88
C ARG A 662 14.85 -41.07 -10.01
N VAL A 663 14.28 -42.12 -10.62
CA VAL A 663 12.83 -42.15 -10.86
C VAL A 663 12.09 -42.81 -9.69
N LEU A 664 11.22 -42.03 -9.06
CA LEU A 664 10.41 -42.49 -7.93
C LEU A 664 8.96 -42.75 -8.39
N THR A 665 8.39 -43.88 -7.98
CA THR A 665 7.03 -44.19 -8.40
C THR A 665 6.17 -44.37 -7.17
N LYS A 666 5.06 -43.65 -7.12
CA LYS A 666 4.11 -43.83 -6.02
C LYS A 666 3.33 -45.15 -6.14
N ALA B 3 -29.32 0.04 32.49
CA ALA B 3 -29.07 -1.42 32.66
C ALA B 3 -28.21 -2.00 31.53
N MET B 4 -28.46 -1.54 30.29
CA MET B 4 -27.70 -2.04 29.15
C MET B 4 -26.43 -1.21 28.87
N ILE B 5 -26.43 0.06 29.29
CA ILE B 5 -25.21 0.89 29.30
C ILE B 5 -24.87 1.33 30.72
N ARG B 6 -23.60 1.16 31.08
CA ARG B 6 -23.05 1.68 32.35
C ARG B 6 -21.84 2.55 32.05
N LYS B 7 -21.68 3.62 32.85
CA LYS B 7 -20.57 4.54 32.71
C LYS B 7 -19.63 4.45 33.90
N TYR B 8 -18.34 4.22 33.61
CA TYR B 8 -17.32 4.12 34.66
C TYR B 8 -16.41 5.30 34.55
N ARG B 9 -16.42 6.15 35.59
CA ARG B 9 -15.68 7.39 35.58
C ARG B 9 -14.32 7.24 36.23
N TYR B 10 -13.28 7.72 35.55
CA TYR B 10 -11.96 7.77 36.17
C TYR B 10 -11.48 9.21 36.23
N GLY B 11 -11.04 9.63 37.42
CA GLY B 11 -10.47 10.97 37.60
C GLY B 11 -11.46 12.09 37.28
N ALA B 12 -10.97 13.17 36.68
CA ALA B 12 -11.83 14.32 36.33
C ALA B 12 -11.93 14.58 34.82
N PRO B 13 -12.79 13.82 34.10
CA PRO B 13 -12.85 13.89 32.63
C PRO B 13 -13.33 15.22 32.04
N PHE B 14 -12.66 15.69 30.99
CA PHE B 14 -13.16 16.82 30.20
C PHE B 14 -14.49 16.40 29.53
N ASP B 15 -15.47 17.29 29.55
CA ASP B 15 -16.77 16.99 28.95
C ASP B 15 -16.68 17.17 27.45
N THR B 16 -16.69 16.06 26.71
CA THR B 16 -16.61 16.09 25.24
C THR B 16 -17.95 16.37 24.58
N GLU B 17 -19.05 16.09 25.31
CA GLU B 17 -20.41 16.26 24.78
C GLU B 17 -20.70 15.23 23.67
N ALA B 18 -19.95 14.12 23.66
CA ALA B 18 -20.15 13.03 22.70
C ALA B 18 -21.55 12.41 22.80
N LEU B 19 -21.95 12.07 24.03
CA LEU B 19 -23.29 11.52 24.32
C LEU B 19 -24.37 12.59 24.51
N THR B 20 -25.57 12.32 24.03
CA THR B 20 -26.69 13.23 24.25
C THR B 20 -27.59 12.68 25.36
N GLU B 21 -27.28 11.49 25.85
CA GLU B 21 -28.02 10.88 26.95
C GLU B 21 -27.15 10.79 28.19
N LYS B 22 -27.70 11.24 29.31
CA LYS B 22 -27.01 11.16 30.59
C LYS B 22 -27.12 9.74 31.15
N ILE B 23 -25.97 9.11 31.38
CA ILE B 23 -25.91 7.82 32.07
C ILE B 23 -25.29 8.08 33.43
N GLU B 24 -25.88 7.51 34.48
CA GLU B 24 -25.35 7.67 35.83
C GLU B 24 -23.99 6.94 35.95
N THR B 25 -23.10 7.50 36.75
CA THR B 25 -21.81 6.91 37.07
C THR B 25 -22.02 5.60 37.86
N ALA B 26 -21.44 4.50 37.36
CA ALA B 26 -21.55 3.19 38.00
C ALA B 26 -20.62 3.08 39.21
N GLU B 27 -21.00 2.21 40.14
CA GLU B 27 -20.34 2.05 41.45
C GLU B 27 -19.43 0.83 41.56
N GLU B 28 -19.75 -0.22 40.80
CA GLU B 28 -19.12 -1.52 40.94
C GLU B 28 -17.73 -1.56 40.32
N ALA B 29 -17.02 -2.66 40.56
CA ALA B 29 -15.76 -2.94 39.85
C ALA B 29 -15.99 -2.93 38.33
N PHE B 30 -14.95 -2.56 37.59
CA PHE B 30 -15.06 -2.55 36.11
C PHE B 30 -15.34 -4.00 35.69
N PRO B 31 -16.33 -4.21 34.82
CA PRO B 31 -16.86 -5.57 34.65
C PRO B 31 -16.08 -6.51 33.71
N TYR B 32 -15.09 -5.99 32.97
CA TYR B 32 -14.28 -6.81 32.06
C TYR B 32 -12.80 -6.50 32.19
N GLY B 33 -11.97 -7.54 32.09
CA GLY B 33 -10.52 -7.36 32.13
C GLY B 33 -9.97 -6.75 33.41
N GLU B 34 -8.96 -5.88 33.25
CA GLU B 34 -8.26 -5.25 34.38
C GLU B 34 -7.97 -3.79 34.11
N ILE B 35 -8.17 -2.97 35.12
CA ILE B 35 -7.85 -1.55 35.00
C ILE B 35 -6.63 -1.26 35.87
N SER B 36 -5.66 -0.58 35.29
CA SER B 36 -4.50 -0.16 36.04
C SER B 36 -4.25 1.32 35.81
N GLN B 37 -3.82 2.00 36.88
CA GLN B 37 -3.52 3.42 36.80
C GLN B 37 -2.04 3.72 37.15
N LYS B 38 -1.26 2.65 37.32
CA LYS B 38 0.18 2.73 37.60
C LYS B 38 1.00 3.57 36.59
N GLU B 39 0.67 3.46 35.30
CA GLU B 39 1.49 4.10 34.28
C GLU B 39 0.69 5.14 33.49
N GLY B 40 -0.34 5.70 34.12
CA GLY B 40 -1.32 6.56 33.44
C GLY B 40 -2.65 5.82 33.52
N PHE B 41 -3.18 5.40 32.37
CA PHE B 41 -4.35 4.53 32.38
C PHE B 41 -4.19 3.37 31.40
N ALA B 42 -4.63 2.18 31.80
CA ALA B 42 -4.59 1.03 30.91
C ALA B 42 -5.69 0.04 31.24
N PHE B 43 -6.49 -0.28 30.23
CA PHE B 43 -7.45 -1.38 30.27
C PHE B 43 -6.87 -2.57 29.52
N THR B 44 -6.86 -3.73 30.16
CA THR B 44 -6.25 -4.95 29.62
C THR B 44 -7.24 -6.12 29.64
N TYR B 45 -7.37 -6.73 28.47
CA TYR B 45 -8.33 -7.78 28.24
C TYR B 45 -7.71 -8.92 27.42
N ILE B 46 -7.83 -10.14 27.93
CA ILE B 46 -7.40 -11.36 27.23
C ILE B 46 -8.56 -11.81 26.34
N MET B 47 -8.39 -11.71 25.01
CA MET B 47 -9.41 -12.19 24.06
C MET B 47 -9.37 -13.70 23.85
N ASP B 48 -10.54 -14.31 23.65
CA ASP B 48 -10.63 -15.68 23.11
C ASP B 48 -10.13 -15.72 21.65
N GLU B 49 -9.59 -16.87 21.23
CA GLU B 49 -8.99 -17.00 19.89
C GLU B 49 -9.93 -16.62 18.73
N ASP B 50 -11.23 -16.87 18.93
CA ASP B 50 -12.24 -16.61 17.91
C ASP B 50 -12.86 -15.21 17.96
N ASP B 51 -12.53 -14.42 19.00
CA ASP B 51 -13.07 -13.05 19.10
C ASP B 51 -12.75 -12.24 17.85
N ILE B 52 -13.71 -11.43 17.47
CA ILE B 52 -13.58 -10.45 16.44
C ILE B 52 -13.76 -9.14 17.16
N VAL B 53 -12.96 -8.16 16.80
CA VAL B 53 -13.06 -6.84 17.39
C VAL B 53 -13.46 -5.85 16.32
N TYR B 54 -14.67 -5.32 16.47
CA TYR B 54 -15.19 -4.32 15.56
C TYR B 54 -15.01 -2.89 16.06
N GLY B 55 -14.99 -1.93 15.16
CA GLY B 55 -15.15 -0.55 15.57
C GLY B 55 -14.07 0.39 15.04
N LEU B 56 -13.85 1.42 15.84
CA LEU B 56 -12.78 2.42 15.61
C LEU B 56 -13.06 3.29 14.43
N GLY B 57 -14.27 3.17 13.87
CA GLY B 57 -14.70 4.15 12.82
C GLY B 57 -13.68 4.29 11.69
N GLU B 58 -13.31 5.54 11.39
CA GLU B 58 -12.21 5.80 10.48
C GLU B 58 -10.84 5.54 11.12
N SER B 59 -10.33 4.33 10.93
CA SER B 59 -8.97 3.96 11.30
C SER B 59 -8.46 3.01 10.21
N ASN B 60 -7.18 2.66 10.31
CA ASN B 60 -6.53 1.82 9.35
C ASN B 60 -6.99 0.38 9.30
N ARG B 61 -6.62 -0.25 8.19
CA ARG B 61 -6.72 -1.70 7.99
C ARG B 61 -8.16 -2.16 7.83
N GLY B 62 -8.55 -3.24 8.51
CA GLY B 62 -9.80 -3.90 8.17
C GLY B 62 -10.95 -3.79 9.16
N ILE B 63 -12.02 -4.53 8.88
CA ILE B 63 -13.23 -4.50 9.69
C ILE B 63 -12.99 -5.21 11.03
N ASN B 64 -12.38 -6.38 10.99
CA ASN B 64 -11.86 -7.02 12.18
C ASN B 64 -10.52 -6.32 12.51
N LYS B 65 -10.49 -5.66 13.66
CA LYS B 65 -9.37 -4.78 14.02
C LYS B 65 -8.19 -5.53 14.62
N ARG B 66 -8.43 -6.78 15.02
CA ARG B 66 -7.35 -7.58 15.56
C ARG B 66 -6.06 -7.62 14.70
N GLY B 67 -4.93 -7.63 15.41
CA GLY B 67 -3.60 -7.81 14.81
C GLY B 67 -2.87 -6.54 14.41
N TYR B 68 -3.23 -5.40 14.99
CA TYR B 68 -2.43 -4.18 14.80
C TYR B 68 -2.68 -3.16 15.92
N CYS B 69 -2.09 -1.98 15.77
CA CYS B 69 -2.17 -0.92 16.75
C CYS B 69 -2.80 0.30 16.09
N TYR B 70 -3.74 0.90 16.82
CA TYR B 70 -4.46 2.08 16.34
C TYR B 70 -4.44 3.16 17.43
N ILE B 71 -4.01 4.35 17.06
CA ILE B 71 -3.89 5.39 18.05
C ILE B 71 -4.83 6.53 17.64
N SER B 72 -5.78 6.85 18.51
CA SER B 72 -6.66 7.99 18.30
C SER B 72 -5.99 9.32 18.58
N ASN B 73 -5.69 10.03 17.49
CA ASN B 73 -4.86 11.22 17.50
C ASN B 73 -4.97 11.79 16.13
N CYS B 74 -5.95 12.67 15.97
CA CYS B 74 -6.27 13.28 14.67
C CYS B 74 -5.02 13.81 14.02
N THR B 75 -4.67 13.22 12.89
CA THR B 75 -3.40 13.56 12.25
C THR B 75 -3.56 13.78 10.75
N ASP B 76 -2.94 14.82 10.24
CA ASP B 76 -2.90 15.08 8.82
C ASP B 76 -1.79 14.22 8.20
N ASP B 77 -2.14 13.01 7.74
CA ASP B 77 -1.17 12.17 7.05
C ASP B 77 -1.69 11.75 5.66
N PRO B 78 -1.07 12.22 4.55
CA PRO B 78 -1.66 11.88 3.25
C PRO B 78 -1.19 10.54 2.65
N ILE B 79 -0.52 9.72 3.44
CA ILE B 79 -0.02 8.46 2.92
C ILE B 79 -0.61 7.31 3.73
N HIS B 80 -1.75 6.77 3.30
CA HIS B 80 -2.47 5.78 4.12
C HIS B 80 -1.98 4.38 3.82
N THR B 81 -0.81 4.05 4.35
CA THR B 81 -0.23 2.73 4.18
C THR B 81 -0.49 1.92 5.42
N GLU B 82 -0.25 0.63 5.34
CA GLU B 82 -0.68 -0.30 6.37
C GLU B 82 -0.01 -0.08 7.72
N ASP B 83 1.16 0.55 7.72
CA ASP B 83 1.92 0.75 8.96
C ASP B 83 1.31 1.87 9.84
N LYS B 84 0.51 2.74 9.23
CA LYS B 84 0.04 3.95 9.88
C LYS B 84 -0.92 3.65 11.01
N ARG B 85 -0.64 4.26 12.14
CA ARG B 85 -1.36 4.03 13.37
C ARG B 85 -2.45 5.09 13.60
N SER B 86 -2.26 6.29 13.03
CA SER B 86 -3.21 7.37 13.26
C SER B 86 -3.57 8.08 11.97
N LEU B 87 -4.85 8.15 11.68
CA LEU B 87 -5.33 9.02 10.58
C LEU B 87 -6.16 10.13 11.20
N TYR B 88 -7.21 10.57 10.51
CA TYR B 88 -7.83 11.87 10.84
C TYR B 88 -8.88 11.80 11.93
N GLY B 89 -9.43 10.61 12.15
CA GLY B 89 -10.58 10.43 13.02
C GLY B 89 -10.22 9.73 14.31
N ALA B 90 -10.87 10.14 15.39
CA ALA B 90 -10.66 9.52 16.70
C ALA B 90 -12.00 9.02 17.13
N HIS B 91 -12.27 7.75 16.84
CA HIS B 91 -13.59 7.14 17.09
C HIS B 91 -13.45 5.97 18.05
N ASN B 92 -13.63 6.25 19.35
CA ASN B 92 -13.12 5.39 20.43
C ASN B 92 -14.09 4.33 20.89
N PHE B 93 -14.81 3.79 19.92
CA PHE B 93 -15.80 2.74 20.20
C PHE B 93 -15.37 1.38 19.65
N ILE B 94 -15.32 0.34 20.52
CA ILE B 94 -15.00 -0.99 20.02
C ILE B 94 -15.98 -2.02 20.56
N ILE B 95 -16.18 -3.11 19.80
CA ILE B 95 -17.00 -4.23 20.27
C ILE B 95 -16.20 -5.52 20.21
N VAL B 96 -16.06 -6.18 21.35
CA VAL B 96 -15.52 -7.51 21.37
C VAL B 96 -16.68 -8.44 21.16
N SER B 97 -16.56 -9.27 20.12
CA SER B 97 -17.63 -10.14 19.65
C SER B 97 -17.14 -11.59 19.55
N GLY B 98 -17.75 -12.47 20.35
CA GLY B 98 -17.29 -13.85 20.49
C GLY B 98 -18.12 -14.49 21.55
N LYS B 99 -17.53 -15.43 22.31
CA LYS B 99 -18.27 -16.12 23.38
C LYS B 99 -18.75 -15.11 24.41
N THR B 100 -17.89 -14.16 24.76
CA THR B 100 -18.21 -13.04 25.62
C THR B 100 -18.20 -11.82 24.70
N THR B 101 -19.32 -11.10 24.65
CA THR B 101 -19.46 -9.94 23.74
C THR B 101 -19.80 -8.66 24.54
N PHE B 102 -19.22 -7.52 24.18
CA PHE B 102 -19.47 -6.25 24.87
C PHE B 102 -18.85 -5.11 24.07
N GLY B 103 -19.41 -3.92 24.21
CA GLY B 103 -18.92 -2.72 23.59
C GLY B 103 -18.34 -1.85 24.66
N LEU B 104 -17.31 -1.09 24.27
CA LEU B 104 -16.69 -0.06 25.10
C LEU B 104 -16.58 1.24 24.33
N PHE B 105 -16.95 2.36 24.95
CA PHE B 105 -16.66 3.67 24.39
C PHE B 105 -15.77 4.42 25.37
N PHE B 106 -14.57 4.79 24.93
CA PHE B 106 -13.65 5.48 25.82
C PHE B 106 -13.82 6.94 25.52
N ASP B 107 -14.54 7.64 26.39
CA ASP B 107 -14.75 9.08 26.16
C ASP B 107 -13.57 9.84 26.74
N TYR B 108 -12.60 10.14 25.88
CA TYR B 108 -11.33 10.71 26.25
C TYR B 108 -10.86 11.47 25.05
N PRO B 109 -10.49 12.74 25.22
CA PRO B 109 -10.25 13.65 24.08
C PRO B 109 -8.79 13.74 23.59
N SER B 110 -7.89 12.92 24.15
CA SER B 110 -6.48 13.00 23.77
C SER B 110 -5.97 11.63 23.30
N LYS B 111 -4.64 11.49 23.20
CA LYS B 111 -3.99 10.39 22.51
C LYS B 111 -4.35 9.07 23.18
N LEU B 112 -5.07 8.21 22.47
CA LEU B 112 -5.54 6.94 23.03
C LEU B 112 -5.09 5.75 22.13
N THR B 113 -4.40 4.79 22.73
CA THR B 113 -3.71 3.73 22.00
C THR B 113 -4.46 2.44 22.23
N PHE B 114 -4.92 1.85 21.13
CA PHE B 114 -5.60 0.56 21.11
C PHE B 114 -4.59 -0.46 20.59
N ASP B 115 -4.02 -1.25 21.51
CA ASP B 115 -3.11 -2.30 21.12
C ASP B 115 -3.96 -3.54 21.01
N ILE B 116 -4.39 -3.84 19.79
CA ILE B 116 -5.34 -4.93 19.56
C ILE B 116 -4.62 -6.15 18.96
N GLY B 117 -3.99 -6.91 19.83
CA GLY B 117 -3.25 -8.05 19.41
C GLY B 117 -1.94 -7.73 18.75
N TYR B 118 -1.51 -6.45 18.76
CA TYR B 118 -0.22 -6.08 18.16
C TYR B 118 0.97 -6.69 18.92
N THR B 119 1.00 -6.46 20.23
CA THR B 119 2.06 -6.94 21.12
C THR B 119 1.98 -8.45 21.35
N ARG B 120 0.82 -8.91 21.79
CA ARG B 120 0.53 -10.34 22.05
C ARG B 120 -0.82 -10.65 21.42
N MET B 121 -0.92 -11.69 20.59
CA MET B 121 -2.13 -11.92 19.77
C MET B 121 -3.42 -11.98 20.61
N ASP B 122 -3.31 -12.51 21.82
CA ASP B 122 -4.50 -12.72 22.66
C ASP B 122 -4.87 -11.56 23.60
N THR B 123 -4.14 -10.45 23.50
CA THR B 123 -4.27 -9.39 24.49
C THR B 123 -4.75 -8.12 23.81
N LEU B 124 -5.83 -7.54 24.34
CA LEU B 124 -6.29 -6.19 23.94
C LEU B 124 -5.89 -5.21 25.05
N LYS B 125 -5.16 -4.16 24.68
CA LYS B 125 -4.75 -3.15 25.65
C LYS B 125 -5.04 -1.74 25.16
N VAL B 126 -5.88 -1.02 25.91
CA VAL B 126 -6.22 0.37 25.59
C VAL B 126 -5.59 1.23 26.68
N SER B 127 -4.81 2.22 26.27
CA SER B 127 -4.02 3.01 27.22
C SER B 127 -3.91 4.50 26.87
N CYS B 128 -3.81 5.34 27.90
CA CYS B 128 -3.58 6.76 27.73
C CYS B 128 -2.74 7.32 28.88
N GLU B 129 -2.25 8.55 28.71
CA GLU B 129 -1.32 9.18 29.63
C GLU B 129 -1.97 9.59 30.97
N ASN B 130 -3.19 10.12 30.90
CA ASN B 130 -3.95 10.54 32.11
C ASN B 130 -5.21 9.70 32.37
N ALA B 131 -5.45 9.33 33.62
CA ALA B 131 -6.64 8.54 33.97
C ALA B 131 -7.85 9.43 34.27
N ASP B 132 -8.17 10.30 33.32
CA ASP B 132 -9.29 11.21 33.40
C ASP B 132 -10.21 10.94 32.20
N LEU B 133 -11.12 9.97 32.35
CA LEU B 133 -12.01 9.57 31.25
C LEU B 133 -13.25 8.82 31.77
N ASP B 134 -14.27 8.72 30.91
CA ASP B 134 -15.42 7.89 31.15
C ASP B 134 -15.36 6.70 30.23
N ILE B 135 -15.64 5.51 30.78
CA ILE B 135 -15.72 4.36 29.92
C ILE B 135 -17.14 3.83 29.98
N TYR B 136 -17.79 3.83 28.82
CA TYR B 136 -19.10 3.20 28.68
C TYR B 136 -18.98 1.74 28.31
N VAL B 137 -19.55 0.87 29.16
CA VAL B 137 -19.66 -0.53 28.83
C VAL B 137 -21.07 -0.76 28.30
N ILE B 138 -21.17 -1.31 27.11
CA ILE B 138 -22.47 -1.60 26.51
C ILE B 138 -22.61 -3.11 26.36
N GLU B 139 -23.72 -3.61 26.87
CA GLU B 139 -24.07 -5.03 26.84
C GLU B 139 -25.17 -5.30 25.83
N GLY B 140 -25.23 -6.55 25.35
CA GLY B 140 -26.28 -6.96 24.45
C GLY B 140 -26.07 -8.36 23.93
N GLU B 141 -27.08 -8.88 23.22
CA GLU B 141 -27.02 -10.27 22.73
C GLU B 141 -25.91 -10.49 21.70
N ASN B 142 -25.69 -9.51 20.85
CA ASN B 142 -24.70 -9.60 19.79
C ASN B 142 -24.17 -8.21 19.41
N ALA B 143 -23.21 -8.17 18.51
CA ALA B 143 -22.49 -6.94 18.26
C ALA B 143 -23.42 -5.88 17.66
N TYR B 144 -24.34 -6.32 16.81
CA TYR B 144 -25.24 -5.38 16.10
C TYR B 144 -26.16 -4.69 17.12
N ASP B 145 -26.66 -5.48 18.10
CA ASP B 145 -27.48 -4.97 19.19
C ASP B 145 -26.70 -3.91 19.97
N ILE B 146 -25.45 -4.20 20.32
CA ILE B 146 -24.58 -3.24 21.02
C ILE B 146 -24.39 -1.95 20.19
N VAL B 147 -24.15 -2.11 18.90
CA VAL B 147 -23.93 -0.94 18.05
C VAL B 147 -25.17 -0.07 18.09
N LYS B 148 -26.33 -0.69 17.90
CA LYS B 148 -27.61 0.04 17.97
C LYS B 148 -27.90 0.76 19.29
N GLN B 149 -27.61 0.12 20.43
CA GLN B 149 -27.72 0.84 21.69
C GLN B 149 -26.80 2.07 21.77
N PHE B 150 -25.58 1.93 21.26
CA PHE B 150 -24.63 3.05 21.23
C PHE B 150 -25.14 4.19 20.32
N ARG B 151 -25.72 3.81 19.18
CA ARG B 151 -26.21 4.84 18.24
C ARG B 151 -27.33 5.69 18.86
N ARG B 152 -28.15 5.05 19.69
CA ARG B 152 -29.18 5.75 20.46
C ARG B 152 -28.62 6.84 21.40
N VAL B 153 -27.62 6.50 22.21
CA VAL B 153 -27.11 7.44 23.23
C VAL B 153 -26.23 8.57 22.68
N ILE B 154 -25.71 8.41 21.48
CA ILE B 154 -24.85 9.46 20.89
C ILE B 154 -25.60 10.51 20.05
N GLY B 155 -26.90 10.32 19.87
CA GLY B 155 -27.75 11.29 19.18
C GLY B 155 -27.85 10.97 17.69
N ARG B 156 -28.97 11.35 17.08
CA ARG B 156 -29.23 11.07 15.67
C ARG B 156 -28.11 11.61 14.75
N SER B 157 -27.78 10.82 13.71
CA SER B 157 -26.77 11.22 12.73
C SER B 157 -27.25 12.38 11.88
N TYR B 158 -26.30 13.22 11.48
CA TYR B 158 -26.49 14.25 10.49
C TYR B 158 -27.23 13.68 9.29
N ILE B 159 -28.18 14.44 8.78
CA ILE B 159 -28.93 14.01 7.61
C ILE B 159 -28.67 15.05 6.53
N PRO B 160 -28.12 14.62 5.37
CA PRO B 160 -27.83 15.62 4.29
C PRO B 160 -29.07 15.97 3.45
N PRO B 161 -29.03 17.09 2.70
CA PRO B 161 -30.05 17.32 1.67
C PRO B 161 -29.96 16.28 0.54
N LYS B 162 -31.09 15.99 -0.09
CA LYS B 162 -31.16 14.94 -1.10
C LYS B 162 -30.25 15.19 -2.30
N PHE B 163 -30.02 16.44 -2.69
CA PHE B 163 -29.14 16.66 -3.83
C PHE B 163 -27.75 16.07 -3.55
N ALA B 164 -27.41 15.93 -2.27
CA ALA B 164 -26.08 15.44 -1.89
C ALA B 164 -25.94 13.93 -2.13
N PHE B 165 -27.03 13.26 -2.50
CA PHE B 165 -26.96 11.89 -2.99
C PHE B 165 -26.69 11.78 -4.48
N GLY B 166 -26.46 12.90 -5.15
CA GLY B 166 -26.00 12.81 -6.51
C GLY B 166 -24.50 12.58 -6.55
N PHE B 167 -23.93 12.82 -7.72
CA PHE B 167 -22.49 12.71 -7.95
C PHE B 167 -21.85 14.11 -7.90
N GLY B 168 -20.64 14.16 -7.35
CA GLY B 168 -19.90 15.41 -7.22
C GLY B 168 -18.50 15.36 -7.82
N GLN B 169 -18.05 16.47 -8.37
CA GLN B 169 -16.73 16.55 -8.98
C GLN B 169 -15.90 17.68 -8.34
N SER B 170 -14.70 17.35 -7.85
CA SER B 170 -13.82 18.35 -7.21
C SER B 170 -12.39 18.22 -7.76
N ARG B 171 -11.65 19.33 -7.78
CA ARG B 171 -10.21 19.30 -7.95
C ARG B 171 -9.53 20.48 -7.29
N TRP B 172 -8.43 20.18 -6.59
CA TRP B 172 -7.55 21.20 -6.08
C TRP B 172 -6.89 21.79 -7.33
N GLY B 173 -7.40 22.95 -7.74
CA GLY B 173 -6.88 23.64 -8.91
C GLY B 173 -7.96 24.40 -9.63
N TYR B 174 -9.24 24.01 -9.48
CA TYR B 174 -10.28 24.79 -10.20
C TYR B 174 -10.27 26.17 -9.56
N THR B 175 -10.14 27.19 -10.40
CA THR B 175 -9.79 28.53 -9.92
C THR B 175 -10.70 29.61 -10.54
N THR B 176 -10.83 29.58 -11.86
CA THR B 176 -11.61 30.60 -12.56
C THR B 176 -13.00 30.10 -12.94
N LYS B 177 -13.86 31.04 -13.31
CA LYS B 177 -15.15 30.71 -13.89
C LYS B 177 -15.00 29.76 -15.10
N GLU B 178 -14.05 30.05 -16.01
CA GLU B 178 -13.69 29.14 -17.11
C GLU B 178 -13.45 27.69 -16.62
N ASP B 179 -12.64 27.52 -15.57
CA ASP B 179 -12.38 26.18 -14.99
C ASP B 179 -13.67 25.47 -14.62
N PHE B 180 -14.54 26.17 -13.90
CA PHE B 180 -15.82 25.60 -13.44
C PHE B 180 -16.78 25.36 -14.61
N ARG B 181 -16.80 26.27 -15.57
CA ARG B 181 -17.64 26.10 -16.76
C ARG B 181 -17.21 24.88 -17.59
N ALA B 182 -15.90 24.61 -17.65
CA ALA B 182 -15.39 23.46 -18.40
C ALA B 182 -15.81 22.15 -17.73
N VAL B 183 -15.82 22.13 -16.40
CA VAL B 183 -16.33 20.99 -15.67
C VAL B 183 -17.82 20.78 -15.96
N ALA B 184 -18.62 21.84 -15.82
CA ALA B 184 -20.05 21.84 -16.14
C ALA B 184 -20.32 21.28 -17.55
N LYS B 185 -19.63 21.82 -18.56
CA LYS B 185 -19.77 21.39 -19.95
CA LYS B 185 -19.79 21.38 -19.96
C LYS B 185 -19.38 19.93 -20.18
N GLY B 186 -18.23 19.55 -19.63
CA GLY B 186 -17.65 18.22 -19.79
C GLY B 186 -18.59 17.15 -19.28
N TYR B 187 -19.32 17.43 -18.21
CA TYR B 187 -20.35 16.48 -17.76
C TYR B 187 -21.65 16.59 -18.55
N ARG B 188 -22.16 17.82 -18.66
CA ARG B 188 -23.52 18.03 -19.17
C ARG B 188 -23.62 17.65 -20.66
N GLU B 189 -22.64 18.12 -21.47
CA GLU B 189 -22.67 17.85 -22.90
C GLU B 189 -22.48 16.38 -23.23
N ASN B 190 -21.88 15.64 -22.29
CA ASN B 190 -21.71 14.20 -22.43
C ASN B 190 -22.81 13.43 -21.73
N HIS B 191 -23.81 14.15 -21.22
CA HIS B 191 -24.98 13.55 -20.59
C HIS B 191 -24.60 12.64 -19.44
N ILE B 192 -23.54 13.01 -18.73
CA ILE B 192 -23.10 12.29 -17.55
C ILE B 192 -23.75 12.96 -16.35
N PRO B 193 -24.47 12.19 -15.53
CA PRO B 193 -25.15 12.83 -14.39
C PRO B 193 -24.18 13.44 -13.39
N ILE B 194 -24.61 14.54 -12.78
CA ILE B 194 -23.83 15.28 -11.80
C ILE B 194 -24.78 16.28 -11.05
N ASP B 195 -24.48 16.55 -9.79
CA ASP B 195 -25.24 17.55 -9.02
C ASP B 195 -24.35 18.63 -8.38
N MET B 196 -23.05 18.34 -8.22
CA MET B 196 -22.20 19.15 -7.36
C MET B 196 -20.85 19.31 -7.99
N ILE B 197 -20.32 20.51 -7.89
CA ILE B 197 -18.94 20.78 -8.20
C ILE B 197 -18.34 21.43 -6.94
N TYR B 198 -17.25 20.86 -6.45
CA TYR B 198 -16.58 21.37 -5.26
C TYR B 198 -15.63 22.47 -5.62
N MET B 199 -15.63 23.50 -4.77
CA MET B 199 -14.71 24.61 -4.89
C MET B 199 -13.61 24.45 -3.83
N ASP B 200 -12.38 24.25 -4.30
CA ASP B 200 -11.24 24.10 -3.44
C ASP B 200 -10.58 25.46 -3.17
N ILE B 201 -9.48 25.45 -2.44
CA ILE B 201 -8.97 26.69 -1.76
C ILE B 201 -8.71 27.85 -2.67
N ASP B 202 -8.56 27.57 -3.96
CA ASP B 202 -8.18 28.70 -4.86
C ASP B 202 -9.34 29.69 -5.12
N TYR B 203 -10.56 29.37 -4.71
CA TYR B 203 -11.72 30.29 -4.92
C TYR B 203 -11.72 31.49 -3.97
N MET B 204 -10.97 31.40 -2.85
CA MET B 204 -10.93 32.45 -1.84
C MET B 204 -9.98 33.55 -2.29
N GLN B 205 -10.04 34.71 -1.63
CA GLN B 205 -9.05 35.74 -1.90
C GLN B 205 -7.86 35.42 -1.02
N ASP B 206 -6.75 35.03 -1.67
CA ASP B 206 -5.48 34.68 -1.00
C ASP B 206 -5.71 33.74 0.15
N PHE B 207 -6.49 32.69 -0.06
CA PHE B 207 -6.73 31.66 0.99
C PHE B 207 -7.41 32.18 2.29
N LYS B 208 -8.06 33.33 2.21
CA LYS B 208 -8.81 33.86 3.36
C LYS B 208 -10.22 33.31 3.46
N ASP B 209 -10.48 32.61 4.58
CA ASP B 209 -11.78 32.11 4.94
C ASP B 209 -12.84 33.20 4.82
N PHE B 210 -13.95 32.85 4.15
CA PHE B 210 -15.16 33.67 4.08
C PHE B 210 -14.90 34.86 3.22
N THR B 211 -14.01 34.67 2.26
CA THR B 211 -13.85 35.60 1.17
C THR B 211 -13.97 34.80 -0.14
N VAL B 212 -14.19 35.52 -1.22
CA VAL B 212 -14.12 34.92 -2.55
CA VAL B 212 -14.18 34.96 -2.56
C VAL B 212 -13.22 35.83 -3.36
N ASN B 213 -12.46 35.23 -4.28
CA ASN B 213 -11.50 35.98 -5.08
C ASN B 213 -12.21 37.00 -5.97
N GLU B 214 -11.91 38.27 -5.73
CA GLU B 214 -12.59 39.40 -6.36
C GLU B 214 -12.30 39.58 -7.88
N LYS B 215 -11.10 39.21 -8.29
CA LYS B 215 -10.73 39.27 -9.70
C LYS B 215 -11.44 38.14 -10.46
N ASN B 216 -11.51 36.96 -9.87
CA ASN B 216 -12.10 35.83 -10.57
C ASN B 216 -13.61 35.79 -10.48
N PHE B 217 -14.17 36.25 -9.36
CA PHE B 217 -15.61 36.22 -9.19
C PHE B 217 -16.20 37.55 -8.73
N PRO B 218 -16.25 38.53 -9.64
CA PRO B 218 -16.79 39.85 -9.25
C PRO B 218 -18.31 39.88 -9.02
N ASP B 219 -19.02 38.86 -9.48
CA ASP B 219 -20.46 38.76 -9.21
C ASP B 219 -20.74 37.32 -8.88
N PHE B 220 -20.19 36.91 -7.75
CA PHE B 220 -20.31 35.54 -7.30
C PHE B 220 -21.77 35.07 -7.25
N PRO B 221 -22.69 35.92 -6.73
CA PRO B 221 -24.07 35.40 -6.72
C PRO B 221 -24.65 35.07 -8.11
N GLU B 222 -24.33 35.87 -9.14
CA GLU B 222 -24.66 35.56 -10.53
C GLU B 222 -24.10 34.21 -10.93
N PHE B 223 -22.85 33.95 -10.54
CA PHE B 223 -22.20 32.73 -11.01
C PHE B 223 -22.78 31.52 -10.33
N VAL B 224 -23.09 31.67 -9.04
CA VAL B 224 -23.70 30.57 -8.29
C VAL B 224 -25.03 30.18 -8.93
N LYS B 225 -25.81 31.18 -9.34
CA LYS B 225 -27.08 30.94 -10.01
C LYS B 225 -26.91 30.34 -11.41
N GLU B 226 -25.95 30.86 -12.18
CA GLU B 226 -25.58 30.22 -13.44
C GLU B 226 -25.42 28.71 -13.30
N MET B 227 -24.68 28.27 -12.29
CA MET B 227 -24.50 26.85 -12.05
C MET B 227 -25.78 26.16 -11.54
N LYS B 228 -26.45 26.82 -10.59
CA LYS B 228 -27.64 26.23 -9.96
C LYS B 228 -28.76 26.04 -10.98
N ASP B 229 -28.88 26.97 -11.92
CA ASP B 229 -29.85 26.85 -13.03
C ASP B 229 -29.63 25.61 -13.90
N GLN B 230 -28.45 25.00 -13.76
CA GLN B 230 -28.08 23.79 -14.48
C GLN B 230 -28.06 22.60 -13.54
N GLU B 231 -28.67 22.75 -12.36
CA GLU B 231 -28.64 21.74 -11.29
C GLU B 231 -27.21 21.34 -10.88
N LEU B 232 -26.34 22.34 -10.83
CA LEU B 232 -25.00 22.20 -10.27
C LEU B 232 -24.81 23.11 -9.06
N ARG B 233 -24.64 22.49 -7.91
CA ARG B 233 -24.50 23.23 -6.66
C ARG B 233 -23.02 23.32 -6.28
N LEU B 234 -22.50 24.54 -6.21
CA LEU B 234 -21.11 24.76 -5.81
C LEU B 234 -20.90 24.55 -4.33
N ILE B 235 -19.91 23.75 -3.99
CA ILE B 235 -19.68 23.34 -2.59
C ILE B 235 -18.29 23.83 -2.14
N PRO B 236 -18.22 25.05 -1.55
CA PRO B 236 -16.91 25.57 -1.21
C PRO B 236 -16.33 25.06 0.12
N ILE B 237 -15.01 25.03 0.13
CA ILE B 237 -14.22 24.63 1.29
C ILE B 237 -14.01 25.78 2.26
N ILE B 238 -13.91 25.42 3.55
CA ILE B 238 -13.45 26.36 4.59
C ILE B 238 -12.39 25.62 5.43
N ASP B 239 -11.26 26.27 5.67
CA ASP B 239 -10.18 25.75 6.53
C ASP B 239 -10.16 26.34 7.95
N ALA B 240 -9.48 25.64 8.85
CA ALA B 240 -9.38 26.05 10.24
C ALA B 240 -8.52 27.31 10.47
N GLY B 241 -7.49 27.49 9.63
CA GLY B 241 -6.60 28.65 9.75
C GLY B 241 -7.14 29.94 9.18
N VAL B 242 -7.30 30.94 10.04
CA VAL B 242 -7.66 32.30 9.64
C VAL B 242 -6.40 33.13 9.39
N LYS B 243 -6.25 33.67 8.18
CA LYS B 243 -5.03 34.37 7.75
C LYS B 243 -4.74 35.60 8.60
N VAL B 244 -3.50 35.72 9.06
CA VAL B 244 -3.04 36.91 9.75
C VAL B 244 -2.86 37.97 8.67
N GLU B 245 -3.73 38.98 8.64
CA GLU B 245 -3.65 40.07 7.63
C GLU B 245 -4.38 41.30 8.15
N LYS B 246 -3.68 42.43 8.18
CA LYS B 246 -4.21 43.71 8.66
C LYS B 246 -5.39 44.08 7.75
N GLY B 247 -6.52 44.44 8.35
CA GLY B 247 -7.66 44.89 7.54
C GLY B 247 -8.67 43.80 7.24
N TYR B 248 -8.22 42.53 7.27
CA TYR B 248 -9.09 41.39 7.03
C TYR B 248 -10.01 41.15 8.25
N GLU B 249 -11.31 41.37 8.06
CA GLU B 249 -12.26 41.48 9.17
C GLU B 249 -12.38 40.23 10.04
N VAL B 250 -12.26 39.04 9.46
CA VAL B 250 -12.27 37.83 10.26
C VAL B 250 -11.06 37.84 11.21
N TYR B 251 -9.89 38.22 10.69
CA TYR B 251 -8.70 38.32 11.53
C TYR B 251 -8.82 39.45 12.54
N GLU B 252 -9.20 40.68 12.11
CA GLU B 252 -9.32 41.75 13.09
C GLU B 252 -10.26 41.40 14.30
N GLU B 253 -11.45 40.90 13.99
CA GLU B 253 -12.44 40.56 15.02
C GLU B 253 -11.93 39.46 15.96
N GLY B 254 -11.22 38.48 15.43
CA GLY B 254 -10.73 37.33 16.25
C GLY B 254 -9.68 37.80 17.24
N VAL B 255 -8.87 38.76 16.80
CA VAL B 255 -7.84 39.36 17.67
C VAL B 255 -8.51 40.21 18.76
N LYS B 256 -9.32 41.21 18.34
CA LYS B 256 -9.94 42.17 19.24
CA LYS B 256 -9.94 42.17 19.25
C LYS B 256 -10.81 41.51 20.31
N ASN B 257 -11.46 40.42 19.93
CA ASN B 257 -12.36 39.75 20.83
C ASN B 257 -11.80 38.51 21.51
N ASN B 258 -10.51 38.25 21.33
CA ASN B 258 -9.89 37.08 21.96
C ASN B 258 -10.58 35.75 21.59
N TYR B 259 -10.90 35.59 20.32
CA TYR B 259 -11.55 34.37 19.83
C TYR B 259 -10.56 33.33 19.29
N PHE B 260 -9.27 33.68 19.26
CA PHE B 260 -8.23 32.77 18.79
C PHE B 260 -7.56 31.96 19.92
N CYS B 261 -7.04 30.80 19.55
CA CYS B 261 -6.17 30.02 20.42
C CYS B 261 -4.90 30.80 20.77
N LYS B 262 -4.55 30.76 22.05
CA LYS B 262 -3.44 31.56 22.53
C LYS B 262 -2.31 30.72 23.09
N ARG B 263 -1.10 31.28 23.03
CA ARG B 263 0.03 30.78 23.81
C ARG B 263 -0.23 30.99 25.32
N GLU B 264 0.54 30.31 26.17
CA GLU B 264 0.40 30.48 27.62
CA GLU B 264 0.44 30.48 27.62
C GLU B 264 0.46 31.95 28.05
N ASP B 265 1.32 32.74 27.42
CA ASP B 265 1.42 34.18 27.72
C ASP B 265 0.28 35.06 27.16
N GLY B 266 -0.71 34.43 26.54
CA GLY B 266 -1.88 35.17 26.03
C GLY B 266 -1.71 35.78 24.63
N SER B 267 -0.54 35.61 24.01
CA SER B 267 -0.38 35.98 22.61
C SER B 267 -1.14 34.99 21.69
N ASP B 268 -1.60 35.52 20.55
CA ASP B 268 -2.33 34.74 19.56
C ASP B 268 -1.39 33.79 18.82
N PHE B 269 -1.65 32.50 18.97
CA PHE B 269 -0.75 31.48 18.44
C PHE B 269 -0.75 31.47 16.91
N VAL B 270 0.46 31.39 16.34
CA VAL B 270 0.62 31.40 14.89
C VAL B 270 0.92 30.01 14.34
N ALA B 271 0.09 29.56 13.39
CA ALA B 271 0.38 28.33 12.65
C ALA B 271 0.36 28.70 11.19
N ALA B 272 1.39 28.29 10.43
CA ALA B 272 1.36 28.44 8.98
C ALA B 272 0.55 27.33 8.33
N VAL B 273 -0.35 27.73 7.44
CA VAL B 273 -1.06 26.81 6.55
C VAL B 273 -1.06 27.46 5.16
N TRP B 274 -2.09 27.25 4.35
CA TRP B 274 -2.08 27.81 2.97
C TRP B 274 -1.88 29.32 2.87
N PRO B 275 -2.50 30.13 3.78
CA PRO B 275 -2.29 31.58 3.70
C PRO B 275 -0.94 32.03 4.24
N GLY B 276 -0.10 31.08 4.65
CA GLY B 276 1.05 31.42 5.47
C GLY B 276 0.57 31.48 6.91
N ASP B 277 1.01 32.52 7.61
CA ASP B 277 0.66 32.74 9.00
C ASP B 277 -0.85 32.85 9.17
N THR B 278 -1.38 32.03 10.07
CA THR B 278 -2.79 32.02 10.50
C THR B 278 -2.92 31.96 12.02
N HIS B 279 -4.12 32.27 12.52
CA HIS B 279 -4.55 31.93 13.86
C HIS B 279 -5.72 30.94 13.76
N PHE B 280 -5.85 30.15 14.78
CA PHE B 280 -6.92 29.13 14.89
C PHE B 280 -8.06 29.64 15.78
N PRO B 281 -9.29 29.67 15.25
CA PRO B 281 -10.40 30.01 16.14
C PRO B 281 -10.44 29.03 17.29
N ASP B 282 -10.82 29.51 18.47
CA ASP B 282 -10.84 28.71 19.66
C ASP B 282 -12.15 27.90 19.64
N MET B 283 -12.11 26.76 18.95
CA MET B 283 -13.29 25.95 18.67
C MET B 283 -13.96 25.45 19.95
N LEU B 284 -13.22 25.46 21.05
CA LEU B 284 -13.76 24.94 22.32
C LEU B 284 -14.37 26.09 23.16
N ASN B 285 -14.30 27.31 22.65
CA ASN B 285 -14.93 28.43 23.35
C ASN B 285 -16.30 28.70 22.72
N PRO B 286 -17.42 28.54 23.47
CA PRO B 286 -18.72 28.69 22.84
C PRO B 286 -18.90 30.04 22.07
N GLU B 287 -18.42 31.16 22.61
CA GLU B 287 -18.64 32.43 21.89
C GLU B 287 -17.77 32.55 20.62
N ALA B 288 -16.54 32.02 20.67
CA ALA B 288 -15.71 31.93 19.44
C ALA B 288 -16.36 30.99 18.39
N ARG B 289 -16.90 29.86 18.85
CA ARG B 289 -17.65 28.95 17.98
C ARG B 289 -18.82 29.61 17.27
N LYS B 290 -19.60 30.38 18.02
CA LYS B 290 -20.73 31.08 17.43
C LYS B 290 -20.28 32.15 16.41
N TRP B 291 -19.28 32.95 16.77
CA TRP B 291 -18.71 33.97 15.84
C TRP B 291 -18.23 33.37 14.52
N PHE B 292 -17.40 32.32 14.62
CA PHE B 292 -16.90 31.61 13.45
C PHE B 292 -18.02 31.01 12.58
N GLY B 293 -18.90 30.22 13.21
CA GLY B 293 -20.06 29.65 12.51
C GLY B 293 -20.91 30.69 11.79
N ASP B 294 -21.22 31.81 12.46
CA ASP B 294 -22.10 32.80 11.85
C ASP B 294 -21.51 33.29 10.56
N LYS B 295 -20.18 33.19 10.40
CA LYS B 295 -19.54 33.76 9.15
C LYS B 295 -19.96 33.02 7.87
N TYR B 296 -20.43 31.78 8.01
CA TYR B 296 -21.02 31.04 6.88
C TYR B 296 -22.14 31.80 6.14
N ARG B 297 -22.80 32.72 6.86
CA ARG B 297 -23.84 33.61 6.32
CA ARG B 297 -23.88 33.52 6.25
C ARG B 297 -23.38 34.28 5.03
N PHE B 298 -22.10 34.67 5.00
CA PHE B 298 -21.50 35.32 3.84
C PHE B 298 -21.68 34.48 2.56
N LEU B 299 -21.56 33.16 2.69
CA LEU B 299 -21.71 32.28 1.55
C LEU B 299 -23.15 31.80 1.29
N ILE B 300 -23.87 31.45 2.36
CA ILE B 300 -25.27 31.05 2.28
C ILE B 300 -26.12 32.14 1.59
N ASP B 301 -25.84 33.42 1.92
CA ASP B 301 -26.57 34.54 1.35
C ASP B 301 -26.28 34.74 -0.14
N GLN B 302 -25.19 34.14 -0.63
CA GLN B 302 -24.92 34.15 -2.06
C GLN B 302 -25.43 32.91 -2.82
N GLY B 303 -26.12 31.98 -2.15
CA GLY B 303 -26.75 30.88 -2.89
C GLY B 303 -26.16 29.51 -2.59
N ILE B 304 -25.18 29.49 -1.66
CA ILE B 304 -24.42 28.30 -1.40
C ILE B 304 -25.26 27.47 -0.47
N GLU B 305 -25.32 26.16 -0.71
CA GLU B 305 -26.15 25.27 0.06
C GLU B 305 -25.36 24.14 0.70
N GLY B 306 -24.05 24.23 0.61
CA GLY B 306 -23.21 23.24 1.26
C GLY B 306 -21.77 23.62 1.29
N PHE B 307 -21.04 22.96 2.18
CA PHE B 307 -19.65 23.28 2.52
C PHE B 307 -18.89 22.03 2.86
N TRP B 308 -17.57 22.11 2.78
CA TRP B 308 -16.70 21.10 3.36
C TRP B 308 -15.56 21.79 4.12
N ASN B 309 -15.07 21.12 5.17
CA ASN B 309 -14.00 21.68 6.01
C ASN B 309 -12.78 20.78 5.93
N ALA B 310 -11.61 21.38 5.66
CA ALA B 310 -10.38 20.63 5.79
C ALA B 310 -9.39 21.26 6.77
N MET B 311 -8.26 20.57 6.98
CA MET B 311 -7.10 21.08 7.76
C MET B 311 -7.49 21.27 9.22
N ASN B 312 -8.51 20.54 9.68
CA ASN B 312 -9.10 20.82 10.99
C ASN B 312 -8.69 19.86 12.10
N GLU B 313 -7.51 19.26 11.96
CA GLU B 313 -6.85 18.45 12.98
C GLU B 313 -6.50 19.21 14.26
N PRO B 314 -6.04 20.48 14.20
CA PRO B 314 -5.75 21.37 13.05
C PRO B 314 -4.38 21.03 12.44
N ALA B 315 -4.26 21.16 11.13
CA ALA B 315 -3.01 20.87 10.45
C ALA B 315 -2.09 22.08 10.63
N ILE B 316 -0.80 21.83 10.81
CA ILE B 316 0.20 22.91 10.97
C ILE B 316 1.41 22.65 10.07
N PHE B 317 1.63 23.51 9.07
CA PHE B 317 2.80 23.34 8.21
C PHE B 317 4.07 23.61 9.01
N TYR B 318 3.99 24.62 9.88
CA TYR B 318 5.02 24.95 10.90
C TYR B 318 4.45 26.04 11.80
N SER B 319 5.03 26.20 12.99
CA SER B 319 4.73 27.35 13.86
C SER B 319 5.88 28.31 13.72
N SER B 320 5.72 29.54 14.25
CA SER B 320 6.82 30.50 14.32
C SER B 320 8.00 29.94 15.12
N GLU B 321 7.71 29.22 16.20
CA GLU B 321 8.78 28.61 17.00
C GLU B 321 9.56 27.57 16.19
N GLY B 322 8.81 26.69 15.52
CA GLY B 322 9.37 25.64 14.68
C GLY B 322 10.17 26.20 13.52
N LEU B 323 9.63 27.19 12.84
CA LEU B 323 10.35 27.81 11.74
C LEU B 323 11.71 28.33 12.22
N ALA B 324 11.72 29.04 13.35
CA ALA B 324 12.95 29.64 13.90
C ALA B 324 13.99 28.59 14.25
N GLU B 325 13.55 27.54 14.92
CA GLU B 325 14.38 26.37 15.16
C GLU B 325 14.94 25.78 13.87
N ALA B 326 14.06 25.49 12.91
CA ALA B 326 14.50 24.91 11.63
C ALA B 326 15.54 25.82 10.94
N LYS B 327 15.30 27.13 10.93
CA LYS B 327 16.25 28.05 10.32
C LYS B 327 17.61 28.08 11.06
N GLU B 328 17.57 28.05 12.37
CA GLU B 328 18.80 28.02 13.17
C GLU B 328 19.61 26.78 12.83
N PHE B 329 18.94 25.62 12.78
CA PHE B 329 19.60 24.35 12.47
C PHE B 329 20.20 24.40 11.07
N ALA B 330 19.45 24.98 10.14
CA ALA B 330 19.90 25.15 8.76
C ALA B 330 21.17 25.98 8.66
N GLY B 331 21.26 27.02 9.49
CA GLY B 331 22.43 27.88 9.56
C GLY B 331 23.68 27.13 10.01
N GLU B 332 23.53 26.30 11.03
CA GLU B 332 24.58 25.41 11.52
C GLU B 332 25.03 24.43 10.43
N PHE B 333 24.08 23.68 9.86
CA PHE B 333 24.33 22.76 8.76
C PHE B 333 25.08 23.47 7.64
N ALA B 334 24.64 24.66 7.26
CA ALA B 334 25.29 25.45 6.21
C ALA B 334 26.76 25.79 6.50
N LYS B 335 27.06 26.11 7.75
CA LYS B 335 28.41 26.50 8.17
C LYS B 335 29.29 25.31 8.53
N ASP B 336 28.68 24.15 8.69
CA ASP B 336 29.37 22.93 9.09
C ASP B 336 30.43 22.51 8.06
N THR B 337 31.69 22.56 8.47
CA THR B 337 32.80 22.17 7.60
C THR B 337 33.48 20.89 8.12
N GLU B 338 32.86 20.27 9.12
CA GLU B 338 33.47 19.14 9.84
C GLU B 338 32.65 17.85 9.73
N GLY B 339 31.61 17.86 8.90
CA GLY B 339 30.72 16.72 8.75
C GLY B 339 30.03 16.26 10.02
N LYS B 340 29.75 17.17 10.94
CA LYS B 340 29.06 16.81 12.18
C LYS B 340 27.55 16.80 12.04
N ILE B 341 27.05 17.56 11.05
CA ILE B 341 25.63 17.64 10.78
C ILE B 341 25.37 17.03 9.41
N HIS B 342 24.76 15.84 9.41
CA HIS B 342 24.50 15.08 8.18
C HIS B 342 23.22 15.55 7.53
N PRO B 343 23.16 15.51 6.18
CA PRO B 343 21.93 15.92 5.49
C PRO B 343 20.67 15.22 6.00
N TRP B 344 20.78 13.98 6.48
CA TRP B 344 19.57 13.31 7.00
C TRP B 344 19.01 13.99 8.24
N ALA B 345 19.89 14.57 9.06
CA ALA B 345 19.46 15.30 10.25
C ALA B 345 18.78 16.60 9.86
N MET B 346 19.26 17.21 8.77
CA MET B 346 18.67 18.44 8.26
C MET B 346 17.27 18.06 7.75
N GLN B 347 17.20 16.93 7.02
CA GLN B 347 15.96 16.41 6.49
C GLN B 347 14.94 16.08 7.60
N ALA B 348 15.39 15.41 8.66
CA ALA B 348 14.53 15.05 9.80
C ALA B 348 13.94 16.31 10.46
N LYS B 349 14.76 17.34 10.65
CA LYS B 349 14.27 18.58 11.27
C LYS B 349 13.17 19.26 10.44
N MET B 350 13.34 19.31 9.11
CA MET B 350 12.33 19.88 8.23
C MET B 350 11.00 19.13 8.29
N LYS B 351 11.06 17.82 8.49
CA LYS B 351 9.87 17.00 8.61
CA LYS B 351 9.87 17.00 8.61
C LYS B 351 9.24 17.15 10.00
N ASP B 352 10.07 17.16 11.03
CA ASP B 352 9.63 17.29 12.42
C ASP B 352 8.82 18.57 12.72
N ILE B 353 9.05 19.67 11.98
CA ILE B 353 8.28 20.89 12.25
C ILE B 353 6.83 20.86 11.74
N VAL B 354 6.50 19.84 10.97
CA VAL B 354 5.14 19.71 10.39
C VAL B 354 4.26 18.88 11.31
N ASN B 355 3.11 19.43 11.70
CA ASN B 355 2.19 18.71 12.58
C ASN B 355 2.89 18.19 13.86
N SER B 356 3.73 19.04 14.43
CA SER B 356 4.61 18.67 15.54
C SER B 356 3.84 18.45 16.85
N PRO B 357 4.11 17.33 17.56
CA PRO B 357 3.49 17.24 18.88
C PRO B 357 3.88 18.42 19.78
N GLU B 358 5.05 19.02 19.53
CA GLU B 358 5.46 20.15 20.35
C GLU B 358 4.58 21.37 20.13
N ASP B 359 4.15 21.61 18.89
CA ASP B 359 3.25 22.71 18.61
C ASP B 359 1.88 22.52 19.25
N TYR B 360 1.42 21.28 19.32
CA TYR B 360 0.11 21.00 19.89
C TYR B 360 0.08 21.25 21.42
N LYS B 361 1.26 21.37 22.03
CA LYS B 361 1.39 21.78 23.45
C LYS B 361 1.63 23.29 23.61
N ARG B 362 1.74 24.00 22.49
CA ARG B 362 2.10 25.42 22.54
C ARG B 362 0.91 26.38 22.60
N PHE B 363 -0.30 25.88 22.38
CA PHE B 363 -1.49 26.74 22.47
C PHE B 363 -2.62 26.12 23.32
N TYR B 364 -3.57 26.98 23.68
CA TYR B 364 -4.57 26.72 24.71
C TYR B 364 -5.97 27.00 24.25
N HIS B 365 -6.94 26.29 24.81
CA HIS B 365 -8.34 26.64 24.65
C HIS B 365 -8.86 27.32 25.91
N ASN B 366 -9.65 28.37 25.72
CA ASN B 366 -10.31 29.08 26.81
C ASN B 366 -11.76 28.63 26.89
N VAL B 367 -12.02 27.73 27.83
CA VAL B 367 -13.33 27.13 28.02
C VAL B 367 -13.97 27.77 29.27
N ASN B 368 -14.79 28.80 29.04
CA ASN B 368 -15.44 29.58 30.11
C ASN B 368 -14.42 30.10 31.14
N GLY B 369 -13.39 30.81 30.67
CA GLY B 369 -12.36 31.37 31.54
C GLY B 369 -11.21 30.44 31.94
N LYS B 370 -11.43 29.13 31.88
CA LYS B 370 -10.41 28.11 32.21
C LYS B 370 -9.57 27.71 30.99
N LYS B 371 -8.25 27.84 31.10
CA LYS B 371 -7.37 27.54 29.98
C LYS B 371 -6.99 26.05 30.00
N ILE B 372 -7.11 25.41 28.84
CA ILE B 372 -6.66 24.02 28.71
C ILE B 372 -5.72 23.85 27.52
N ARG B 373 -4.57 23.24 27.77
CA ARG B 373 -3.54 23.07 26.77
C ARG B 373 -4.08 22.17 25.66
N HIS B 374 -3.81 22.54 24.41
CA HIS B 374 -4.52 21.92 23.29
C HIS B 374 -4.35 20.39 23.19
N ASP B 375 -3.15 19.89 23.50
CA ASP B 375 -2.87 18.49 23.31
C ASP B 375 -3.79 17.66 24.20
N LYS B 376 -4.18 18.22 25.34
CA LYS B 376 -5.04 17.51 26.31
C LYS B 376 -6.44 17.31 25.70
N VAL B 377 -6.81 18.13 24.71
CA VAL B 377 -8.15 18.00 24.09
C VAL B 377 -8.06 17.98 22.55
N HIS B 378 -6.92 17.50 22.06
CA HIS B 378 -6.56 17.62 20.63
C HIS B 378 -7.64 17.07 19.71
N ASN B 379 -8.19 15.92 20.08
CA ASN B 379 -9.17 15.24 19.24
C ASN B 379 -10.56 15.88 19.16
N LEU B 380 -10.76 17.03 19.84
CA LEU B 380 -12.04 17.74 19.78
C LEU B 380 -12.09 18.91 18.85
N PHE B 381 -10.95 19.28 18.26
CA PHE B 381 -10.90 20.49 17.49
C PHE B 381 -11.76 20.44 16.21
N GLY B 382 -11.58 19.41 15.37
CA GLY B 382 -12.29 19.31 14.10
C GLY B 382 -13.77 19.19 14.32
N TYR B 383 -14.10 18.30 15.27
CA TYR B 383 -15.44 18.09 15.84
C TYR B 383 -16.10 19.45 16.10
N ASN B 384 -15.45 20.26 16.93
CA ASN B 384 -16.03 21.52 17.33
C ASN B 384 -16.05 22.56 16.24
N MET B 385 -15.15 22.46 15.27
CA MET B 385 -15.23 23.31 14.09
C MET B 385 -16.50 23.00 13.26
N THR B 386 -16.78 21.72 13.08
CA THR B 386 -17.95 21.29 12.30
C THR B 386 -19.22 21.62 13.08
N ARG B 387 -19.17 21.44 14.40
CA ARG B 387 -20.26 21.86 15.26
C ARG B 387 -20.55 23.37 15.15
N ALA B 388 -19.50 24.18 14.97
CA ALA B 388 -19.70 25.62 14.84
C ALA B 388 -20.55 25.89 13.61
N ALA B 389 -20.24 25.17 12.52
CA ALA B 389 -20.98 25.31 11.30
C ALA B 389 -22.41 24.79 11.43
N GLY B 390 -22.59 23.60 11.97
CA GLY B 390 -23.93 23.04 12.07
C GLY B 390 -24.87 23.86 12.93
N GLU B 391 -24.36 24.35 14.05
CA GLU B 391 -25.17 25.15 14.99
C GLU B 391 -25.54 26.48 14.34
N ALA B 392 -24.62 27.02 13.54
CA ALA B 392 -24.89 28.23 12.78
C ALA B 392 -25.99 28.03 11.74
N PHE B 393 -25.95 26.93 10.99
CA PHE B 393 -26.98 26.65 9.99
C PHE B 393 -28.38 26.64 10.64
N GLU B 394 -28.46 26.18 11.87
CA GLU B 394 -29.73 26.13 12.58
C GLU B 394 -30.24 27.54 12.88
N ARG B 395 -29.34 28.44 13.24
CA ARG B 395 -29.71 29.84 13.54
C ARG B 395 -30.01 30.57 12.25
N ILE B 396 -29.27 30.24 11.21
CA ILE B 396 -29.40 30.99 9.95
C ILE B 396 -30.70 30.56 9.21
N ASP B 397 -30.94 29.25 9.08
CA ASP B 397 -32.18 28.79 8.44
C ASP B 397 -32.57 27.46 9.01
N PRO B 398 -33.34 27.47 10.12
CA PRO B 398 -33.62 26.21 10.81
C PRO B 398 -34.43 25.18 10.04
N GLU B 399 -35.13 25.58 8.98
CA GLU B 399 -35.94 24.59 8.24
C GLU B 399 -35.14 23.83 7.19
N LYS B 400 -33.94 24.30 6.88
CA LYS B 400 -33.19 23.84 5.73
C LYS B 400 -31.99 22.94 6.07
N ARG B 401 -31.88 21.82 5.34
CA ARG B 401 -30.67 20.99 5.37
C ARG B 401 -29.57 21.58 4.51
N PHE B 402 -28.37 21.65 5.07
CA PHE B 402 -27.16 22.04 4.32
C PHE B 402 -26.26 20.84 4.14
N LEU B 403 -25.60 20.76 2.99
CA LEU B 403 -24.52 19.77 2.85
C LEU B 403 -23.31 20.21 3.72
N MET B 404 -22.81 19.29 4.56
CA MET B 404 -21.68 19.58 5.43
C MET B 404 -20.88 18.32 5.71
N PHE B 405 -19.57 18.36 5.50
CA PHE B 405 -18.71 17.25 5.97
C PHE B 405 -17.30 17.76 6.20
N SER B 406 -16.54 16.98 6.97
CA SER B 406 -15.27 17.39 7.57
CA SER B 406 -15.21 17.44 7.34
C SER B 406 -14.19 16.32 7.36
N ARG B 407 -12.93 16.67 7.58
CA ARG B 407 -11.85 15.69 7.49
C ARG B 407 -11.64 15.02 8.83
N SER B 408 -11.25 15.81 9.84
CA SER B 408 -11.04 15.27 11.22
CA SER B 408 -11.07 15.21 11.21
C SER B 408 -12.34 15.24 12.04
N SER B 409 -12.48 14.29 12.98
CA SER B 409 -13.73 14.21 13.68
C SER B 409 -13.53 13.37 14.93
N TYR B 410 -14.53 13.41 15.82
CA TYR B 410 -14.56 12.65 17.04
C TYR B 410 -16.03 12.32 17.23
N ILE B 411 -16.35 11.25 17.93
CA ILE B 411 -17.76 10.89 18.10
C ILE B 411 -18.57 11.96 18.83
N GLY B 412 -19.73 12.31 18.27
CA GLY B 412 -20.45 13.54 18.66
C GLY B 412 -20.50 14.49 17.47
N MET B 413 -19.42 14.55 16.69
CA MET B 413 -19.46 15.35 15.45
C MET B 413 -20.42 14.80 14.40
N HIS B 414 -20.75 13.50 14.51
CA HIS B 414 -21.62 12.86 13.53
C HIS B 414 -23.04 13.45 13.53
N ARG B 415 -23.38 14.20 14.59
CA ARG B 415 -24.66 14.91 14.64
C ARG B 415 -24.72 16.12 13.71
N TYR B 416 -23.56 16.65 13.36
CA TYR B 416 -23.48 17.98 12.67
C TYR B 416 -22.97 17.95 11.24
N GLY B 417 -22.34 16.86 10.82
CA GLY B 417 -21.70 16.83 9.49
C GLY B 417 -21.26 15.42 9.13
N GLY B 418 -21.04 15.17 7.83
CA GLY B 418 -20.41 13.92 7.41
C GLY B 418 -18.89 13.99 7.54
N ILE B 419 -18.22 12.96 7.04
CA ILE B 419 -16.77 13.01 6.82
C ILE B 419 -16.51 12.32 5.50
N TRP B 420 -15.44 12.74 4.87
CA TRP B 420 -14.86 12.02 3.77
C TRP B 420 -13.56 11.46 4.31
N MET B 421 -13.02 10.45 3.61
CA MET B 421 -11.91 9.67 4.14
C MET B 421 -10.54 10.31 3.89
N GLY B 422 -10.53 11.58 3.53
CA GLY B 422 -9.30 12.35 3.53
C GLY B 422 -8.45 12.00 2.34
N ASP B 423 -7.14 12.20 2.47
CA ASP B 423 -6.23 12.19 1.32
C ASP B 423 -5.77 10.76 1.05
N ASN B 424 -6.56 10.06 0.25
CA ASN B 424 -6.23 8.71 -0.19
C ASN B 424 -5.37 8.81 -1.46
N LYS B 425 -5.13 7.67 -2.09
CA LYS B 425 -4.23 7.61 -3.26
C LYS B 425 -4.87 6.84 -4.40
N SER B 426 -4.38 7.11 -5.62
CA SER B 426 -4.76 6.32 -6.79
C SER B 426 -4.13 4.94 -6.77
N TRP B 427 -4.54 4.13 -5.77
CA TRP B 427 -4.05 2.78 -5.56
C TRP B 427 -5.27 1.88 -5.50
N TRP B 428 -5.17 0.71 -6.12
CA TRP B 428 -6.26 -0.31 -6.02
C TRP B 428 -6.56 -0.73 -4.58
N SER B 429 -5.52 -0.73 -3.74
CA SER B 429 -5.74 -1.10 -2.32
C SER B 429 -6.64 -0.11 -1.56
N HIS B 430 -6.68 1.14 -2.05
CA HIS B 430 -7.56 2.15 -1.45
C HIS B 430 -9.06 2.03 -1.80
N ILE B 431 -9.41 1.23 -2.83
CA ILE B 431 -10.80 0.85 -3.04
C ILE B 431 -11.24 -0.02 -1.85
N LEU B 432 -10.43 -1.02 -1.53
CA LEU B 432 -10.76 -1.90 -0.42
C LEU B 432 -10.77 -1.14 0.90
N LEU B 433 -9.80 -0.26 1.11
CA LEU B 433 -9.73 0.57 2.32
C LEU B 433 -11.02 1.41 2.49
N ASN B 434 -11.42 2.09 1.43
CA ASN B 434 -12.71 2.79 1.34
C ASN B 434 -13.88 1.90 1.70
N LEU B 435 -13.90 0.67 1.20
CA LEU B 435 -15.00 -0.23 1.50
C LEU B 435 -15.02 -0.59 3.00
N LYS B 436 -13.86 -0.95 3.52
CA LYS B 436 -13.79 -1.46 4.89
C LYS B 436 -14.06 -0.41 5.97
N MET B 437 -13.75 0.84 5.69
CA MET B 437 -14.03 1.88 6.67
C MET B 437 -15.54 2.12 6.83
N LEU B 438 -16.32 1.86 5.79
CA LEU B 438 -17.75 2.17 5.79
C LEU B 438 -18.56 1.60 6.96
N PRO B 439 -18.51 0.28 7.18
CA PRO B 439 -19.36 -0.12 8.27
C PRO B 439 -18.89 0.45 9.60
N SER B 440 -17.58 0.51 9.77
CA SER B 440 -17.01 1.04 11.01
C SER B 440 -17.44 2.47 11.25
N LEU B 441 -17.43 3.31 10.22
CA LEU B 441 -17.95 4.66 10.36
C LEU B 441 -19.44 4.66 10.79
N ASN B 442 -20.22 3.70 10.29
CA ASN B 442 -21.63 3.57 10.65
C ASN B 442 -21.85 3.22 12.13
N MET B 443 -20.99 2.35 12.67
CA MET B 443 -21.07 1.99 14.08
C MET B 443 -20.89 3.19 15.00
N CYS B 444 -20.20 4.22 14.50
CA CYS B 444 -19.83 5.41 15.26
C CYS B 444 -20.68 6.64 14.92
N GLY B 445 -21.70 6.44 14.08
CA GLY B 445 -22.72 7.43 13.82
C GLY B 445 -22.47 8.25 12.57
N PHE B 446 -21.36 7.98 11.87
CA PHE B 446 -20.99 8.71 10.65
C PHE B 446 -21.48 7.94 9.42
N MET B 447 -22.71 8.20 9.00
CA MET B 447 -23.25 7.48 7.86
C MET B 447 -23.03 8.21 6.54
N TYR B 448 -23.04 9.53 6.58
CA TYR B 448 -22.78 10.25 5.37
C TYR B 448 -21.28 10.31 5.14
N THR B 449 -20.78 9.34 4.37
CA THR B 449 -19.34 9.22 4.18
C THR B 449 -19.00 8.61 2.82
N GLY B 450 -17.72 8.73 2.44
CA GLY B 450 -17.22 8.32 1.13
C GLY B 450 -15.74 8.67 1.06
N ALA B 451 -15.08 8.25 -0.02
CA ALA B 451 -13.65 8.54 -0.26
C ALA B 451 -13.47 9.31 -1.56
N ASP B 452 -12.29 9.90 -1.80
CA ASP B 452 -12.08 10.55 -3.09
C ASP B 452 -11.99 9.48 -4.20
N LEU B 453 -12.99 9.44 -5.06
CA LEU B 453 -13.05 8.42 -6.10
C LEU B 453 -12.02 8.68 -7.21
N GLY B 454 -11.29 7.62 -7.54
CA GLY B 454 -10.12 7.64 -8.41
C GLY B 454 -8.81 7.79 -7.67
N GLY B 455 -8.89 8.22 -6.40
CA GLY B 455 -7.69 8.44 -5.57
C GLY B 455 -7.29 9.90 -5.56
N PHE B 456 -7.14 10.48 -4.37
CA PHE B 456 -6.79 11.91 -4.30
C PHE B 456 -5.36 12.19 -4.84
N GLY B 457 -4.39 11.50 -4.23
CA GLY B 457 -2.98 11.65 -4.51
C GLY B 457 -2.57 10.69 -5.61
N ASP B 458 -1.43 10.99 -6.26
CA ASP B 458 -0.84 10.16 -7.33
C ASP B 458 -1.74 10.09 -8.59
N ASP B 459 -1.28 9.37 -9.63
CA ASP B 459 -1.97 9.38 -10.91
C ASP B 459 -2.85 8.16 -11.07
N THR B 460 -4.13 8.41 -11.35
CA THR B 460 -5.10 7.34 -11.58
C THR B 460 -4.96 6.74 -13.01
N THR B 461 -5.66 5.64 -13.26
CA THR B 461 -5.87 5.17 -14.62
C THR B 461 -7.38 5.11 -14.88
N ARG B 462 -7.76 5.02 -16.16
CA ARG B 462 -9.16 4.87 -16.56
C ARG B 462 -9.87 3.73 -15.78
N ASP B 463 -9.26 2.55 -15.74
CA ASP B 463 -9.87 1.39 -15.11
C ASP B 463 -9.97 1.51 -13.57
N LEU B 464 -8.95 2.09 -12.94
CA LEU B 464 -9.01 2.36 -11.51
C LEU B 464 -10.14 3.34 -11.21
N LEU B 465 -10.26 4.43 -11.98
CA LEU B 465 -11.36 5.36 -11.73
C LEU B 465 -12.74 4.67 -11.93
N LEU B 466 -12.90 3.87 -12.98
CA LEU B 466 -14.16 3.16 -13.16
C LEU B 466 -14.49 2.27 -11.97
N ARG B 467 -13.48 1.57 -11.44
CA ARG B 467 -13.78 0.64 -10.33
C ARG B 467 -14.06 1.39 -9.03
N PHE B 468 -13.35 2.49 -8.80
CA PHE B 468 -13.66 3.40 -7.68
C PHE B 468 -15.09 3.90 -7.79
N LEU B 469 -15.46 4.45 -8.95
CA LEU B 469 -16.82 4.89 -9.18
C LEU B 469 -17.88 3.82 -8.89
N ALA B 470 -17.60 2.56 -9.24
CA ALA B 470 -18.57 1.47 -9.03
C ALA B 470 -18.81 1.15 -7.56
N LEU B 471 -17.81 1.39 -6.71
CA LEU B 471 -18.00 1.38 -5.26
C LEU B 471 -18.75 2.66 -4.81
N GLY B 472 -18.35 3.80 -5.38
CA GLY B 472 -18.96 5.09 -5.01
C GLY B 472 -20.47 5.14 -5.24
N VAL B 473 -20.94 4.38 -6.24
CA VAL B 473 -22.36 4.25 -6.49
C VAL B 473 -23.14 4.08 -5.16
N PHE B 474 -22.61 3.26 -4.24
CA PHE B 474 -23.30 2.90 -3.01
C PHE B 474 -23.00 3.78 -1.79
N THR B 475 -22.02 4.67 -1.89
CA THR B 475 -21.59 5.43 -0.72
C THR B 475 -22.28 6.78 -0.75
N PRO B 476 -22.92 7.19 0.38
CA PRO B 476 -23.70 8.42 0.40
C PRO B 476 -22.95 9.61 -0.18
N LEU B 477 -21.70 9.84 0.23
CA LEU B 477 -20.84 10.78 -0.46
C LEU B 477 -20.20 10.08 -1.67
N MET B 478 -20.50 10.61 -2.87
CA MET B 478 -19.93 10.06 -4.09
C MET B 478 -19.28 11.23 -4.83
N ARG B 479 -17.98 11.36 -4.60
CA ARG B 479 -17.22 12.48 -5.11
C ARG B 479 -15.88 12.01 -5.68
N ASP B 480 -15.63 12.40 -6.91
CA ASP B 480 -14.34 12.27 -7.60
C ASP B 480 -13.58 13.55 -7.27
N HIS B 481 -12.47 13.40 -6.55
CA HIS B 481 -11.70 14.57 -6.14
C HIS B 481 -10.23 14.23 -6.35
N ALA B 482 -9.39 15.24 -6.48
CA ALA B 482 -7.97 15.04 -6.89
C ALA B 482 -7.06 16.17 -6.45
N ALA B 483 -5.80 15.80 -6.16
CA ALA B 483 -4.78 16.76 -5.75
C ALA B 483 -4.21 17.58 -6.91
N GLU B 484 -3.61 18.72 -6.58
CA GLU B 484 -2.93 19.51 -7.59
C GLU B 484 -1.75 18.68 -8.08
N GLY B 485 -1.44 18.89 -9.36
CA GLY B 485 -0.31 18.24 -9.99
C GLY B 485 -0.60 16.85 -10.54
N THR B 486 -1.75 16.26 -10.18
CA THR B 486 -2.06 14.85 -10.53
C THR B 486 -2.67 14.78 -11.93
N ARG B 487 -2.68 13.58 -12.52
CA ARG B 487 -3.28 13.39 -13.83
C ARG B 487 -4.76 13.79 -13.66
N GLU B 488 -5.34 14.45 -14.66
CA GLU B 488 -6.70 14.91 -14.53
C GLU B 488 -7.65 13.72 -14.48
N GLN B 489 -8.61 13.75 -13.55
CA GLN B 489 -9.46 12.58 -13.39
C GLN B 489 -10.98 12.79 -13.43
N GLU B 490 -11.41 13.92 -14.03
CA GLU B 490 -12.82 14.09 -14.40
C GLU B 490 -13.17 12.96 -15.38
N CYS B 491 -14.43 12.54 -15.39
CA CYS B 491 -14.85 11.42 -16.24
C CYS B 491 -14.58 11.67 -17.72
N TYR B 492 -14.65 12.93 -18.14
CA TYR B 492 -14.47 13.24 -19.55
C TYR B 492 -13.00 13.30 -20.00
N GLN B 493 -12.07 12.93 -19.11
CA GLN B 493 -10.65 12.96 -19.46
C GLN B 493 -10.16 11.65 -20.13
N PHE B 494 -11.06 10.72 -20.41
CA PHE B 494 -10.67 9.37 -20.81
C PHE B 494 -11.40 8.93 -22.06
N GLU B 495 -10.90 7.92 -22.78
CA GLU B 495 -11.58 7.44 -23.98
C GLU B 495 -12.88 6.77 -23.55
N ASN B 496 -13.82 6.69 -24.48
CA ASN B 496 -15.07 5.91 -24.33
C ASN B 496 -15.86 6.32 -23.09
N ILE B 497 -16.21 7.59 -23.09
CA ILE B 497 -16.89 8.24 -21.97
C ILE B 497 -18.24 7.56 -21.63
N GLU B 498 -18.84 6.87 -22.61
CA GLU B 498 -20.06 6.11 -22.36
C GLU B 498 -19.97 5.16 -21.16
N ASP B 499 -18.79 4.62 -20.88
CA ASP B 499 -18.64 3.73 -19.73
C ASP B 499 -18.79 4.45 -18.40
N PHE B 500 -18.37 5.72 -18.37
CA PHE B 500 -18.51 6.56 -17.19
C PHE B 500 -19.97 6.96 -17.01
N ARG B 501 -20.61 7.35 -18.11
CA ARG B 501 -22.06 7.59 -18.12
C ARG B 501 -22.83 6.39 -17.55
N SER B 502 -22.49 5.20 -18.03
CA SER B 502 -23.17 3.99 -17.59
C SER B 502 -23.06 3.78 -16.08
N VAL B 503 -21.86 3.96 -15.55
CA VAL B 503 -21.63 3.66 -14.13
C VAL B 503 -22.33 4.70 -13.26
N ILE B 504 -22.20 5.97 -13.65
CA ILE B 504 -22.86 7.04 -12.91
C ILE B 504 -24.42 6.96 -13.07
N ASN B 505 -24.90 6.50 -14.23
CA ASN B 505 -26.33 6.28 -14.41
C ASN B 505 -26.82 5.32 -13.33
N ALA B 506 -26.05 4.29 -13.05
CA ALA B 506 -26.44 3.30 -12.04
C ALA B 506 -26.66 3.97 -10.67
N ARG B 507 -25.79 4.90 -10.33
CA ARG B 507 -25.97 5.70 -9.11
C ARG B 507 -27.33 6.42 -9.09
N TYR B 508 -27.63 7.14 -10.16
CA TYR B 508 -28.85 7.93 -10.18
C TYR B 508 -30.09 7.03 -10.20
N ARG B 509 -29.98 5.88 -10.82
CA ARG B 509 -31.09 4.94 -10.87
C ARG B 509 -31.38 4.37 -9.49
N LEU B 510 -30.33 4.29 -8.66
CA LEU B 510 -30.47 3.81 -7.27
C LEU B 510 -30.65 4.90 -6.23
N VAL B 511 -30.59 6.16 -6.63
CA VAL B 511 -30.73 7.25 -5.64
C VAL B 511 -32.00 7.14 -4.78
N PRO B 512 -33.18 6.87 -5.38
CA PRO B 512 -34.37 6.76 -4.56
C PRO B 512 -34.23 5.68 -3.51
N TYR B 513 -33.74 4.51 -3.89
CA TYR B 513 -33.49 3.43 -2.94
C TYR B 513 -32.45 3.77 -1.84
N LEU B 514 -31.32 4.32 -2.25
CA LEU B 514 -30.20 4.64 -1.35
C LEU B 514 -30.56 5.73 -0.35
N TYR B 515 -31.12 6.82 -0.85
CA TYR B 515 -31.66 7.89 0.00
C TYR B 515 -32.71 7.36 0.97
N SER B 516 -33.59 6.51 0.48
CA SER B 516 -34.63 5.94 1.33
C SER B 516 -33.99 5.16 2.49
N GLU B 517 -33.05 4.28 2.17
CA GLU B 517 -32.35 3.51 3.21
C GLU B 517 -31.55 4.38 4.16
N TYR B 518 -30.92 5.44 3.64
CA TYR B 518 -30.21 6.42 4.49
C TYR B 518 -31.16 7.02 5.53
N MET B 519 -32.29 7.54 5.05
CA MET B 519 -33.26 8.21 5.93
C MET B 519 -33.84 7.20 6.92
N LYS B 520 -34.25 6.04 6.45
CA LYS B 520 -34.73 5.05 7.42
C LYS B 520 -33.67 4.77 8.50
N ALA B 521 -32.43 4.48 8.09
CA ALA B 521 -31.35 4.22 9.03
C ALA B 521 -31.12 5.39 10.01
N ALA B 522 -30.99 6.60 9.47
CA ALA B 522 -30.73 7.75 10.30
C ALA B 522 -31.81 8.01 11.33
N LEU B 523 -33.09 7.93 10.93
CA LEU B 523 -34.20 8.30 11.78
C LEU B 523 -34.43 7.22 12.84
N ASN B 524 -33.94 6.01 12.57
CA ASN B 524 -34.09 4.93 13.54
C ASN B 524 -32.79 4.55 14.27
N ASP B 525 -31.75 5.39 14.15
CA ASP B 525 -30.44 5.12 14.77
C ASP B 525 -29.92 3.73 14.36
N ASP B 526 -29.96 3.48 13.05
CA ASP B 526 -29.56 2.19 12.49
C ASP B 526 -28.44 2.45 11.44
N MET B 527 -27.88 1.36 10.94
CA MET B 527 -26.69 1.37 10.10
C MET B 527 -27.11 1.29 8.63
N TYR B 528 -26.48 2.10 7.79
CA TYR B 528 -26.73 2.03 6.37
C TYR B 528 -25.92 0.88 5.73
N PHE B 529 -24.63 0.83 6.05
CA PHE B 529 -23.80 -0.33 5.72
C PHE B 529 -23.61 -1.18 6.97
N LYS B 530 -23.54 -2.50 6.79
CA LYS B 530 -23.32 -3.43 7.88
C LYS B 530 -22.37 -4.55 7.44
N PRO B 531 -21.49 -5.03 8.37
CA PRO B 531 -20.75 -6.25 8.07
C PRO B 531 -21.69 -7.41 7.92
N LEU B 532 -21.32 -8.39 7.09
CA LEU B 532 -22.13 -9.59 6.95
C LEU B 532 -22.47 -10.25 8.28
N GLY B 533 -21.57 -10.21 9.24
CA GLY B 533 -21.80 -10.89 10.52
C GLY B 533 -22.95 -10.25 11.30
N PHE B 534 -23.23 -8.97 11.04
CA PHE B 534 -24.38 -8.29 11.70
C PHE B 534 -25.74 -8.83 11.21
N VAL B 535 -25.78 -9.25 9.94
CA VAL B 535 -26.99 -9.79 9.32
C VAL B 535 -27.04 -11.32 9.38
N TYR B 536 -25.88 -11.96 9.41
CA TYR B 536 -25.82 -13.43 9.44
C TYR B 536 -24.98 -13.92 10.61
N PRO B 537 -25.40 -13.59 11.85
CA PRO B 537 -24.60 -13.89 13.08
C PRO B 537 -24.23 -15.35 13.30
N ASP B 538 -25.01 -16.27 12.76
CA ASP B 538 -24.84 -17.70 13.04
C ASP B 538 -24.00 -18.41 11.97
N ASP B 539 -23.58 -17.68 10.94
CA ASP B 539 -22.86 -18.28 9.83
C ASP B 539 -21.38 -17.93 10.00
N LYS B 540 -20.61 -18.93 10.43
CA LYS B 540 -19.20 -18.75 10.81
C LYS B 540 -18.35 -18.22 9.66
N MET B 541 -18.76 -18.53 8.42
CA MET B 541 -18.06 -18.04 7.24
C MET B 541 -18.45 -16.59 6.95
N ALA B 542 -19.74 -16.28 7.12
CA ALA B 542 -20.24 -14.92 6.95
C ALA B 542 -19.58 -13.93 7.90
N ILE B 543 -19.44 -14.29 9.17
CA ILE B 543 -18.89 -13.35 10.15
C ILE B 543 -17.46 -12.86 9.80
N ARG B 544 -16.74 -13.60 8.96
CA ARG B 544 -15.36 -13.26 8.66
C ARG B 544 -15.13 -12.67 7.29
N VAL B 545 -16.21 -12.44 6.53
CA VAL B 545 -16.12 -11.81 5.23
C VAL B 545 -15.87 -10.32 5.46
N GLU B 546 -14.92 -9.77 4.71
CA GLU B 546 -14.53 -8.41 4.93
C GLU B 546 -14.54 -7.56 3.67
N ASP B 547 -14.76 -8.16 2.52
CA ASP B 547 -14.76 -7.35 1.25
C ASP B 547 -16.14 -7.37 0.57
N GLN B 548 -17.16 -7.60 1.38
CA GLN B 548 -18.56 -7.43 0.99
C GLN B 548 -19.25 -6.72 2.16
N LEU B 549 -20.33 -6.00 1.85
CA LEU B 549 -21.12 -5.29 2.88
C LEU B 549 -22.61 -5.48 2.57
N MET B 550 -23.43 -5.62 3.63
CA MET B 550 -24.87 -5.51 3.53
C MET B 550 -25.25 -3.99 3.54
N LEU B 551 -26.25 -3.62 2.76
CA LEU B 551 -26.79 -2.26 2.73
C LEU B 551 -28.29 -2.33 3.00
N GLY B 552 -28.75 -1.62 4.02
CA GLY B 552 -30.17 -1.68 4.38
C GLY B 552 -30.53 -3.10 4.78
N ASN B 553 -31.68 -3.57 4.32
CA ASN B 553 -32.13 -4.93 4.66
C ASN B 553 -32.44 -5.64 3.36
N GLU B 554 -32.02 -5.06 2.25
CA GLU B 554 -32.41 -5.61 0.96
C GLU B 554 -31.24 -6.15 0.13
N ILE B 555 -30.07 -5.47 0.19
CA ILE B 555 -28.96 -5.77 -0.73
C ILE B 555 -27.62 -6.06 -0.07
N MET B 556 -26.71 -6.62 -0.87
CA MET B 556 -25.32 -6.81 -0.48
C MET B 556 -24.49 -6.29 -1.65
N ILE B 557 -23.36 -5.67 -1.36
CA ILE B 557 -22.46 -5.13 -2.38
C ILE B 557 -21.12 -5.87 -2.30
N ALA B 558 -20.39 -5.88 -3.42
CA ALA B 558 -19.17 -6.67 -3.53
C ALA B 558 -18.36 -6.11 -4.69
N PRO B 559 -17.67 -4.98 -4.45
CA PRO B 559 -16.95 -4.33 -5.53
C PRO B 559 -15.68 -5.10 -5.93
N VAL B 560 -15.35 -5.01 -7.22
CA VAL B 560 -14.09 -5.52 -7.74
C VAL B 560 -13.03 -4.48 -7.37
N TYR B 561 -11.92 -4.92 -6.79
CA TYR B 561 -10.84 -4.01 -6.39
C TYR B 561 -9.44 -4.49 -6.81
N GLU B 562 -9.39 -5.34 -7.84
CA GLU B 562 -8.10 -5.83 -8.36
C GLU B 562 -7.94 -5.36 -9.79
N GLN B 563 -6.77 -4.82 -10.10
CA GLN B 563 -6.52 -4.36 -11.46
C GLN B 563 -6.53 -5.56 -12.41
N ASN B 564 -7.05 -5.32 -13.61
CA ASN B 564 -7.21 -6.36 -14.64
C ASN B 564 -8.23 -7.49 -14.33
N ALA B 565 -8.92 -7.43 -13.20
CA ALA B 565 -9.89 -8.51 -12.87
C ALA B 565 -11.15 -8.35 -13.73
N ARG B 566 -11.68 -9.47 -14.17
CA ARG B 566 -12.94 -9.47 -14.91
C ARG B 566 -14.10 -10.00 -14.03
N GLY B 567 -13.86 -10.05 -12.73
CA GLY B 567 -14.80 -10.69 -11.79
C GLY B 567 -14.12 -10.85 -10.44
N ARG B 568 -14.81 -11.52 -9.50
CA ARG B 568 -14.27 -11.73 -8.15
C ARG B 568 -15.01 -12.86 -7.48
N TYR B 569 -14.44 -13.38 -6.40
CA TYR B 569 -15.13 -14.39 -5.59
C TYR B 569 -16.04 -13.69 -4.60
N VAL B 570 -17.18 -14.32 -4.34
CA VAL B 570 -18.11 -13.86 -3.32
C VAL B 570 -18.62 -15.04 -2.53
N TYR B 571 -19.09 -14.76 -1.33
CA TYR B 571 -19.77 -15.71 -0.51
C TYR B 571 -21.18 -15.18 -0.23
N LEU B 572 -22.19 -15.97 -0.60
CA LEU B 572 -23.59 -15.63 -0.35
C LEU B 572 -24.10 -16.47 0.83
N PRO B 573 -24.41 -15.84 1.98
CA PRO B 573 -24.94 -16.57 3.15
C PRO B 573 -26.41 -16.98 2.97
N GLU B 574 -27.05 -16.56 1.89
CA GLU B 574 -28.39 -17.06 1.54
C GLU B 574 -28.56 -16.90 0.03
N GLU B 575 -29.62 -17.49 -0.52
CA GLU B 575 -29.97 -17.25 -1.91
C GLU B 575 -30.12 -15.74 -2.20
N MET B 576 -29.57 -15.29 -3.32
CA MET B 576 -29.73 -13.91 -3.74
C MET B 576 -29.83 -13.84 -5.26
N LYS B 577 -30.31 -12.71 -5.77
CA LYS B 577 -30.27 -12.46 -7.19
C LYS B 577 -29.10 -11.55 -7.50
N PHE B 578 -28.13 -12.08 -8.24
CA PHE B 578 -26.98 -11.30 -8.72
C PHE B 578 -27.44 -10.37 -9.82
N ILE B 579 -27.26 -9.08 -9.62
CA ILE B 579 -27.83 -8.05 -10.44
C ILE B 579 -26.66 -7.23 -10.99
N LYS B 580 -26.69 -6.89 -12.28
CA LYS B 580 -25.72 -5.91 -12.80
C LYS B 580 -26.40 -4.85 -13.64
N PHE B 581 -26.04 -3.58 -13.40
CA PHE B 581 -26.35 -2.51 -14.33
C PHE B 581 -25.40 -2.61 -15.50
N MET B 582 -25.95 -2.85 -16.68
CA MET B 582 -25.20 -3.11 -17.91
C MET B 582 -25.00 -1.80 -18.67
N PRO B 583 -23.96 -1.73 -19.53
CA PRO B 583 -23.73 -0.41 -20.17
C PRO B 583 -24.74 -0.02 -21.24
N ASP B 584 -25.55 -0.95 -21.74
CA ASP B 584 -26.61 -0.58 -22.68
C ASP B 584 -27.86 -0.08 -21.96
N GLY B 585 -27.80 0.05 -20.65
CA GLY B 585 -28.96 0.51 -19.89
C GLY B 585 -29.82 -0.57 -19.27
N SER B 586 -29.55 -1.85 -19.59
CA SER B 586 -30.36 -2.97 -19.12
C SER B 586 -29.87 -3.46 -17.75
N ILE B 587 -30.67 -4.30 -17.11
CA ILE B 587 -30.29 -4.88 -15.82
C ILE B 587 -30.30 -6.40 -15.92
N SER B 588 -29.15 -7.04 -15.78
CA SER B 588 -29.10 -8.50 -15.83
C SER B 588 -29.45 -9.06 -14.45
N GLU B 589 -30.01 -10.26 -14.43
CA GLU B 589 -30.39 -10.90 -13.18
C GLU B 589 -30.10 -12.38 -13.25
N GLU B 590 -29.55 -12.93 -12.18
CA GLU B 590 -29.32 -14.36 -12.09
C GLU B 590 -29.48 -14.82 -10.65
N VAL B 591 -30.25 -15.86 -10.45
CA VAL B 591 -30.37 -16.40 -9.10
C VAL B 591 -29.15 -17.24 -8.73
N LEU B 592 -28.49 -16.88 -7.65
CA LEU B 592 -27.41 -17.70 -7.11
C LEU B 592 -27.75 -18.24 -5.72
N GLU B 593 -27.48 -19.52 -5.48
CA GLU B 593 -27.75 -20.15 -4.20
C GLU B 593 -26.75 -19.80 -3.10
N LYS B 594 -27.09 -20.16 -1.87
CA LYS B 594 -26.17 -20.00 -0.75
C LYS B 594 -24.80 -20.63 -1.06
N GLY B 595 -23.70 -19.98 -0.68
CA GLY B 595 -22.37 -20.56 -0.85
C GLY B 595 -21.40 -19.71 -1.66
N VAL B 596 -20.27 -20.30 -2.03
CA VAL B 596 -19.16 -19.63 -2.72
C VAL B 596 -19.43 -19.57 -4.22
N HIS B 597 -19.19 -18.41 -4.82
CA HIS B 597 -19.34 -18.22 -6.24
C HIS B 597 -18.22 -17.36 -6.80
N TYR B 598 -17.90 -17.55 -8.06
CA TYR B 598 -17.16 -16.55 -8.79
C TYR B 598 -18.14 -15.85 -9.71
N VAL B 599 -18.14 -14.52 -9.70
CA VAL B 599 -19.07 -13.75 -10.53
C VAL B 599 -18.30 -12.88 -11.53
N ASP B 600 -18.79 -12.79 -12.76
CA ASP B 600 -18.15 -11.95 -13.77
C ASP B 600 -18.65 -10.52 -13.63
N VAL B 601 -17.72 -9.57 -13.55
CA VAL B 601 -18.09 -8.14 -13.51
C VAL B 601 -17.11 -7.33 -14.38
N ALA B 602 -17.59 -6.86 -15.53
CA ALA B 602 -16.74 -6.07 -16.43
C ALA B 602 -16.61 -4.65 -15.90
N LEU B 603 -15.61 -3.94 -16.41
CA LEU B 603 -15.25 -2.59 -16.00
C LEU B 603 -16.38 -1.59 -16.08
N ASN B 604 -17.30 -1.82 -17.00
CA ASN B 604 -18.41 -0.89 -17.19
C ASN B 604 -19.77 -1.43 -16.69
N GLU B 605 -19.71 -2.38 -15.75
CA GLU B 605 -20.89 -3.04 -15.16
C GLU B 605 -20.88 -2.84 -13.64
N VAL B 606 -22.04 -2.57 -13.05
CA VAL B 606 -22.13 -2.28 -11.62
C VAL B 606 -22.94 -3.38 -10.93
N PRO B 607 -22.31 -4.15 -10.02
CA PRO B 607 -22.98 -5.33 -9.45
C PRO B 607 -23.57 -5.11 -8.05
N LEU B 608 -24.59 -5.89 -7.72
CA LEU B 608 -25.14 -5.97 -6.38
C LEU B 608 -25.92 -7.25 -6.31
N PHE B 609 -26.34 -7.59 -5.11
CA PHE B 609 -27.13 -8.78 -4.90
C PHE B 609 -28.37 -8.41 -4.09
N ILE B 610 -29.54 -8.82 -4.58
CA ILE B 610 -30.80 -8.69 -3.84
C ILE B 610 -31.08 -9.96 -3.06
N ARG B 611 -31.31 -9.77 -1.77
CA ARG B 611 -31.51 -10.88 -0.87
C ARG B 611 -32.83 -11.59 -1.14
N SER B 612 -32.85 -12.90 -0.89
CA SER B 612 -34.08 -13.70 -0.91
C SER B 612 -35.21 -12.97 -0.22
N GLY B 613 -36.39 -12.99 -0.85
CA GLY B 613 -37.60 -12.42 -0.24
C GLY B 613 -37.58 -10.90 -0.15
N LYS B 614 -36.69 -10.25 -0.89
CA LYS B 614 -36.62 -8.78 -0.90
C LYS B 614 -36.69 -8.25 -2.32
N CYS B 615 -36.95 -6.95 -2.42
CA CYS B 615 -36.86 -6.25 -3.70
C CYS B 615 -36.47 -4.80 -3.49
N ILE B 616 -36.01 -4.13 -4.55
CA ILE B 616 -35.68 -2.70 -4.52
C ILE B 616 -36.28 -1.96 -5.71
N PRO B 617 -36.60 -0.65 -5.54
CA PRO B 617 -37.01 0.11 -6.71
C PRO B 617 -35.81 0.70 -7.46
N VAL B 618 -35.93 0.76 -8.78
CA VAL B 618 -34.89 1.30 -9.61
C VAL B 618 -35.57 2.25 -10.56
N ALA B 619 -35.17 3.51 -10.52
CA ALA B 619 -35.68 4.52 -11.43
C ALA B 619 -34.99 4.43 -12.77
N GLU B 620 -35.59 5.07 -13.78
CA GLU B 620 -34.90 5.34 -15.04
C GLU B 620 -33.78 6.34 -14.78
N ALA B 621 -32.75 6.31 -15.61
CA ALA B 621 -31.58 7.17 -15.40
C ALA B 621 -31.95 8.62 -15.64
N ALA B 622 -31.52 9.51 -14.74
CA ALA B 622 -31.67 10.94 -14.94
C ALA B 622 -30.32 11.62 -14.69
N GLU B 623 -30.18 12.87 -15.15
CA GLU B 623 -28.91 13.59 -15.12
C GLU B 623 -28.69 14.49 -13.87
N CYS B 624 -29.72 14.62 -13.05
CA CYS B 624 -29.61 15.33 -11.78
C CYS B 624 -30.70 14.77 -10.87
N VAL B 625 -30.51 14.93 -9.57
CA VAL B 625 -31.45 14.44 -8.56
C VAL B 625 -32.90 14.93 -8.74
N LYS B 626 -33.05 16.23 -9.00
CA LYS B 626 -34.36 16.87 -9.23
C LYS B 626 -35.18 16.21 -10.36
N ASP B 627 -34.51 15.77 -11.42
CA ASP B 627 -35.20 15.13 -12.54
C ASP B 627 -35.53 13.64 -12.38
N ILE B 628 -35.10 13.00 -11.29
CA ILE B 628 -35.39 11.56 -11.12
C ILE B 628 -36.90 11.30 -11.01
N ASP B 629 -37.42 10.42 -11.85
CA ASP B 629 -38.86 10.10 -11.86
C ASP B 629 -39.11 8.92 -10.91
N THR B 630 -39.70 9.21 -9.76
CA THR B 630 -39.95 8.20 -8.76
C THR B 630 -41.40 7.72 -8.77
N GLU B 631 -42.16 8.12 -9.78
CA GLU B 631 -43.55 7.68 -9.91
C GLU B 631 -43.54 6.28 -10.48
N ASN B 632 -42.73 6.10 -11.52
CA ASN B 632 -42.72 4.88 -12.32
C ASN B 632 -41.37 4.19 -12.25
N MET B 633 -41.12 3.58 -11.09
CA MET B 633 -39.90 2.84 -10.87
C MET B 633 -40.17 1.36 -11.02
N GLN B 634 -39.26 0.66 -11.69
CA GLN B 634 -39.41 -0.76 -11.75
C GLN B 634 -38.88 -1.34 -10.46
N LEU B 635 -39.44 -2.49 -10.09
CA LEU B 635 -39.05 -3.22 -8.88
C LEU B 635 -38.28 -4.48 -9.29
N ILE B 636 -37.10 -4.64 -8.70
CA ILE B 636 -36.19 -5.72 -9.04
C ILE B 636 -36.02 -6.58 -7.80
N GLY B 637 -36.08 -7.89 -7.98
CA GLY B 637 -35.87 -8.79 -6.88
C GLY B 637 -36.88 -9.91 -6.91
N TYR B 638 -37.34 -10.31 -5.74
CA TYR B 638 -38.20 -11.48 -5.60
C TYR B 638 -39.69 -11.17 -5.75
N GLU B 639 -40.37 -12.04 -6.48
CA GLU B 639 -41.81 -11.96 -6.68
C GLU B 639 -42.54 -12.08 -5.32
N GLY B 640 -43.61 -11.31 -5.16
CA GLY B 640 -44.41 -11.33 -3.93
C GLY B 640 -43.79 -10.58 -2.76
N SER B 641 -42.65 -9.93 -2.98
CA SER B 641 -42.03 -9.19 -1.89
C SER B 641 -42.38 -7.71 -2.00
N SER B 642 -42.17 -7.00 -0.90
CA SER B 642 -42.56 -5.60 -0.86
C SER B 642 -41.40 -4.74 -0.30
N TYR B 643 -41.38 -3.46 -0.65
CA TYR B 643 -40.39 -2.53 -0.15
C TYR B 643 -41.04 -1.23 0.33
N THR B 644 -40.61 -0.74 1.49
CA THR B 644 -41.12 0.52 2.05
C THR B 644 -40.21 1.69 1.67
N LEU B 645 -40.68 2.48 0.72
CA LEU B 645 -39.91 3.59 0.22
C LEU B 645 -40.13 4.81 1.09
N TYR B 646 -39.04 5.33 1.68
CA TYR B 646 -39.05 6.63 2.33
C TYR B 646 -38.71 7.72 1.32
N GLU B 647 -39.54 8.75 1.27
CA GLU B 647 -39.36 9.85 0.33
C GLU B 647 -39.94 11.13 0.94
N ASP B 648 -39.19 12.21 0.88
CA ASP B 648 -39.65 13.52 1.34
C ASP B 648 -39.21 14.55 0.29
N ASP B 649 -39.32 15.84 0.60
CA ASP B 649 -38.91 16.86 -0.38
C ASP B 649 -37.38 17.01 -0.48
N GLY B 650 -36.63 16.31 0.39
CA GLY B 650 -35.16 16.32 0.38
C GLY B 650 -34.50 17.66 0.73
N ILE B 651 -35.31 18.63 1.13
CA ILE B 651 -34.85 20.01 1.40
C ILE B 651 -35.04 20.35 2.89
N HIS B 652 -36.19 20.02 3.47
CA HIS B 652 -36.53 20.51 4.81
C HIS B 652 -36.39 19.42 5.88
N LYS B 653 -36.87 19.69 7.09
CA LYS B 653 -36.68 18.75 8.21
C LYS B 653 -37.97 18.13 8.74
N ASP B 654 -38.92 17.94 7.84
CA ASP B 654 -40.19 17.34 8.19
C ASP B 654 -40.15 15.80 8.06
N TYR B 655 -39.49 15.15 9.00
CA TYR B 655 -39.23 13.71 8.86
C TYR B 655 -40.32 12.74 9.32
N ASP B 656 -41.13 13.17 10.29
CA ASP B 656 -41.99 12.19 11.00
C ASP B 656 -43.20 11.64 10.22
N LYS B 657 -43.56 12.29 9.13
CA LYS B 657 -44.89 12.08 8.50
C LYS B 657 -45.16 10.75 7.80
N LYS B 658 -46.38 10.24 8.01
CA LYS B 658 -46.85 9.02 7.33
C LYS B 658 -46.79 9.16 5.80
N GLU B 659 -46.93 10.38 5.29
CA GLU B 659 -46.86 10.62 3.86
C GLU B 659 -45.44 10.37 3.30
N ASN B 660 -44.44 10.34 4.17
CA ASN B 660 -43.06 10.06 3.76
C ASN B 660 -42.84 8.57 3.36
N TYR B 661 -43.77 7.69 3.71
CA TYR B 661 -43.61 6.26 3.45
C TYR B 661 -44.66 5.75 2.49
N ARG B 662 -44.22 4.93 1.53
CA ARG B 662 -45.16 4.11 0.77
C ARG B 662 -44.62 2.73 0.48
N VAL B 663 -45.52 1.76 0.61
CA VAL B 663 -45.22 0.37 0.35
C VAL B 663 -45.34 0.09 -1.15
N LEU B 664 -44.25 -0.36 -1.77
CA LEU B 664 -44.25 -0.87 -3.13
C LEU B 664 -44.23 -2.40 -3.07
N THR B 665 -44.95 -3.05 -3.98
CA THR B 665 -45.13 -4.50 -3.95
C THR B 665 -44.81 -5.05 -5.33
N LYS B 666 -43.88 -5.99 -5.38
CA LYS B 666 -43.53 -6.62 -6.64
C LYS B 666 -44.55 -7.71 -6.90
#